data_5UWT
#
_entry.id   5UWT
#
_cell.length_a   106.712
_cell.length_b   106.712
_cell.length_c   304.790
_cell.angle_alpha   90.00
_cell.angle_beta   90.00
_cell.angle_gamma   90.00
#
_symmetry.space_group_name_H-M   'P 43 21 2'
#
loop_
_entity.id
_entity.type
_entity.pdbx_description
1 polymer 'GTP-binding nuclear protein Ran'
2 polymer 'Ran-specific GTPase-activating protein 1'
3 polymer Exportin-1
4 polymer Hexokinase-2
5 non-polymer 'PHOSPHOAMINOPHOSPHONIC ACID-GUANYLATE ESTER'
6 non-polymer 'MAGNESIUM ION'
7 non-polymer GLYCEROL
8 water water
#
loop_
_entity_poly.entity_id
_entity_poly.type
_entity_poly.pdbx_seq_one_letter_code
_entity_poly.pdbx_strand_id
1 'polypeptide(L)'
;METGSSHHHHHHSSGLPRGSHMAAQGEPQVQFKLVLVGDGGTGKTTFVKRHLTGEFEKKYVATLGVEVHPLVFHTNRGPI
KFNVWDTAGQEKFGGLRDGYYIQAQCAIIMFDVTSRVTYKNVPNWHRDLVRVCENIPIVLCGNKVDIKDRKVKAKSIVFH
RKKNLQYYDISAKSNYNFEKPFLWLARKLIGDPNLEFVAMPALAPPEVVMDPALAAQYEHDLEVAQTTALPDEDDDL
;
A
2 'polypeptide(L)'
;GGSDIHFEPVVHLEKVDVKTMEEDEEVLYKVRAKLFRFDADAKEWKERGTGDCKFLKNKKTNKVRILMRRDKTLKICANH
IIAPEYTLKPNVGSDRSWVYACTADIAEGEAEAFTFAIRFGSKENADKFKEEFEKAQEINKKA
;
B
3 'polypeptide(L)'
;GGSMEGILDFSNDLDIALLDQVVSTFYQGSGVQQKQAQEILTKFQDNPDAWQKADQILQFSTNPQSKFIALSILDKLITR
KWKLLPNDHRIGIRNFVVGMIISMCQDDEVFKTQKNLINKSDLTLVQILKQEWPQNWPEFIPELIGSSSSSVNVCENNMI
VLKLLSEEVFDFSAEQMTQAKALHLKNSMSKEFEQIFKLCFQVLEQGSSSSLIVATLESLLRYLHWIPYRYIYETNILEL
LSTKFMTSPDTRAITLKCLTEVSNLKIPQDNDLIKRQTVLFFQNTLQQIATSVMPVTADLKATYANANGNDQSFLQDLAM
FLTTYLARNRALLESDESLRELLLNAHQYLIQLSKIEERELFKTTLDYWHNLVADLFYEPLKKHIYEEICSQLRLVIIEN
MVRPEEDLVVENDEGEIVREFVKESDTIQLYKSEREVLVYLTHLNVIDTEEIMISKLARQIDGSEWSWHNINTLSWAIGS
ISGTMSEDTEKRFVVTVIKDLLGLCEQKRGKDNKAVVASDIMYVVGQYPRFLKAHWNFLRTVILALFEFMHETHEGVQDM
ACDTFIKIVQKCKYHFVIQQPRESEPFIQTIIRDIQKTTADLQPQQVHTFYKACGIIISEERSVAERNRLLSDLMQLPNM
AWDTIVEQSTANPTLLLDSETVKIIANIIKTNVAVCTSMGADFYPQLGHIYYNMLQLYRAVSSMISAQVAAEGLIATKTP
KVRGLRTIKKEILKLVETYISKARNLDDVVKVLVEPLLNAVLEDYMNNVPDARDAEVLNCMTTVVEKVGHMIPQGVILIL
QSVFECTLDMINKDFTEYPEHRVEFYKLLKVINEKSFAAFLELPPAAFKLFVDAICWAFKHNNRDVEVNGLQIALDLVKN
IERMGNVPFANEFHKNYFFIFVSETFFVLTDSDHKSGFSKQALLLMKLISLVYDNKISVPLYQEAEVPQGTSNQVYLSQY
LANMLSNAFPHLTSEQIASFLSALTKQCKDLVVFKGTLRDFLVQIKEVGGDPTDYLFAEDKENA
;
C
4 'polypeptide(L)' GGSYDVPKELMQQIENFEKIFTV D
#
# COMPACT_ATOMS: atom_id res chain seq x y z
N VAL A 30 -3.09 30.18 13.56
CA VAL A 30 -3.77 28.89 13.60
C VAL A 30 -2.87 27.82 13.00
N GLN A 31 -1.81 27.44 13.71
CA GLN A 31 -0.84 26.47 13.23
C GLN A 31 -0.76 25.28 14.19
N PHE A 32 -0.79 24.08 13.63
CA PHE A 32 -0.73 22.85 14.40
C PHE A 32 0.52 22.06 14.01
N LYS A 33 1.21 21.52 15.00
CA LYS A 33 2.39 20.70 14.75
C LYS A 33 1.96 19.29 14.36
N LEU A 34 2.47 18.81 13.23
CA LEU A 34 2.16 17.48 12.73
C LEU A 34 3.46 16.70 12.59
N VAL A 35 3.52 15.54 13.23
CA VAL A 35 4.67 14.65 13.13
C VAL A 35 4.32 13.51 12.18
N LEU A 36 5.26 13.19 11.29
CA LEU A 36 5.08 12.19 10.25
C LEU A 36 6.13 11.11 10.46
N VAL A 37 5.69 9.89 10.75
CA VAL A 37 6.60 8.81 11.12
C VAL A 37 6.26 7.56 10.32
N GLY A 38 7.25 6.68 10.22
CA GLY A 38 7.10 5.45 9.47
C GLY A 38 8.44 4.95 9.00
N ASP A 39 8.45 3.70 8.54
CA ASP A 39 9.68 3.06 8.11
C ASP A 39 10.31 3.84 6.95
N GLY A 40 11.63 3.64 6.79
CA GLY A 40 12.33 4.27 5.70
C GLY A 40 11.85 3.77 4.35
N GLY A 41 11.69 4.70 3.42
CA GLY A 41 11.28 4.36 2.07
C GLY A 41 9.79 4.26 1.84
N THR A 42 8.97 4.58 2.85
CA THR A 42 7.53 4.43 2.74
C THR A 42 6.87 5.57 1.98
N GLY A 43 7.56 6.68 1.76
CA GLY A 43 7.05 7.80 1.00
C GLY A 43 6.67 9.03 1.80
N LYS A 44 7.11 9.15 3.04
CA LYS A 44 6.73 10.29 3.87
C LYS A 44 7.16 11.60 3.22
N THR A 45 8.44 11.72 2.87
CA THR A 45 8.94 12.96 2.29
C THR A 45 8.32 13.21 0.92
N THR A 46 8.18 12.17 0.10
CA THR A 46 7.53 12.33 -1.19
C THR A 46 6.10 12.83 -1.03
N PHE A 47 5.39 12.31 -0.02
CA PHE A 47 4.03 12.75 0.24
C PHE A 47 3.97 14.23 0.58
N VAL A 48 4.86 14.69 1.46
CA VAL A 48 4.87 16.10 1.84
C VAL A 48 5.24 16.96 0.63
N LYS A 49 6.29 16.56 -0.10
CA LYS A 49 6.71 17.32 -1.27
C LYS A 49 5.56 17.54 -2.24
N ARG A 50 4.76 16.50 -2.47
CA ARG A 50 3.61 16.65 -3.37
C ARG A 50 2.69 17.75 -2.89
N HIS A 51 2.45 17.85 -1.58
CA HIS A 51 1.58 18.87 -1.03
C HIS A 51 2.24 20.25 -1.03
N LEU A 52 3.57 20.31 -0.97
CA LEU A 52 4.25 21.60 -0.90
C LEU A 52 4.41 22.23 -2.28
N THR A 53 4.77 21.44 -3.29
CA THR A 53 5.10 21.97 -4.61
C THR A 53 4.30 21.33 -5.74
N GLY A 54 3.59 20.23 -5.51
CA GLY A 54 2.92 19.50 -6.56
C GLY A 54 3.79 18.51 -7.30
N GLU A 55 5.10 18.49 -7.04
CA GLU A 55 6.01 17.60 -7.75
C GLU A 55 5.97 16.20 -7.17
N PHE A 56 6.42 15.24 -7.98
CA PHE A 56 6.63 13.86 -7.54
C PHE A 56 8.11 13.55 -7.67
N GLU A 57 8.77 13.32 -6.54
CA GLU A 57 10.19 13.00 -6.51
C GLU A 57 10.37 11.50 -6.67
N LYS A 58 11.10 11.10 -7.70
CA LYS A 58 11.35 9.68 -7.96
C LYS A 58 12.52 9.15 -7.14
N LYS A 59 13.47 10.01 -6.79
CA LYS A 59 14.68 9.57 -6.10
C LYS A 59 14.41 9.40 -4.61
N TYR A 60 15.00 8.35 -4.03
CA TYR A 60 14.94 8.12 -2.59
C TYR A 60 16.18 8.74 -1.96
N VAL A 61 16.02 9.94 -1.40
CA VAL A 61 17.06 10.60 -0.61
C VAL A 61 16.60 10.55 0.84
N ALA A 62 17.21 9.68 1.63
CA ALA A 62 16.77 9.45 3.00
C ALA A 62 16.84 10.74 3.82
N THR A 63 15.73 11.07 4.48
CA THR A 63 15.72 12.18 5.41
C THR A 63 16.73 11.96 6.53
N LEU A 64 17.42 13.03 6.94
CA LEU A 64 18.41 12.97 8.00
C LEU A 64 17.82 13.69 9.22
N GLY A 65 17.42 12.91 10.22
CA GLY A 65 16.81 13.49 11.41
C GLY A 65 15.38 13.90 11.18
N VAL A 66 15.16 15.16 10.82
CA VAL A 66 13.83 15.69 10.56
C VAL A 66 13.93 16.82 9.56
N GLU A 67 12.81 17.09 8.88
CA GLU A 67 12.70 18.21 7.96
C GLU A 67 11.36 18.87 8.20
N VAL A 68 11.38 20.16 8.52
CA VAL A 68 10.18 20.89 8.91
C VAL A 68 9.73 21.74 7.73
N HIS A 69 8.43 21.66 7.42
CA HIS A 69 7.87 22.43 6.32
C HIS A 69 6.48 22.96 6.68
N PRO A 70 6.27 24.28 6.65
CA PRO A 70 4.90 24.78 6.82
C PRO A 70 4.03 24.40 5.64
N LEU A 71 2.79 24.00 5.95
CA LEU A 71 1.82 23.61 4.94
C LEU A 71 0.48 24.23 5.31
N VAL A 72 -0.06 25.05 4.41
CA VAL A 72 -1.30 25.78 4.64
C VAL A 72 -2.37 25.25 3.70
N PHE A 73 -3.57 25.05 4.25
CA PHE A 73 -4.74 24.71 3.46
C PHE A 73 -5.80 25.79 3.67
N HIS A 74 -6.57 26.04 2.62
CA HIS A 74 -7.65 27.02 2.65
C HIS A 74 -8.98 26.28 2.84
N THR A 75 -9.71 26.64 3.88
CA THR A 75 -10.95 25.96 4.24
C THR A 75 -12.07 26.98 4.40
N ASN A 76 -13.30 26.48 4.48
CA ASN A 76 -14.45 27.32 4.74
C ASN A 76 -14.46 27.88 6.16
N ARG A 77 -13.51 27.48 7.01
CA ARG A 77 -13.36 28.03 8.34
C ARG A 77 -12.11 28.90 8.46
N GLY A 78 -11.59 29.38 7.34
CA GLY A 78 -10.34 30.11 7.32
C GLY A 78 -9.17 29.18 7.03
N PRO A 79 -7.98 29.74 6.88
CA PRO A 79 -6.82 28.92 6.58
C PRO A 79 -6.29 28.20 7.82
N ILE A 80 -5.84 26.97 7.61
CA ILE A 80 -5.22 26.17 8.66
C ILE A 80 -3.78 25.88 8.24
N LYS A 81 -2.87 25.96 9.20
CA LYS A 81 -1.44 25.78 8.94
C LYS A 81 -0.95 24.54 9.67
N PHE A 82 -0.28 23.66 8.94
CA PHE A 82 0.38 22.50 9.51
C PHE A 82 1.88 22.75 9.50
N ASN A 83 2.51 22.65 10.68
CA ASN A 83 3.97 22.64 10.79
C ASN A 83 4.39 21.18 10.76
N VAL A 84 4.68 20.67 9.56
CA VAL A 84 4.90 19.25 9.37
C VAL A 84 6.34 18.91 9.75
N TRP A 85 6.50 18.00 10.70
CA TRP A 85 7.80 17.48 11.10
C TRP A 85 7.97 16.12 10.40
N ASP A 86 8.64 16.15 9.25
CA ASP A 86 8.88 14.95 8.44
C ASP A 86 10.14 14.26 8.99
N THR A 87 9.95 13.17 9.72
CA THR A 87 11.04 12.51 10.41
C THR A 87 11.65 11.39 9.55
N ALA A 88 12.81 10.92 9.98
CA ALA A 88 13.54 9.87 9.30
C ALA A 88 13.11 8.51 9.80
N GLY A 89 12.88 7.58 8.86
CA GLY A 89 12.49 6.23 9.21
C GLY A 89 13.66 5.28 9.37
N GLN A 90 14.76 5.54 8.67
CA GLN A 90 15.94 4.70 8.81
C GLN A 90 16.57 4.92 10.17
N GLU A 91 16.92 3.82 10.85
CA GLU A 91 17.46 3.92 12.20
C GLU A 91 18.76 4.71 12.23
N LYS A 92 19.66 4.46 11.26
CA LYS A 92 20.94 5.15 11.25
C LYS A 92 20.81 6.64 10.97
N PHE A 93 19.63 7.13 10.61
CA PHE A 93 19.38 8.54 10.40
C PHE A 93 18.32 9.08 11.35
N GLY A 94 18.03 8.35 12.44
CA GLY A 94 16.90 8.69 13.28
C GLY A 94 17.01 10.05 13.95
N GLY A 95 18.24 10.47 14.27
CA GLY A 95 18.40 11.75 14.94
C GLY A 95 17.87 11.70 16.35
N LEU A 96 17.04 12.69 16.71
CA LEU A 96 16.50 12.78 18.05
C LEU A 96 15.35 11.81 18.31
N ARG A 97 14.83 11.16 17.28
CA ARG A 97 13.85 10.08 17.43
C ARG A 97 12.61 10.63 18.13
N ASP A 98 12.17 10.05 19.25
CA ASP A 98 10.93 10.50 19.88
C ASP A 98 11.02 11.93 20.40
N GLY A 99 12.21 12.53 20.46
CA GLY A 99 12.31 13.94 20.78
C GLY A 99 11.61 14.83 19.79
N TYR A 100 11.41 14.35 18.55
CA TYR A 100 10.67 15.12 17.55
C TYR A 100 9.18 15.17 17.85
N TYR A 101 8.67 14.30 18.71
CA TYR A 101 7.24 14.19 18.93
C TYR A 101 6.74 15.14 20.02
N ILE A 102 7.63 15.76 20.78
CA ILE A 102 7.23 16.61 21.88
C ILE A 102 6.27 17.68 21.40
N GLN A 103 5.12 17.78 22.07
CA GLN A 103 4.15 18.85 21.82
C GLN A 103 3.60 18.81 20.41
N ALA A 104 3.56 17.63 19.79
CA ALA A 104 2.83 17.47 18.54
C ALA A 104 1.33 17.40 18.83
N GLN A 105 0.55 17.95 17.93
CA GLN A 105 -0.90 18.02 18.08
C GLN A 105 -1.63 17.08 17.14
N CYS A 106 -0.91 16.39 16.26
CA CYS A 106 -1.51 15.44 15.33
C CYS A 106 -0.34 14.71 14.67
N ALA A 107 -0.66 13.60 14.01
CA ALA A 107 0.40 12.77 13.45
C ALA A 107 -0.15 11.92 12.31
N ILE A 108 0.76 11.50 11.45
CA ILE A 108 0.49 10.52 10.39
C ILE A 108 1.51 9.40 10.54
N ILE A 109 1.02 8.16 10.57
CA ILE A 109 1.88 6.98 10.51
C ILE A 109 1.77 6.41 9.10
N MET A 110 2.91 6.21 8.46
N MET A 110 2.89 6.22 8.44
CA MET A 110 2.99 5.79 7.07
CA MET A 110 2.91 5.80 7.04
C MET A 110 3.60 4.40 6.99
C MET A 110 3.63 4.47 6.90
N PHE A 111 3.04 3.56 6.12
CA PHE A 111 3.66 2.30 5.75
C PHE A 111 3.46 2.10 4.26
N ASP A 112 4.04 1.02 3.74
CA ASP A 112 4.10 0.76 2.31
C ASP A 112 3.36 -0.55 2.03
N VAL A 113 2.26 -0.48 1.29
CA VAL A 113 1.45 -1.66 1.05
C VAL A 113 2.15 -2.69 0.18
N THR A 114 3.33 -2.37 -0.35
CA THR A 114 4.14 -3.33 -1.09
C THR A 114 5.26 -3.93 -0.24
N SER A 115 5.28 -3.63 1.06
CA SER A 115 6.34 -4.08 1.96
C SER A 115 5.71 -4.46 3.30
N ARG A 116 5.59 -5.77 3.56
CA ARG A 116 4.96 -6.24 4.78
C ARG A 116 5.70 -5.75 6.02
N VAL A 117 7.03 -5.70 5.96
CA VAL A 117 7.81 -5.31 7.14
C VAL A 117 7.39 -3.92 7.62
N THR A 118 7.06 -3.02 6.68
CA THR A 118 6.69 -1.67 7.09
C THR A 118 5.38 -1.65 7.85
N TYR A 119 4.48 -2.59 7.57
CA TYR A 119 3.25 -2.69 8.34
C TYR A 119 3.48 -3.40 9.67
N LYS A 120 4.38 -4.40 9.70
CA LYS A 120 4.73 -5.06 10.95
C LYS A 120 5.32 -4.07 11.95
N ASN A 121 5.96 -3.01 11.47
CA ASN A 121 6.57 -2.01 12.34
C ASN A 121 5.64 -0.88 12.73
N VAL A 122 4.44 -0.80 12.14
CA VAL A 122 3.48 0.23 12.52
C VAL A 122 3.23 0.23 14.03
N PRO A 123 3.00 -0.91 14.69
CA PRO A 123 2.79 -0.87 16.15
C PRO A 123 3.98 -0.30 16.92
N ASN A 124 5.19 -0.43 16.37
CA ASN A 124 6.36 0.13 17.05
C ASN A 124 6.37 1.65 16.93
N TRP A 125 6.13 2.18 15.72
CA TRP A 125 6.04 3.63 15.57
C TRP A 125 4.91 4.20 16.42
N HIS A 126 3.76 3.51 16.46
CA HIS A 126 2.64 3.99 17.24
C HIS A 126 2.98 4.00 18.73
N ARG A 127 3.61 2.93 19.22
CA ARG A 127 4.04 2.88 20.61
C ARG A 127 4.89 4.08 20.97
N ASP A 128 5.97 4.31 20.22
CA ASP A 128 6.86 5.43 20.52
C ASP A 128 6.15 6.76 20.41
N LEU A 129 5.09 6.83 19.60
CA LEU A 129 4.41 8.11 19.37
C LEU A 129 3.47 8.45 20.53
N VAL A 130 2.56 7.53 20.88
CA VAL A 130 1.58 7.81 21.93
C VAL A 130 2.17 7.79 23.33
N ARG A 131 3.44 7.40 23.47
CA ARG A 131 4.11 7.56 24.75
C ARG A 131 4.46 9.01 25.01
N VAL A 132 4.69 9.78 23.96
CA VAL A 132 4.96 11.22 24.06
C VAL A 132 3.68 12.03 23.85
N CYS A 133 2.85 11.63 22.89
CA CYS A 133 1.62 12.36 22.54
C CYS A 133 0.44 11.45 22.89
N GLU A 134 -0.06 11.59 24.12
CA GLU A 134 -0.98 10.61 24.68
C GLU A 134 -2.41 10.74 24.16
N ASN A 135 -2.79 11.91 23.61
CA ASN A 135 -4.16 12.07 23.12
C ASN A 135 -4.14 13.07 21.95
N ILE A 136 -3.84 12.56 20.77
CA ILE A 136 -3.85 13.38 19.55
C ILE A 136 -4.52 12.59 18.43
N PRO A 137 -5.12 13.28 17.48
CA PRO A 137 -5.65 12.58 16.30
C PRO A 137 -4.51 12.05 15.45
N ILE A 138 -4.64 10.80 15.02
CA ILE A 138 -3.59 10.11 14.27
C ILE A 138 -4.23 9.45 13.05
N VAL A 139 -3.60 9.61 11.90
CA VAL A 139 -4.01 8.96 10.66
C VAL A 139 -2.98 7.88 10.33
N LEU A 140 -3.47 6.70 9.97
CA LEU A 140 -2.63 5.63 9.45
C LEU A 140 -2.78 5.61 7.93
N CYS A 141 -1.66 5.67 7.22
CA CYS A 141 -1.66 5.76 5.77
C CYS A 141 -0.89 4.58 5.19
N GLY A 142 -1.55 3.84 4.31
CA GLY A 142 -0.89 2.82 3.52
C GLY A 142 -0.56 3.35 2.14
N ASN A 143 0.70 3.70 1.92
CA ASN A 143 1.11 4.38 0.70
C ASN A 143 1.43 3.40 -0.42
N LYS A 144 1.41 3.91 -1.65
CA LYS A 144 1.87 3.20 -2.84
C LYS A 144 0.87 2.18 -3.34
N VAL A 145 -0.43 2.47 -3.22
CA VAL A 145 -1.44 1.57 -3.77
C VAL A 145 -1.51 1.63 -5.28
N ASP A 146 -0.77 2.55 -5.91
CA ASP A 146 -0.67 2.59 -7.36
C ASP A 146 0.08 1.38 -7.92
N ILE A 147 0.81 0.66 -7.08
CA ILE A 147 1.63 -0.46 -7.52
C ILE A 147 0.77 -1.71 -7.58
N LYS A 148 0.78 -2.39 -8.72
CA LYS A 148 -0.09 -3.55 -8.92
C LYS A 148 0.15 -4.62 -7.85
N ASP A 149 1.40 -5.02 -7.66
CA ASP A 149 1.74 -6.15 -6.80
C ASP A 149 1.67 -5.72 -5.34
N ARG A 150 0.44 -5.57 -4.85
CA ARG A 150 0.21 -5.19 -3.46
C ARG A 150 0.44 -6.37 -2.54
N LYS A 151 1.17 -6.14 -1.45
CA LYS A 151 1.55 -7.20 -0.52
C LYS A 151 0.80 -7.14 0.81
N VAL A 152 0.39 -5.97 1.26
CA VAL A 152 -0.37 -5.82 2.50
C VAL A 152 -1.83 -5.62 2.07
N LYS A 153 -2.57 -6.71 1.99
CA LYS A 153 -3.93 -6.67 1.48
C LYS A 153 -4.84 -5.91 2.43
N ALA A 154 -5.92 -5.35 1.87
CA ALA A 154 -6.85 -4.55 2.64
C ALA A 154 -7.34 -5.30 3.88
N LYS A 155 -7.62 -6.59 3.74
CA LYS A 155 -8.19 -7.37 4.83
C LYS A 155 -7.24 -7.49 6.01
N SER A 156 -5.93 -7.37 5.79
CA SER A 156 -4.93 -7.52 6.84
C SER A 156 -4.72 -6.26 7.66
N ILE A 157 -5.22 -5.11 7.21
CA ILE A 157 -4.97 -3.83 7.87
C ILE A 157 -6.11 -3.61 8.87
N VAL A 158 -5.81 -3.86 10.16
CA VAL A 158 -6.82 -3.77 11.21
C VAL A 158 -6.24 -3.09 12.46
N PHE A 159 -4.94 -2.79 12.44
CA PHE A 159 -4.29 -2.26 13.64
C PHE A 159 -4.94 -0.97 14.12
N HIS A 160 -5.53 -0.20 13.21
CA HIS A 160 -6.10 1.10 13.56
C HIS A 160 -7.37 0.99 14.38
N ARG A 161 -8.00 -0.18 14.42
CA ARG A 161 -9.33 -0.29 15.03
C ARG A 161 -9.27 -0.05 16.53
N LYS A 162 -8.50 -0.84 17.25
CA LYS A 162 -8.43 -0.70 18.70
C LYS A 162 -7.67 0.55 19.13
N LYS A 163 -6.90 1.16 18.23
CA LYS A 163 -6.14 2.36 18.54
C LYS A 163 -6.84 3.64 18.13
N ASN A 164 -8.01 3.53 17.48
CA ASN A 164 -8.82 4.70 17.12
C ASN A 164 -8.10 5.61 16.13
N LEU A 165 -7.31 5.02 15.25
CA LEU A 165 -6.67 5.75 14.17
C LEU A 165 -7.58 5.76 12.94
N GLN A 166 -7.63 6.89 12.25
CA GLN A 166 -8.20 6.91 10.92
C GLN A 166 -7.24 6.20 9.97
N TYR A 167 -7.79 5.47 9.00
CA TYR A 167 -6.99 4.80 7.99
C TYR A 167 -7.38 5.26 6.60
N TYR A 168 -6.39 5.38 5.72
CA TYR A 168 -6.60 5.70 4.32
C TYR A 168 -5.56 4.96 3.48
N ASP A 169 -6.03 4.29 2.43
CA ASP A 169 -5.15 3.95 1.31
C ASP A 169 -4.78 5.23 0.58
N ILE A 170 -3.49 5.43 0.33
CA ILE A 170 -3.02 6.61 -0.39
C ILE A 170 -1.95 6.23 -1.38
N SER A 171 -1.76 7.09 -2.38
CA SER A 171 -0.63 7.01 -3.28
C SER A 171 -0.16 8.43 -3.58
N ALA A 172 1.07 8.75 -3.16
CA ALA A 172 1.64 10.04 -3.50
C ALA A 172 1.92 10.17 -4.99
N LYS A 173 1.97 9.05 -5.72
CA LYS A 173 2.26 9.09 -7.15
C LYS A 173 1.00 9.37 -7.96
N SER A 174 -0.09 8.66 -7.68
CA SER A 174 -1.34 8.85 -8.39
C SER A 174 -2.29 9.82 -7.69
N ASN A 175 -1.88 10.38 -6.56
CA ASN A 175 -2.68 11.33 -5.77
C ASN A 175 -3.94 10.70 -5.19
N TYR A 176 -4.06 9.38 -5.22
CA TYR A 176 -5.23 8.72 -4.64
C TYR A 176 -5.32 9.03 -3.15
N ASN A 177 -6.41 9.69 -2.75
CA ASN A 177 -6.68 10.02 -1.35
C ASN A 177 -5.58 10.85 -0.71
N PHE A 178 -4.78 11.57 -1.50
CA PHE A 178 -3.63 12.27 -0.94
C PHE A 178 -4.05 13.45 -0.07
N GLU A 179 -5.29 13.93 -0.19
CA GLU A 179 -5.77 15.03 0.63
C GLU A 179 -6.52 14.57 1.87
N LYS A 180 -6.99 13.32 1.90
CA LYS A 180 -7.82 12.85 3.01
C LYS A 180 -7.12 12.97 4.36
N PRO A 181 -5.84 12.62 4.52
CA PRO A 181 -5.24 12.71 5.85
C PRO A 181 -5.28 14.11 6.43
N PHE A 182 -5.06 15.15 5.62
CA PHE A 182 -5.09 16.51 6.13
C PHE A 182 -6.51 17.02 6.32
N LEU A 183 -7.44 16.61 5.46
CA LEU A 183 -8.83 17.00 5.65
C LEU A 183 -9.38 16.44 6.96
N TRP A 184 -9.09 15.17 7.25
CA TRP A 184 -9.55 14.56 8.50
C TRP A 184 -8.92 15.26 9.70
N LEU A 185 -7.61 15.48 9.65
CA LEU A 185 -6.93 16.11 10.78
C LEU A 185 -7.43 17.53 11.00
N ALA A 186 -7.62 18.28 9.92
CA ALA A 186 -8.18 19.63 10.05
C ALA A 186 -9.52 19.59 10.76
N ARG A 187 -10.37 18.62 10.43
CA ARG A 187 -11.69 18.52 11.05
C ARG A 187 -11.59 18.17 12.53
N LYS A 188 -10.56 17.41 12.93
CA LYS A 188 -10.38 17.10 14.35
C LYS A 188 -9.77 18.27 15.11
N LEU A 189 -8.77 18.92 14.52
CA LEU A 189 -8.09 20.01 15.21
C LEU A 189 -9.01 21.23 15.35
N ILE A 190 -9.80 21.51 14.31
CA ILE A 190 -10.74 22.63 14.37
C ILE A 190 -12.01 22.28 15.13
N GLY A 191 -12.37 21.00 15.20
CA GLY A 191 -13.60 20.61 15.87
C GLY A 191 -14.84 20.82 15.04
N ASP A 192 -14.72 20.77 13.72
CA ASP A 192 -15.85 21.01 12.81
C ASP A 192 -15.91 19.88 11.80
N PRO A 193 -16.85 18.93 11.94
CA PRO A 193 -16.92 17.82 10.96
C PRO A 193 -17.34 18.24 9.57
N ASN A 194 -17.80 19.48 9.38
CA ASN A 194 -18.24 19.96 8.09
C ASN A 194 -17.18 20.83 7.41
N LEU A 195 -16.00 20.94 8.00
CA LEU A 195 -14.92 21.71 7.38
C LEU A 195 -14.61 21.13 6.00
N GLU A 196 -14.41 22.03 5.03
CA GLU A 196 -14.10 21.65 3.67
C GLU A 196 -12.93 22.47 3.15
N PHE A 197 -12.13 21.87 2.29
CA PHE A 197 -11.16 22.64 1.51
C PHE A 197 -11.91 23.49 0.48
N VAL A 198 -11.51 24.76 0.36
CA VAL A 198 -12.12 25.68 -0.59
C VAL A 198 -11.03 26.27 -1.46
N ALA A 199 -11.46 26.85 -2.58
CA ALA A 199 -10.55 27.40 -3.56
C ALA A 199 -9.99 28.73 -3.06
N MET A 200 -8.68 28.80 -2.90
CA MET A 200 -8.02 30.05 -2.55
C MET A 200 -8.33 31.11 -3.60
N PRO A 201 -8.45 32.37 -3.20
CA PRO A 201 -8.78 33.42 -4.18
C PRO A 201 -7.65 33.62 -5.17
N ALA A 202 -8.05 33.92 -6.42
CA ALA A 202 -7.11 34.07 -7.54
C ALA A 202 -7.04 35.54 -7.93
N LEU A 203 -6.04 36.24 -7.41
CA LEU A 203 -5.85 37.65 -7.74
C LEU A 203 -5.63 37.83 -9.24
N ALA A 204 -5.86 39.04 -9.71
CA ALA A 204 -5.60 39.37 -11.09
C ALA A 204 -4.09 39.37 -11.34
N PRO A 205 -3.60 38.64 -12.34
CA PRO A 205 -2.16 38.59 -12.57
C PRO A 205 -1.66 39.87 -13.23
N PRO A 206 -0.41 40.23 -13.00
CA PRO A 206 0.09 41.51 -13.52
C PRO A 206 0.31 41.46 -15.04
N GLU A 207 0.49 42.65 -15.61
CA GLU A 207 0.80 42.78 -17.03
C GLU A 207 2.30 42.66 -17.25
N VAL A 208 2.65 42.21 -18.45
CA VAL A 208 4.03 41.81 -18.76
C VAL A 208 4.67 42.87 -19.65
N VAL A 209 5.98 43.05 -19.45
CA VAL A 209 6.80 43.92 -20.28
C VAL A 209 8.15 43.25 -20.48
N MET A 210 8.49 42.96 -21.73
CA MET A 210 9.75 42.29 -22.03
C MET A 210 10.94 43.21 -21.71
N ASP A 211 12.02 42.59 -21.25
CA ASP A 211 13.28 43.28 -21.05
C ASP A 211 14.22 42.89 -22.18
N PRO A 212 14.48 43.76 -23.17
CA PRO A 212 15.36 43.37 -24.28
C PRO A 212 16.73 42.87 -23.81
N ALA A 213 17.13 43.27 -22.61
CA ALA A 213 18.40 42.84 -22.03
C ALA A 213 18.35 41.42 -21.47
N LEU A 214 17.21 40.73 -21.59
CA LEU A 214 17.07 39.36 -21.13
C LEU A 214 16.49 38.44 -22.20
N ALA A 215 16.34 38.92 -23.43
CA ALA A 215 15.74 38.11 -24.49
C ALA A 215 16.60 36.86 -24.76
N ALA A 216 17.88 37.06 -25.08
CA ALA A 216 18.76 35.92 -25.33
C ALA A 216 18.95 35.06 -24.10
N GLN A 217 18.63 35.58 -22.91
CA GLN A 217 18.73 34.78 -21.70
C GLN A 217 17.57 33.80 -21.58
N TYR A 218 16.36 34.23 -21.94
CA TYR A 218 15.20 33.35 -21.84
C TYR A 218 15.12 32.37 -22.99
N GLU A 219 15.61 32.74 -24.17
CA GLU A 219 15.63 31.80 -25.30
C GLU A 219 16.70 30.73 -25.11
N HIS A 220 17.68 30.97 -24.24
CA HIS A 220 18.64 29.93 -23.89
C HIS A 220 17.98 28.86 -23.02
N ASP A 221 17.41 29.29 -21.90
CA ASP A 221 16.75 28.34 -21.00
C ASP A 221 15.56 27.67 -21.68
N LEU A 222 14.97 28.33 -22.67
CA LEU A 222 13.86 27.72 -23.41
C LEU A 222 14.33 26.57 -24.29
N GLU A 223 15.50 26.72 -24.91
CA GLU A 223 16.03 25.65 -25.74
C GLU A 223 16.35 24.41 -24.91
N VAL A 224 16.92 24.62 -23.72
CA VAL A 224 17.23 23.50 -22.83
C VAL A 224 15.95 22.81 -22.38
N ALA A 225 14.91 23.61 -22.10
CA ALA A 225 13.65 23.04 -21.62
C ALA A 225 12.96 22.22 -22.71
N GLN A 226 13.04 22.67 -23.95
CA GLN A 226 12.39 21.95 -25.05
C GLN A 226 13.04 20.60 -25.30
N THR A 227 14.37 20.54 -25.25
CA THR A 227 15.11 19.32 -25.54
C THR A 227 15.27 18.42 -24.32
N THR A 228 14.63 18.74 -23.21
CA THR A 228 14.56 17.86 -22.06
C THR A 228 13.19 17.18 -22.05
N ALA A 229 13.19 15.86 -22.18
CA ALA A 229 11.93 15.13 -22.31
C ALA A 229 11.07 15.29 -21.06
N LEU A 230 9.77 15.37 -21.27
CA LEU A 230 8.84 15.40 -20.14
C LEU A 230 8.74 14.01 -19.52
N PRO A 231 8.65 13.92 -18.20
CA PRO A 231 8.61 12.61 -17.55
C PRO A 231 7.26 11.92 -17.71
N ASP A 232 7.29 10.60 -17.55
CA ASP A 232 6.08 9.78 -17.51
C ASP A 232 5.17 10.08 -18.70
N GLU A 233 5.75 10.04 -19.89
CA GLU A 233 4.99 10.36 -21.10
C GLU A 233 3.89 9.34 -21.39
N ASP A 234 3.84 8.23 -20.64
CA ASP A 234 2.77 7.25 -20.81
C ASP A 234 1.60 7.47 -19.86
N ASP A 235 1.76 8.29 -18.83
CA ASP A 235 0.66 8.57 -17.91
C ASP A 235 -0.54 9.08 -18.68
N ASP A 236 -1.73 8.78 -18.15
CA ASP A 236 -2.97 9.26 -18.77
C ASP A 236 -2.98 10.77 -18.91
N LEU A 237 -2.14 11.48 -18.17
CA LEU A 237 -2.05 12.92 -18.29
C LEU A 237 -0.63 13.38 -17.94
N PHE B 7 -46.73 34.65 10.76
CA PHE B 7 -45.78 33.75 11.40
C PHE B 7 -44.36 34.04 10.94
N GLU B 8 -43.47 34.24 11.90
CA GLU B 8 -42.09 34.61 11.59
C GLU B 8 -41.32 33.37 11.14
N PRO B 9 -40.52 33.44 10.07
CA PRO B 9 -39.75 32.28 9.64
C PRO B 9 -38.49 32.08 10.46
N VAL B 10 -37.97 30.86 10.39
CA VAL B 10 -36.73 30.51 11.09
C VAL B 10 -35.58 31.34 10.52
N THR B 20 -13.97 31.91 -4.19
CA THR B 20 -12.91 32.23 -5.16
C THR B 20 -12.76 33.74 -5.28
N MET B 21 -12.01 34.17 -6.30
CA MET B 21 -11.93 35.56 -6.70
C MET B 21 -11.92 35.66 -8.22
N GLU B 22 -12.76 34.84 -8.87
CA GLU B 22 -12.84 34.77 -10.32
C GLU B 22 -14.29 34.88 -10.79
N GLU B 23 -15.13 35.55 -10.01
CA GLU B 23 -16.54 35.68 -10.35
C GLU B 23 -16.81 36.79 -11.35
N ASP B 24 -15.94 37.80 -11.41
CA ASP B 24 -16.05 38.86 -12.41
C ASP B 24 -15.44 38.47 -13.75
N GLU B 25 -15.32 37.18 -14.04
CA GLU B 25 -14.64 36.70 -15.24
C GLU B 25 -15.57 35.76 -16.01
N GLU B 26 -15.07 35.30 -17.15
CA GLU B 26 -15.86 34.50 -18.09
C GLU B 26 -14.96 33.43 -18.67
N VAL B 27 -15.44 32.18 -18.68
CA VAL B 27 -14.64 31.04 -19.08
C VAL B 27 -14.74 30.90 -20.59
N LEU B 28 -13.63 31.17 -21.29
CA LEU B 28 -13.57 30.98 -22.74
C LEU B 28 -13.21 29.56 -23.13
N TYR B 29 -12.38 28.89 -22.33
CA TYR B 29 -11.92 27.55 -22.62
C TYR B 29 -11.60 26.84 -21.32
N LYS B 30 -11.87 25.54 -21.29
CA LYS B 30 -11.55 24.70 -20.14
C LYS B 30 -11.04 23.36 -20.64
N VAL B 31 -9.93 22.89 -20.06
CA VAL B 31 -9.36 21.61 -20.44
C VAL B 31 -8.58 21.04 -19.25
N ARG B 32 -8.61 19.72 -19.12
CA ARG B 32 -7.78 19.03 -18.14
C ARG B 32 -6.35 18.94 -18.66
N ALA B 33 -5.39 19.15 -17.77
CA ALA B 33 -3.99 19.14 -18.16
C ALA B 33 -3.11 18.99 -16.94
N LYS B 34 -1.86 18.62 -17.19
CA LYS B 34 -0.82 18.54 -16.16
C LYS B 34 0.24 19.58 -16.47
N LEU B 35 0.62 20.35 -15.46
CA LEU B 35 1.54 21.47 -15.61
C LEU B 35 2.90 21.12 -15.04
N PHE B 36 3.96 21.44 -15.79
CA PHE B 36 5.33 21.25 -15.34
C PHE B 36 6.07 22.58 -15.34
N ARG B 37 7.05 22.68 -14.45
CA ARG B 37 7.99 23.79 -14.43
C ARG B 37 9.40 23.24 -14.57
N PHE B 38 10.26 23.96 -15.27
CA PHE B 38 11.61 23.51 -15.53
C PHE B 38 12.54 24.02 -14.43
N ASP B 39 13.18 23.09 -13.72
CA ASP B 39 14.21 23.42 -12.73
C ASP B 39 15.53 23.46 -13.47
N ALA B 40 15.89 24.65 -13.98
CA ALA B 40 17.08 24.78 -14.80
C ALA B 40 18.33 24.36 -14.04
N ASP B 41 18.46 24.77 -12.77
CA ASP B 41 19.63 24.41 -12.00
C ASP B 41 19.77 22.91 -11.76
N ALA B 42 18.72 22.14 -12.05
CA ALA B 42 18.77 20.68 -11.93
C ALA B 42 18.50 19.98 -13.25
N LYS B 43 18.31 20.71 -14.34
CA LYS B 43 17.99 20.13 -15.65
C LYS B 43 16.94 19.04 -15.50
N GLU B 44 15.75 19.45 -15.07
CA GLU B 44 14.71 18.49 -14.73
C GLU B 44 13.36 19.17 -14.74
N TRP B 45 12.39 18.58 -15.43
CA TRP B 45 11.01 19.00 -15.32
C TRP B 45 10.42 18.50 -14.03
N LYS B 46 9.70 19.37 -13.33
CA LYS B 46 9.01 19.01 -12.09
C LYS B 46 7.54 19.39 -12.21
N GLU B 47 6.67 18.47 -11.82
CA GLU B 47 5.24 18.74 -11.86
C GLU B 47 4.87 19.86 -10.89
N ARG B 48 3.86 20.63 -11.27
CA ARG B 48 3.34 21.69 -10.42
C ARG B 48 1.87 21.53 -10.07
N GLY B 49 1.12 20.71 -10.80
CA GLY B 49 -0.29 20.55 -10.53
C GLY B 49 -1.03 19.88 -11.67
N THR B 50 -2.06 19.12 -11.33
CA THR B 50 -2.93 18.46 -12.28
C THR B 50 -4.36 18.85 -11.96
N GLY B 51 -5.09 19.34 -12.97
CA GLY B 51 -6.44 19.80 -12.75
C GLY B 51 -6.99 20.50 -13.98
N ASP B 52 -7.96 21.37 -13.75
CA ASP B 52 -8.63 22.09 -14.82
C ASP B 52 -7.86 23.35 -15.17
N CYS B 53 -7.47 23.49 -16.43
CA CYS B 53 -6.86 24.70 -16.95
C CYS B 53 -7.93 25.53 -17.66
N LYS B 54 -8.07 26.78 -17.27
CA LYS B 54 -9.14 27.65 -17.77
C LYS B 54 -8.56 28.94 -18.33
N PHE B 55 -9.20 29.43 -19.40
CA PHE B 55 -8.92 30.77 -19.92
C PHE B 55 -10.05 31.68 -19.45
N LEU B 56 -9.74 32.67 -18.62
CA LEU B 56 -10.74 33.52 -18.00
C LEU B 56 -10.63 34.93 -18.57
N LYS B 57 -11.73 35.41 -19.14
CA LYS B 57 -11.81 36.76 -19.68
C LYS B 57 -12.42 37.70 -18.64
N ASN B 58 -11.68 38.71 -18.25
CA ASN B 58 -12.19 39.71 -17.31
C ASN B 58 -13.22 40.59 -18.00
N LYS B 59 -14.39 40.74 -17.39
CA LYS B 59 -15.47 41.52 -18.00
C LYS B 59 -15.19 43.02 -17.97
N LYS B 60 -14.37 43.48 -17.03
CA LYS B 60 -14.07 44.91 -16.90
C LYS B 60 -12.78 45.32 -17.59
N THR B 61 -12.05 44.38 -18.18
CA THR B 61 -10.87 44.70 -18.97
C THR B 61 -10.78 43.92 -20.28
N ASN B 62 -11.57 42.86 -20.46
CA ASN B 62 -11.48 42.00 -21.63
C ASN B 62 -10.13 41.31 -21.75
N LYS B 63 -9.36 41.28 -20.66
CA LYS B 63 -8.06 40.61 -20.65
C LYS B 63 -8.23 39.16 -20.23
N VAL B 64 -7.58 38.26 -20.96
CA VAL B 64 -7.69 36.82 -20.74
C VAL B 64 -6.48 36.34 -19.96
N ARG B 65 -6.72 35.47 -18.99
CA ARG B 65 -5.64 34.86 -18.21
C ARG B 65 -5.83 33.35 -18.17
N ILE B 66 -4.74 32.66 -17.85
CA ILE B 66 -4.79 31.24 -17.51
C ILE B 66 -4.95 31.12 -16.00
N LEU B 67 -5.94 30.34 -15.56
CA LEU B 67 -6.08 29.99 -14.16
C LEU B 67 -6.21 28.47 -14.06
N MET B 68 -5.30 27.85 -13.34
CA MET B 68 -5.27 26.40 -13.19
C MET B 68 -5.19 26.07 -11.71
N ARG B 69 -6.02 25.12 -11.27
CA ARG B 69 -6.08 24.71 -9.88
C ARG B 69 -5.84 23.21 -9.78
N ARG B 70 -5.18 22.80 -8.69
CA ARG B 70 -5.00 21.39 -8.42
C ARG B 70 -6.32 20.77 -7.98
N ASP B 71 -6.48 19.49 -8.28
CA ASP B 71 -7.67 18.77 -7.86
C ASP B 71 -7.71 18.66 -6.34
N LYS B 72 -8.92 18.53 -5.81
CA LYS B 72 -9.12 18.26 -4.39
C LYS B 72 -8.74 19.45 -3.51
N THR B 73 -7.46 19.83 -3.54
CA THR B 73 -7.02 20.96 -2.73
C THR B 73 -7.37 22.30 -3.36
N LEU B 74 -7.51 22.33 -4.69
CA LEU B 74 -7.92 23.53 -5.41
C LEU B 74 -6.91 24.66 -5.28
N LYS B 75 -5.67 24.33 -4.94
CA LYS B 75 -4.62 25.34 -4.83
C LYS B 75 -4.15 25.76 -6.21
N ILE B 76 -3.87 27.06 -6.35
CA ILE B 76 -3.52 27.62 -7.65
C ILE B 76 -2.12 27.16 -8.04
N CYS B 77 -2.00 26.58 -9.24
CA CYS B 77 -0.72 26.19 -9.79
C CYS B 77 -0.37 26.96 -11.07
N ALA B 78 -1.24 27.84 -11.54
CA ALA B 78 -0.93 28.73 -12.66
C ALA B 78 -1.92 29.88 -12.66
N ASN B 79 -1.38 31.11 -12.82
CA ASN B 79 -2.22 32.31 -12.80
C ASN B 79 -1.41 33.42 -13.47
N HIS B 80 -1.68 33.66 -14.75
CA HIS B 80 -0.92 34.66 -15.50
C HIS B 80 -1.68 35.03 -16.76
N ILE B 81 -1.33 36.20 -17.31
CA ILE B 81 -1.95 36.68 -18.54
C ILE B 81 -1.40 35.86 -19.72
N ILE B 82 -2.27 35.61 -20.69
CA ILE B 82 -1.85 34.97 -21.94
C ILE B 82 -1.26 36.06 -22.83
N ALA B 83 -0.02 36.44 -22.56
CA ALA B 83 0.58 37.59 -23.22
C ALA B 83 0.66 37.35 -24.73
N PRO B 84 0.48 38.38 -25.56
CA PRO B 84 0.69 38.20 -27.00
C PRO B 84 2.12 37.85 -27.38
N GLU B 85 3.08 38.09 -26.48
CA GLU B 85 4.48 37.84 -26.76
C GLU B 85 4.85 36.37 -26.60
N TYR B 86 4.17 35.65 -25.71
CA TYR B 86 4.49 34.26 -25.46
C TYR B 86 4.35 33.43 -26.74
N THR B 87 5.11 32.32 -26.79
CA THR B 87 5.13 31.46 -27.96
C THR B 87 5.14 30.01 -27.50
N LEU B 88 4.14 29.24 -27.93
CA LEU B 88 4.05 27.83 -27.57
C LEU B 88 4.95 27.00 -28.46
N LYS B 89 5.80 26.18 -27.84
CA LYS B 89 6.76 25.35 -28.54
C LYS B 89 6.53 23.88 -28.24
N PRO B 90 6.86 22.99 -29.17
CA PRO B 90 6.74 21.56 -28.88
C PRO B 90 7.86 21.07 -27.97
N ASN B 91 7.59 19.95 -27.31
CA ASN B 91 8.59 19.25 -26.50
C ASN B 91 9.08 18.03 -27.26
N VAL B 92 10.38 17.76 -27.15
CA VAL B 92 11.00 16.71 -27.96
C VAL B 92 10.33 15.37 -27.75
N GLY B 93 9.86 15.10 -26.53
CA GLY B 93 9.34 13.79 -26.21
C GLY B 93 7.84 13.70 -26.11
N SER B 94 7.11 14.65 -26.69
CA SER B 94 5.67 14.69 -26.54
C SER B 94 5.02 15.36 -27.74
N ASP B 95 4.00 14.72 -28.29
CA ASP B 95 3.16 15.29 -29.33
C ASP B 95 1.90 15.91 -28.78
N ARG B 96 1.76 15.98 -27.45
CA ARG B 96 0.55 16.48 -26.81
C ARG B 96 0.88 17.48 -25.70
N SER B 97 1.95 18.25 -25.89
CA SER B 97 2.39 19.22 -24.89
C SER B 97 2.89 20.48 -25.58
N TRP B 98 2.97 21.56 -24.81
CA TRP B 98 3.54 22.82 -25.27
C TRP B 98 4.47 23.35 -24.20
N VAL B 99 5.57 23.97 -24.64
CA VAL B 99 6.54 24.60 -23.76
C VAL B 99 6.57 26.10 -24.09
N TYR B 100 6.60 26.93 -23.04
CA TYR B 100 6.69 28.36 -23.25
C TYR B 100 7.19 29.02 -21.97
N ALA B 101 7.83 30.18 -22.14
CA ALA B 101 8.38 30.92 -21.02
C ALA B 101 7.34 31.91 -20.50
N CYS B 102 7.29 32.04 -19.17
CA CYS B 102 6.37 32.93 -18.50
C CYS B 102 7.16 33.90 -17.63
N THR B 103 6.90 35.18 -17.79
CA THR B 103 7.68 36.22 -17.13
C THR B 103 7.02 36.78 -15.88
N ALA B 104 5.83 36.31 -15.53
CA ALA B 104 5.16 36.79 -14.33
C ALA B 104 3.95 35.94 -13.97
N ASP B 105 4.17 34.90 -13.15
CA ASP B 105 3.11 34.05 -12.64
C ASP B 105 3.00 34.24 -11.13
N ILE B 106 1.76 34.30 -10.63
CA ILE B 106 1.51 34.63 -9.23
C ILE B 106 0.75 33.51 -8.54
N ALA B 107 1.04 32.27 -8.90
CA ALA B 107 0.39 31.14 -8.22
C ALA B 107 0.97 30.95 -6.83
N GLU B 108 2.27 31.20 -6.65
CA GLU B 108 2.96 31.01 -5.38
C GLU B 108 3.58 32.34 -4.96
N GLY B 109 2.73 33.32 -4.64
CA GLY B 109 3.20 34.58 -4.10
C GLY B 109 3.62 35.60 -5.13
N GLU B 110 4.78 36.23 -4.91
CA GLU B 110 5.25 37.30 -5.79
C GLU B 110 5.33 36.84 -7.23
N ALA B 111 5.31 37.79 -8.15
CA ALA B 111 5.44 37.48 -9.58
C ALA B 111 6.82 36.91 -9.85
N GLU B 112 6.85 35.74 -10.48
CA GLU B 112 8.09 35.04 -10.76
C GLU B 112 8.06 34.52 -12.19
N ALA B 113 9.23 34.33 -12.77
CA ALA B 113 9.37 33.84 -14.14
C ALA B 113 9.56 32.34 -14.13
N PHE B 114 8.95 31.66 -15.10
CA PHE B 114 9.02 30.21 -15.20
C PHE B 114 9.11 29.80 -16.66
N THR B 115 9.67 28.62 -16.88
CA THR B 115 9.59 27.92 -18.17
C THR B 115 8.59 26.78 -17.97
N PHE B 116 7.37 26.99 -18.44
CA PHE B 116 6.28 26.06 -18.20
C PHE B 116 6.21 25.00 -19.30
N ALA B 117 5.64 23.86 -18.95
CA ALA B 117 5.20 22.86 -19.91
C ALA B 117 3.84 22.34 -19.47
N ILE B 118 2.91 22.27 -20.41
CA ILE B 118 1.55 21.78 -20.12
C ILE B 118 1.26 20.63 -21.06
N ARG B 119 0.76 19.54 -20.49
CA ARG B 119 0.43 18.33 -21.24
C ARG B 119 -1.04 18.00 -21.07
N PHE B 120 -1.62 17.40 -22.09
CA PHE B 120 -3.05 17.13 -22.15
C PHE B 120 -3.27 15.64 -22.40
N GLY B 121 -4.55 15.24 -22.43
CA GLY B 121 -4.88 13.84 -22.60
C GLY B 121 -4.73 13.32 -24.02
N SER B 122 -4.72 14.21 -25.01
CA SER B 122 -4.64 13.79 -26.40
C SER B 122 -3.96 14.89 -27.20
N LYS B 123 -3.51 14.52 -28.41
CA LYS B 123 -2.97 15.51 -29.33
C LYS B 123 -4.04 16.50 -29.76
N GLU B 124 -5.31 16.10 -29.73
CA GLU B 124 -6.39 16.99 -30.12
C GLU B 124 -6.56 18.11 -29.10
N ASN B 125 -6.58 17.77 -27.81
CA ASN B 125 -6.64 18.79 -26.78
C ASN B 125 -5.43 19.70 -26.82
N ALA B 126 -4.27 19.16 -27.23
CA ALA B 126 -3.07 19.98 -27.32
C ALA B 126 -3.18 21.02 -28.44
N ASP B 127 -3.65 20.59 -29.61
CA ASP B 127 -3.81 21.53 -30.72
C ASP B 127 -4.94 22.50 -30.46
N LYS B 128 -6.06 22.02 -29.90
CA LYS B 128 -7.16 22.91 -29.55
C LYS B 128 -6.72 23.95 -28.52
N PHE B 129 -5.95 23.53 -27.52
CA PHE B 129 -5.40 24.46 -26.55
C PHE B 129 -4.61 25.56 -27.24
N LYS B 130 -3.69 25.19 -28.14
CA LYS B 130 -2.91 26.17 -28.87
C LYS B 130 -3.82 27.08 -29.70
N GLU B 131 -4.92 26.54 -30.22
CA GLU B 131 -5.89 27.34 -30.95
C GLU B 131 -6.50 28.40 -30.04
N GLU B 132 -7.10 27.97 -28.94
CA GLU B 132 -7.68 28.92 -27.98
C GLU B 132 -6.61 29.84 -27.40
N PHE B 133 -5.43 29.30 -27.14
CA PHE B 133 -4.33 30.11 -26.60
C PHE B 133 -4.01 31.27 -27.53
N GLU B 134 -4.11 31.05 -28.84
CA GLU B 134 -3.81 32.10 -29.81
C GLU B 134 -4.97 33.08 -29.95
N LYS B 135 -6.20 32.57 -30.01
CA LYS B 135 -7.37 33.45 -29.99
C LYS B 135 -7.28 34.43 -28.83
N ALA B 136 -6.98 33.90 -27.63
CA ALA B 136 -6.90 34.76 -26.45
C ALA B 136 -5.76 35.76 -26.55
N GLN B 137 -4.66 35.38 -27.20
CA GLN B 137 -3.54 36.32 -27.37
C GLN B 137 -3.98 37.56 -28.12
N GLU B 138 -4.72 37.37 -29.22
CA GLU B 138 -5.23 38.52 -29.98
C GLU B 138 -6.19 39.34 -29.15
N ILE B 139 -7.02 38.68 -28.32
CA ILE B 139 -7.92 39.40 -27.43
C ILE B 139 -7.14 40.36 -26.56
N ASN B 140 -6.02 39.90 -26.00
CA ASN B 140 -5.22 40.73 -25.10
C ASN B 140 -4.43 41.80 -25.83
N LYS B 141 -4.09 41.57 -27.10
CA LYS B 141 -3.36 42.57 -27.86
C LYS B 141 -4.11 43.89 -27.94
N LYS B 142 -5.42 43.88 -27.74
CA LYS B 142 -6.22 45.10 -27.73
C LYS B 142 -6.34 45.62 -26.29
N SER C 3 27.84 30.08 16.70
CA SER C 3 27.87 30.36 18.17
C SER C 3 27.13 29.28 18.94
N MET C 4 26.03 28.79 18.36
CA MET C 4 25.27 27.72 18.99
C MET C 4 26.07 26.43 19.10
N GLU C 5 27.13 26.28 18.29
CA GLU C 5 27.93 25.07 18.28
C GLU C 5 28.89 24.96 19.46
N GLY C 6 28.72 25.79 20.49
CA GLY C 6 29.62 25.73 21.63
C GLY C 6 29.41 24.50 22.50
N ILE C 7 28.17 24.01 22.58
CA ILE C 7 27.88 22.84 23.40
C ILE C 7 28.55 21.59 22.87
N LEU C 8 29.01 21.61 21.61
CA LEU C 8 29.70 20.48 21.02
C LEU C 8 31.19 20.44 21.37
N ASP C 9 31.63 21.27 22.31
CA ASP C 9 33.02 21.30 22.75
C ASP C 9 33.06 20.80 24.20
N PHE C 10 33.55 19.57 24.39
CA PHE C 10 33.51 18.92 25.69
C PHE C 10 34.74 19.20 26.54
N SER C 11 35.80 19.79 25.98
CA SER C 11 36.94 20.17 26.80
C SER C 11 36.55 21.20 27.86
N ASN C 12 35.49 21.96 27.60
CA ASN C 12 34.97 22.95 28.54
C ASN C 12 33.71 22.43 29.21
N ASP C 13 33.37 23.05 30.34
CA ASP C 13 32.12 22.73 31.02
C ASP C 13 30.94 23.04 30.11
N LEU C 14 29.90 22.21 30.22
CA LEU C 14 28.69 22.42 29.42
C LEU C 14 27.92 23.63 29.96
N ASP C 15 27.66 24.59 29.08
CA ASP C 15 26.86 25.76 29.44
C ASP C 15 25.39 25.39 29.29
N ILE C 16 24.73 25.14 30.42
CA ILE C 16 23.32 24.75 30.40
C ILE C 16 22.48 25.81 29.69
N ALA C 17 22.77 27.09 29.94
CA ALA C 17 22.01 28.15 29.31
C ALA C 17 22.16 28.12 27.80
N LEU C 18 23.36 27.77 27.31
CA LEU C 18 23.55 27.64 25.87
C LEU C 18 22.76 26.44 25.33
N LEU C 19 22.71 25.36 26.10
CA LEU C 19 21.91 24.20 25.70
C LEU C 19 20.43 24.56 25.59
N ASP C 20 19.89 25.20 26.64
CA ASP C 20 18.47 25.55 26.63
C ASP C 20 18.14 26.49 25.48
N GLN C 21 19.11 27.26 24.99
CA GLN C 21 18.86 28.15 23.86
C GLN C 21 18.80 27.36 22.56
N VAL C 22 19.77 26.47 22.34
CA VAL C 22 19.73 25.62 21.15
C VAL C 22 18.41 24.85 21.11
N VAL C 23 17.99 24.31 22.25
CA VAL C 23 16.76 23.52 22.31
C VAL C 23 15.56 24.38 21.93
N SER C 24 15.44 25.55 22.55
CA SER C 24 14.30 26.42 22.27
C SER C 24 14.28 26.84 20.80
N THR C 25 15.45 27.16 20.23
CA THR C 25 15.52 27.50 18.81
C THR C 25 15.01 26.36 17.95
N PHE C 26 15.20 25.12 18.39
CA PHE C 26 14.76 23.97 17.60
C PHE C 26 13.26 23.75 17.72
N TYR C 27 12.73 23.74 18.94
CA TYR C 27 11.32 23.39 19.14
C TYR C 27 10.40 24.57 18.85
N GLN C 28 10.82 25.79 19.16
CA GLN C 28 10.00 26.98 18.95
C GLN C 28 10.48 27.87 17.82
N GLY C 29 11.70 27.71 17.35
CA GLY C 29 12.21 28.51 16.26
C GLY C 29 11.60 28.11 14.93
N SER C 30 12.24 28.59 13.86
CA SER C 30 11.74 28.36 12.51
C SER C 30 12.87 28.56 11.52
N GLY C 31 12.68 27.99 10.33
CA GLY C 31 13.58 28.25 9.22
C GLY C 31 15.01 27.83 9.50
N VAL C 32 15.94 28.72 9.18
CA VAL C 32 17.36 28.38 9.19
C VAL C 32 17.85 28.14 10.60
N GLN C 33 17.46 28.99 11.55
CA GLN C 33 17.90 28.81 12.93
C GLN C 33 17.43 27.48 13.47
N GLN C 34 16.17 27.10 13.20
CA GLN C 34 15.68 25.79 13.61
C GLN C 34 16.50 24.68 12.96
N LYS C 35 16.77 24.79 11.66
CA LYS C 35 17.53 23.76 10.97
C LYS C 35 18.94 23.64 11.53
N GLN C 36 19.57 24.78 11.85
CA GLN C 36 20.92 24.73 12.41
C GLN C 36 20.92 24.08 13.79
N ALA C 37 20.03 24.54 14.68
CA ALA C 37 19.96 23.96 16.02
C ALA C 37 19.71 22.47 15.95
N GLN C 38 18.85 22.02 15.03
CA GLN C 38 18.57 20.61 14.89
C GLN C 38 19.84 19.81 14.64
N GLU C 39 20.70 20.30 13.74
CA GLU C 39 21.95 19.60 13.45
C GLU C 39 22.90 19.63 14.63
N ILE C 40 22.86 20.71 15.42
CA ILE C 40 23.70 20.77 16.61
C ILE C 40 23.23 19.75 17.65
N LEU C 41 21.91 19.71 17.90
CA LEU C 41 21.38 18.79 18.90
C LEU C 41 21.65 17.34 18.51
N THR C 42 21.50 17.02 17.23
CA THR C 42 21.79 15.66 16.77
C THR C 42 23.25 15.29 17.06
N LYS C 43 24.18 16.22 16.80
CA LYS C 43 25.59 15.94 17.04
C LYS C 43 25.88 15.84 18.53
N PHE C 44 25.23 16.68 19.34
CA PHE C 44 25.42 16.61 20.78
C PHE C 44 24.93 15.28 21.33
N GLN C 45 23.74 14.84 20.90
CA GLN C 45 23.15 13.62 21.41
C GLN C 45 23.97 12.39 21.03
N ASP C 46 24.59 12.40 19.86
CA ASP C 46 25.32 11.24 19.37
C ASP C 46 26.77 11.21 19.84
N ASN C 47 27.21 12.20 20.62
CA ASN C 47 28.53 12.14 21.22
C ASN C 47 28.57 10.98 22.21
N PRO C 48 29.47 10.01 22.04
CA PRO C 48 29.45 8.85 22.95
C PRO C 48 29.71 9.19 24.41
N ASP C 49 30.14 10.42 24.71
CA ASP C 49 30.36 10.86 26.08
C ASP C 49 29.25 11.77 26.58
N ALA C 50 28.27 12.12 25.74
CA ALA C 50 27.21 13.03 26.15
C ALA C 50 26.41 12.49 27.33
N TRP C 51 26.39 11.17 27.54
CA TRP C 51 25.63 10.61 28.65
C TRP C 51 26.22 11.05 29.99
N GLN C 52 27.52 11.31 30.03
CA GLN C 52 28.16 11.72 31.29
C GLN C 52 27.63 13.07 31.77
N LYS C 53 27.20 13.93 30.84
CA LYS C 53 26.71 15.25 31.18
C LYS C 53 25.19 15.27 31.35
N ALA C 54 24.56 14.10 31.50
CA ALA C 54 23.11 14.05 31.67
C ALA C 54 22.71 14.35 33.12
N ASP C 55 23.50 13.89 34.10
CA ASP C 55 23.20 14.20 35.48
C ASP C 55 23.25 15.70 35.74
N GLN C 56 24.07 16.43 34.97
CA GLN C 56 24.11 17.89 35.10
C GLN C 56 22.85 18.52 34.52
N ILE C 57 22.48 18.12 33.30
CA ILE C 57 21.32 18.70 32.64
C ILE C 57 20.07 18.48 33.49
N LEU C 58 19.89 17.28 34.01
CA LEU C 58 18.69 16.96 34.77
C LEU C 58 18.61 17.71 36.09
N GLN C 59 19.73 18.15 36.63
CA GLN C 59 19.74 18.86 37.91
C GLN C 59 19.62 20.38 37.73
N PHE C 60 20.28 20.94 36.72
CA PHE C 60 20.45 22.38 36.62
C PHE C 60 19.76 23.02 35.41
N SER C 61 19.11 22.23 34.56
CA SER C 61 18.37 22.79 33.44
C SER C 61 16.96 23.16 33.88
N THR C 62 16.44 24.25 33.30
CA THR C 62 15.07 24.67 33.53
C THR C 62 14.18 24.40 32.32
N ASN C 63 14.65 23.60 31.37
CA ASN C 63 13.92 23.33 30.14
C ASN C 63 13.53 21.86 30.11
N PRO C 64 12.23 21.52 30.12
CA PRO C 64 11.86 20.09 30.09
C PRO C 64 12.32 19.39 28.83
N GLN C 65 12.30 20.06 27.68
CA GLN C 65 12.78 19.43 26.45
C GLN C 65 14.25 19.06 26.54
N SER C 66 15.05 19.85 27.28
CA SER C 66 16.47 19.54 27.45
C SER C 66 16.66 18.31 28.33
N LYS C 67 15.86 18.19 29.39
CA LYS C 67 15.92 16.99 30.23
C LYS C 67 15.44 15.78 29.45
N PHE C 68 14.40 15.94 28.63
CA PHE C 68 13.93 14.85 27.78
C PHE C 68 15.06 14.35 26.88
N ILE C 69 15.75 15.28 26.21
CA ILE C 69 16.87 14.89 25.35
C ILE C 69 17.97 14.24 26.19
N ALA C 70 18.18 14.73 27.41
CA ALA C 70 19.17 14.12 28.29
C ALA C 70 18.82 12.67 28.59
N LEU C 71 17.53 12.39 28.80
CA LEU C 71 17.12 11.01 29.07
C LEU C 71 17.24 10.14 27.82
N SER C 72 16.91 10.70 26.66
CA SER C 72 17.16 9.99 25.40
C SER C 72 18.62 9.59 25.30
N ILE C 73 19.54 10.49 25.65
CA ILE C 73 20.96 10.16 25.64
C ILE C 73 21.23 9.03 26.62
N LEU C 74 20.61 9.06 27.81
CA LEU C 74 20.76 7.97 28.75
C LEU C 74 20.15 6.68 28.22
N ASP C 75 18.98 6.79 27.58
CA ASP C 75 18.31 5.61 27.04
C ASP C 75 19.23 4.82 26.13
N LYS C 76 19.84 5.49 25.14
CA LYS C 76 20.78 4.83 24.26
C LYS C 76 21.87 4.11 25.04
N LEU C 77 22.39 4.76 26.08
CA LEU C 77 23.49 4.19 26.86
C LEU C 77 23.04 2.93 27.59
N ILE C 78 21.84 2.96 28.19
CA ILE C 78 21.37 1.82 28.98
C ILE C 78 21.10 0.62 28.08
N THR C 79 20.50 0.84 26.92
CA THR C 79 20.04 -0.28 26.10
C THR C 79 21.17 -0.90 25.28
N ARG C 80 22.28 -0.20 25.09
CA ARG C 80 23.34 -0.67 24.20
C ARG C 80 24.68 -0.89 24.89
N LYS C 81 24.99 -0.16 25.98
CA LYS C 81 26.31 -0.25 26.59
C LYS C 81 26.26 -0.32 28.11
N TRP C 82 25.12 -0.67 28.69
CA TRP C 82 25.00 -0.74 30.15
C TRP C 82 26.11 -1.61 30.76
N LYS C 83 26.24 -2.84 30.27
CA LYS C 83 27.14 -3.82 30.90
C LYS C 83 28.61 -3.48 30.70
N LEU C 84 28.93 -2.49 29.86
CA LEU C 84 30.32 -2.09 29.65
C LEU C 84 30.81 -1.10 30.70
N LEU C 85 29.90 -0.51 31.48
CA LEU C 85 30.28 0.52 32.43
C LEU C 85 30.98 -0.09 33.65
N PRO C 86 31.72 0.73 34.40
CA PRO C 86 32.06 0.33 35.77
C PRO C 86 30.80 0.25 36.62
N ASN C 87 30.81 -0.66 37.58
CA ASN C 87 29.61 -0.89 38.38
C ASN C 87 29.22 0.33 39.20
N ASP C 88 30.13 1.29 39.38
N ASP C 88 30.14 1.27 39.40
CA ASP C 88 29.78 2.50 40.14
CA ASP C 88 29.81 2.50 40.12
C ASP C 88 28.88 3.41 39.33
C ASP C 88 28.85 3.36 39.31
N HIS C 89 29.13 3.52 38.02
CA HIS C 89 28.25 4.34 37.17
C HIS C 89 26.87 3.72 37.03
N ARG C 90 26.79 2.39 36.99
CA ARG C 90 25.48 1.73 36.90
C ARG C 90 24.64 2.03 38.13
N ILE C 91 25.23 1.92 39.32
CA ILE C 91 24.51 2.24 40.54
C ILE C 91 24.19 3.72 40.60
N GLY C 92 25.13 4.56 40.14
CA GLY C 92 24.89 5.99 40.15
C GLY C 92 23.75 6.40 39.24
N ILE C 93 23.81 5.97 37.97
CA ILE C 93 22.75 6.28 37.02
C ILE C 93 21.40 5.82 37.56
N ARG C 94 21.35 4.60 38.08
CA ARG C 94 20.14 4.09 38.71
C ARG C 94 19.65 5.02 39.80
N ASN C 95 20.56 5.44 40.68
CA ASN C 95 20.14 6.22 41.85
C ASN C 95 19.55 7.57 41.44
N PHE C 96 20.17 8.26 40.48
CA PHE C 96 19.69 9.60 40.16
C PHE C 96 18.57 9.59 39.11
N VAL C 97 18.24 8.43 38.55
CA VAL C 97 16.97 8.30 37.84
C VAL C 97 15.84 8.06 38.83
N VAL C 98 16.05 7.20 39.81
CA VAL C 98 15.07 6.99 40.87
C VAL C 98 14.77 8.30 41.58
N GLY C 99 15.81 9.01 41.99
CA GLY C 99 15.61 10.24 42.75
C GLY C 99 14.92 11.31 41.94
N MET C 100 15.24 11.41 40.66
CA MET C 100 14.59 12.40 39.81
C MET C 100 13.09 12.17 39.76
N ILE C 101 12.67 10.91 39.63
CA ILE C 101 11.25 10.60 39.57
C ILE C 101 10.57 10.94 40.90
N ILE C 102 11.19 10.55 42.01
CA ILE C 102 10.61 10.80 43.32
C ILE C 102 10.35 12.29 43.51
N SER C 103 11.36 13.13 43.20
CA SER C 103 11.23 14.56 43.43
C SER C 103 10.30 15.24 42.44
N MET C 104 10.06 14.62 41.27
CA MET C 104 9.06 15.16 40.36
C MET C 104 7.65 14.84 40.82
N CYS C 105 7.45 13.70 41.49
CA CYS C 105 6.13 13.31 41.96
C CYS C 105 5.74 14.06 43.23
N GLN C 106 6.72 14.46 44.04
CA GLN C 106 6.43 15.15 45.30
C GLN C 106 6.01 16.60 45.07
N ASP C 107 6.57 17.27 44.07
CA ASP C 107 6.18 18.62 43.71
C ASP C 107 4.92 18.53 42.85
N ASP C 108 3.75 18.76 43.47
CA ASP C 108 2.48 18.62 42.76
C ASP C 108 2.43 19.50 41.52
N GLU C 109 3.16 20.62 41.51
CA GLU C 109 3.16 21.50 40.35
C GLU C 109 3.91 20.86 39.18
N VAL C 110 5.06 20.22 39.46
CA VAL C 110 5.80 19.54 38.41
C VAL C 110 5.06 18.29 37.96
N PHE C 111 4.48 17.55 38.91
CA PHE C 111 3.73 16.35 38.57
C PHE C 111 2.56 16.67 37.64
N LYS C 112 2.04 17.88 37.73
CA LYS C 112 0.88 18.30 36.94
C LYS C 112 1.25 18.85 35.58
N THR C 113 2.40 19.53 35.47
CA THR C 113 2.76 20.27 34.28
C THR C 113 3.89 19.64 33.48
N GLN C 114 4.51 18.58 33.97
CA GLN C 114 5.62 17.94 33.26
C GLN C 114 5.33 16.46 33.01
N LYS C 115 4.14 16.16 32.50
CA LYS C 115 3.78 14.77 32.26
C LYS C 115 4.70 14.11 31.24
N ASN C 116 5.10 14.86 30.20
CA ASN C 116 5.95 14.28 29.17
C ASN C 116 7.32 13.91 29.73
N LEU C 117 7.89 14.76 30.58
CA LEU C 117 9.21 14.49 31.13
C LEU C 117 9.15 13.38 32.19
N ILE C 118 8.04 13.26 32.90
CA ILE C 118 7.90 12.20 33.89
C ILE C 118 7.71 10.85 33.20
N ASN C 119 6.89 10.81 32.15
CA ASN C 119 6.72 9.58 31.38
C ASN C 119 8.04 9.13 30.77
N LYS C 120 8.83 10.08 30.27
CA LYS C 120 10.14 9.73 29.72
C LYS C 120 11.06 9.16 30.80
N SER C 121 10.97 9.69 32.02
CA SER C 121 11.79 9.18 33.11
C SER C 121 11.35 7.79 33.53
N ASP C 122 10.04 7.55 33.55
CA ASP C 122 9.55 6.20 33.86
C ASP C 122 10.02 5.19 32.84
N LEU C 123 9.96 5.54 31.55
CA LEU C 123 10.45 4.63 30.53
C LEU C 123 11.94 4.37 30.70
N THR C 124 12.71 5.41 31.03
CA THR C 124 14.13 5.24 31.28
C THR C 124 14.37 4.29 32.44
N LEU C 125 13.63 4.47 33.53
CA LEU C 125 13.70 3.54 34.65
C LEU C 125 13.40 2.11 34.20
N VAL C 126 12.40 1.95 33.33
CA VAL C 126 12.03 0.62 32.87
C VAL C 126 13.18 -0.03 32.11
N GLN C 127 13.94 0.77 31.36
CA GLN C 127 15.09 0.21 30.66
C GLN C 127 16.12 -0.33 31.64
N ILE C 128 16.33 0.37 32.75
CA ILE C 128 17.22 -0.13 33.80
C ILE C 128 16.70 -1.44 34.36
N LEU C 129 15.40 -1.50 34.63
CA LEU C 129 14.80 -2.73 35.16
C LEU C 129 15.08 -3.92 34.25
N LYS C 130 14.94 -3.73 32.94
CA LYS C 130 15.19 -4.82 32.01
C LYS C 130 16.63 -5.33 32.11
N GLN C 131 17.56 -4.46 32.50
CA GLN C 131 18.95 -4.85 32.69
C GLN C 131 19.22 -5.42 34.07
N GLU C 132 18.62 -4.82 35.11
CA GLU C 132 19.04 -5.06 36.48
C GLU C 132 18.03 -5.84 37.32
N TRP C 133 16.80 -6.00 36.86
CA TRP C 133 15.76 -6.58 37.71
C TRP C 133 15.34 -7.95 37.19
N PRO C 134 15.04 -8.92 38.09
CA PRO C 134 15.11 -8.86 39.55
C PRO C 134 16.46 -9.27 40.16
N GLN C 135 17.35 -9.85 39.35
CA GLN C 135 18.56 -10.46 39.89
C GLN C 135 19.36 -9.47 40.73
N ASN C 136 19.42 -8.20 40.31
CA ASN C 136 20.20 -7.18 40.99
C ASN C 136 19.32 -6.07 41.54
N TRP C 137 18.07 -6.39 41.85
CA TRP C 137 17.13 -5.40 42.37
C TRP C 137 15.88 -6.12 42.89
N PRO C 138 16.05 -7.13 43.75
CA PRO C 138 14.90 -7.97 44.12
C PRO C 138 13.80 -7.24 44.85
N GLU C 139 14.09 -6.08 45.44
CA GLU C 139 13.13 -5.37 46.28
C GLU C 139 12.37 -4.28 45.53
N PHE C 140 12.49 -4.23 44.20
CA PHE C 140 11.86 -3.15 43.45
C PHE C 140 10.34 -3.16 43.63
N ILE C 141 9.72 -4.32 43.42
CA ILE C 141 8.26 -4.41 43.47
C ILE C 141 7.79 -4.22 44.91
N PRO C 142 8.37 -4.91 45.90
CA PRO C 142 7.97 -4.62 47.29
C PRO C 142 8.08 -3.16 47.67
N GLU C 143 9.18 -2.50 47.29
CA GLU C 143 9.34 -1.08 47.63
C GLU C 143 8.37 -0.20 46.84
N LEU C 144 8.07 -0.57 45.59
CA LEU C 144 7.07 0.16 44.82
C LEU C 144 5.72 0.10 45.51
N ILE C 145 5.32 -1.07 45.99
CA ILE C 145 4.03 -1.22 46.66
C ILE C 145 4.00 -0.44 47.96
N GLY C 146 5.15 -0.31 48.63
CA GLY C 146 5.19 0.43 49.87
C GLY C 146 5.08 1.94 49.65
N SER C 147 5.85 2.46 48.70
CA SER C 147 5.83 3.89 48.44
C SER C 147 4.51 4.36 47.84
N SER C 148 3.68 3.44 47.34
CA SER C 148 2.42 3.83 46.72
C SER C 148 1.44 4.37 47.76
N SER C 149 1.47 3.85 48.98
CA SER C 149 0.52 4.29 50.01
C SER C 149 0.87 5.63 50.62
N SER C 150 2.11 6.09 50.46
CA SER C 150 2.53 7.35 51.06
C SER C 150 2.17 8.57 50.23
N SER C 151 1.64 8.39 49.02
CA SER C 151 1.35 9.52 48.15
C SER C 151 0.51 9.10 46.95
N VAL C 152 -0.53 9.87 46.65
CA VAL C 152 -1.37 9.57 45.49
C VAL C 152 -0.58 9.78 44.19
N ASN C 153 0.25 10.82 44.15
CA ASN C 153 1.01 11.11 42.93
C ASN C 153 2.00 10.00 42.63
N VAL C 154 2.73 9.54 43.65
CA VAL C 154 3.68 8.44 43.45
C VAL C 154 2.95 7.17 43.08
N CYS C 155 1.80 6.91 43.72
CA CYS C 155 1.01 5.73 43.38
C CYS C 155 0.56 5.77 41.93
N GLU C 156 0.02 6.92 41.51
CA GLU C 156 -0.36 7.08 40.10
C GLU C 156 0.82 6.84 39.17
N ASN C 157 2.00 7.39 39.52
CA ASN C 157 3.15 7.24 38.65
C ASN C 157 3.65 5.80 38.62
N ASN C 158 3.53 5.08 39.74
CA ASN C 158 3.96 3.69 39.75
C ASN C 158 3.07 2.82 38.87
N MET C 159 1.82 3.23 38.66
CA MET C 159 0.97 2.53 37.71
C MET C 159 1.44 2.74 36.28
N ILE C 160 2.02 3.91 36.00
CA ILE C 160 2.62 4.16 34.69
C ILE C 160 3.88 3.30 34.52
N VAL C 161 4.70 3.21 35.56
CA VAL C 161 5.90 2.39 35.50
C VAL C 161 5.54 0.93 35.24
N LEU C 162 4.49 0.44 35.90
CA LEU C 162 4.12 -0.95 35.75
C LEU C 162 3.47 -1.20 34.39
N LYS C 163 2.69 -0.23 33.89
CA LYS C 163 2.15 -0.33 32.54
C LYS C 163 3.27 -0.47 31.53
N LEU C 164 4.28 0.41 31.61
CA LEU C 164 5.38 0.37 30.66
C LEU C 164 6.19 -0.91 30.81
N LEU C 165 6.38 -1.39 32.04
CA LEU C 165 7.12 -2.63 32.25
C LEU C 165 6.40 -3.80 31.61
N SER C 166 5.09 -3.91 31.84
CA SER C 166 4.32 -4.99 31.23
C SER C 166 4.39 -4.92 29.71
N GLU C 167 4.30 -3.72 29.14
CA GLU C 167 4.42 -3.57 27.70
C GLU C 167 5.76 -4.08 27.20
N GLU C 168 6.85 -3.64 27.84
CA GLU C 168 8.19 -3.99 27.36
C GLU C 168 8.49 -5.47 27.52
N VAL C 169 7.90 -6.13 28.52
CA VAL C 169 8.19 -7.53 28.78
C VAL C 169 7.30 -8.46 27.97
N PHE C 170 6.02 -8.12 27.79
CA PHE C 170 5.06 -9.03 27.18
C PHE C 170 4.61 -8.63 25.79
N ASP C 171 4.56 -7.33 25.48
CA ASP C 171 3.98 -6.87 24.22
C ASP C 171 5.02 -6.54 23.16
N PHE C 172 6.24 -6.17 23.55
CA PHE C 172 7.25 -5.69 22.60
C PHE C 172 8.60 -6.35 22.81
N SER C 173 8.64 -7.51 23.47
CA SER C 173 9.89 -8.19 23.74
C SER C 173 10.34 -9.12 22.62
N ALA C 174 9.40 -9.59 21.79
CA ALA C 174 9.75 -10.59 20.78
C ALA C 174 10.88 -10.11 19.88
N GLU C 175 10.86 -8.84 19.49
CA GLU C 175 11.85 -8.30 18.57
C GLU C 175 13.08 -7.74 19.28
N GLN C 176 12.93 -7.29 20.53
CA GLN C 176 13.93 -6.48 21.19
C GLN C 176 14.82 -7.25 22.15
N MET C 177 14.49 -8.49 22.49
CA MET C 177 15.27 -9.29 23.43
C MET C 177 15.51 -10.67 22.86
N THR C 178 16.52 -11.33 23.42
CA THR C 178 16.70 -12.76 23.18
C THR C 178 15.56 -13.53 23.83
N GLN C 179 15.34 -14.76 23.33
CA GLN C 179 14.29 -15.60 23.90
C GLN C 179 14.54 -15.85 25.38
N ALA C 180 15.78 -16.15 25.75
CA ALA C 180 16.10 -16.40 27.15
C ALA C 180 15.77 -15.20 28.03
N LYS C 181 16.18 -14.00 27.58
CA LYS C 181 15.94 -12.81 28.39
C LYS C 181 14.46 -12.49 28.49
N ALA C 182 13.71 -12.70 27.41
CA ALA C 182 12.27 -12.47 27.44
C ALA C 182 11.59 -13.40 28.44
N LEU C 183 11.95 -14.69 28.40
CA LEU C 183 11.37 -15.63 29.35
C LEU C 183 11.73 -15.27 30.78
N HIS C 184 12.99 -14.90 31.02
CA HIS C 184 13.42 -14.52 32.36
C HIS C 184 12.53 -13.42 32.94
N LEU C 185 12.28 -12.37 32.15
CA LEU C 185 11.49 -11.25 32.64
C LEU C 185 10.01 -11.61 32.76
N LYS C 186 9.48 -12.36 31.79
CA LYS C 186 8.10 -12.81 31.88
C LYS C 186 7.88 -13.64 33.15
N ASN C 187 8.80 -14.56 33.44
CA ASN C 187 8.69 -15.34 34.68
C ASN C 187 8.84 -14.46 35.91
N SER C 188 9.73 -13.47 35.84
CA SER C 188 9.94 -12.59 36.99
C SER C 188 8.69 -11.79 37.30
N MET C 189 8.02 -11.24 36.27
CA MET C 189 6.78 -10.51 36.50
C MET C 189 5.67 -11.45 36.95
N SER C 190 5.59 -12.64 36.35
CA SER C 190 4.58 -13.61 36.76
C SER C 190 4.74 -13.99 38.23
N LYS C 191 5.97 -14.07 38.72
CA LYS C 191 6.20 -14.51 40.10
C LYS C 191 5.68 -13.49 41.09
N GLU C 192 5.81 -12.19 40.79
CA GLU C 192 5.46 -11.13 41.73
C GLU C 192 4.16 -10.43 41.36
N PHE C 193 3.34 -11.02 40.49
CA PHE C 193 2.11 -10.33 40.09
C PHE C 193 1.03 -10.40 41.16
N GLU C 194 0.99 -11.47 41.95
CA GLU C 194 0.01 -11.55 43.03
C GLU C 194 0.04 -10.28 43.88
N GLN C 195 1.24 -9.76 44.13
CA GLN C 195 1.37 -8.52 44.90
C GLN C 195 0.94 -7.31 44.07
N ILE C 196 1.26 -7.30 42.78
CA ILE C 196 0.89 -6.17 41.93
C ILE C 196 -0.62 -6.07 41.81
N PHE C 197 -1.29 -7.21 41.63
CA PHE C 197 -2.74 -7.17 41.48
C PHE C 197 -3.43 -6.66 42.73
N LYS C 198 -2.91 -7.04 43.91
CA LYS C 198 -3.52 -6.60 45.16
C LYS C 198 -3.55 -5.07 45.23
N LEU C 199 -2.42 -4.42 44.97
CA LEU C 199 -2.39 -2.96 44.92
C LEU C 199 -3.39 -2.43 43.91
N CYS C 200 -3.39 -3.01 42.70
CA CYS C 200 -4.27 -2.54 41.64
CA CYS C 200 -4.27 -2.51 41.65
C CYS C 200 -5.73 -2.66 42.04
N PHE C 201 -6.10 -3.78 42.68
CA PHE C 201 -7.50 -3.99 43.05
C PHE C 201 -7.92 -3.08 44.20
N GLN C 202 -7.02 -2.81 45.14
CA GLN C 202 -7.37 -1.92 46.25
C GLN C 202 -7.58 -0.49 45.76
N VAL C 203 -6.71 -0.01 44.87
CA VAL C 203 -6.88 1.33 44.30
C VAL C 203 -8.23 1.45 43.60
N LEU C 204 -8.62 0.42 42.85
CA LEU C 204 -9.86 0.49 42.09
C LEU C 204 -11.08 0.48 43.01
N GLU C 205 -11.01 -0.24 44.13
CA GLU C 205 -12.17 -0.38 44.99
C GLU C 205 -12.32 0.81 45.95
N GLN C 206 -11.21 1.36 46.41
CA GLN C 206 -11.21 2.42 47.40
C GLN C 206 -10.93 3.79 46.79
N GLY C 207 -9.91 3.88 45.93
CA GLY C 207 -9.46 5.15 45.40
C GLY C 207 -10.56 6.04 44.86
N SER C 208 -10.30 7.34 44.86
CA SER C 208 -11.21 8.32 44.28
C SER C 208 -10.55 9.25 43.27
N SER C 209 -9.23 9.46 43.35
CA SER C 209 -8.54 10.28 42.36
C SER C 209 -8.77 9.69 40.97
N SER C 210 -9.51 10.43 40.13
CA SER C 210 -9.82 9.93 38.80
C SER C 210 -8.57 9.67 37.98
N SER C 211 -7.58 10.56 38.07
CA SER C 211 -6.33 10.36 37.36
C SER C 211 -5.61 9.11 37.86
N LEU C 212 -5.75 8.78 39.14
CA LEU C 212 -5.18 7.55 39.67
C LEU C 212 -5.97 6.34 39.17
N ILE C 213 -7.30 6.42 39.17
CA ILE C 213 -8.12 5.32 38.67
C ILE C 213 -7.80 5.04 37.21
N VAL C 214 -7.77 6.09 36.39
CA VAL C 214 -7.55 5.91 34.96
C VAL C 214 -6.18 5.28 34.70
N ALA C 215 -5.16 5.73 35.43
CA ALA C 215 -3.83 5.16 35.24
C ALA C 215 -3.78 3.70 35.70
N THR C 216 -4.58 3.34 36.71
CA THR C 216 -4.61 1.96 37.17
C THR C 216 -5.33 1.08 36.16
N LEU C 217 -6.41 1.58 35.57
CA LEU C 217 -7.13 0.81 34.56
C LEU C 217 -6.33 0.67 33.28
N GLU C 218 -5.54 1.70 32.93
CA GLU C 218 -4.69 1.59 31.76
C GLU C 218 -3.62 0.52 31.95
N SER C 219 -3.10 0.38 33.18
CA SER C 219 -2.17 -0.71 33.45
C SER C 219 -2.90 -2.06 33.42
N LEU C 220 -4.10 -2.12 33.97
CA LEU C 220 -4.87 -3.36 33.93
C LEU C 220 -5.07 -3.82 32.48
N LEU C 221 -5.30 -2.87 31.56
CA LEU C 221 -5.47 -3.25 30.16
C LEU C 221 -4.28 -4.05 29.66
N ARG C 222 -3.06 -3.62 30.01
CA ARG C 222 -1.87 -4.36 29.60
C ARG C 222 -1.79 -5.71 30.31
N TYR C 223 -2.14 -5.76 31.59
CA TYR C 223 -2.08 -7.02 32.33
C TYR C 223 -2.93 -8.08 31.65
N LEU C 224 -4.12 -7.70 31.19
CA LEU C 224 -5.07 -8.67 30.63
C LEU C 224 -4.52 -9.38 29.41
N HIS C 225 -3.43 -8.89 28.83
CA HIS C 225 -2.82 -9.58 27.69
C HIS C 225 -2.17 -10.90 28.08
N TRP C 226 -1.81 -11.09 29.35
CA TRP C 226 -1.02 -12.26 29.73
C TRP C 226 -1.40 -12.91 31.06
N ILE C 227 -2.09 -12.23 31.98
CA ILE C 227 -2.32 -12.80 33.30
C ILE C 227 -3.34 -13.93 33.23
N PRO C 228 -3.30 -14.88 34.15
CA PRO C 228 -4.30 -15.96 34.13
C PRO C 228 -5.69 -15.45 34.50
N TYR C 229 -6.70 -16.17 33.99
CA TYR C 229 -8.08 -15.71 34.12
C TYR C 229 -8.54 -15.65 35.57
N ARG C 230 -7.90 -16.38 36.48
CA ARG C 230 -8.39 -16.44 37.86
C ARG C 230 -8.35 -15.08 38.53
N TYR C 231 -7.39 -14.23 38.16
CA TYR C 231 -7.35 -12.88 38.71
C TYR C 231 -8.54 -12.04 38.30
N ILE C 232 -9.31 -12.49 37.30
CA ILE C 232 -10.43 -11.72 36.77
C ILE C 232 -11.76 -12.31 37.22
N TYR C 233 -11.85 -13.62 37.35
CA TYR C 233 -13.12 -14.28 37.65
C TYR C 233 -13.26 -14.69 39.11
N GLU C 234 -12.16 -14.81 39.85
CA GLU C 234 -12.21 -15.16 41.26
C GLU C 234 -12.15 -13.93 42.16
N THR C 235 -12.25 -12.73 41.59
CA THR C 235 -12.29 -11.49 42.34
C THR C 235 -13.54 -10.71 41.93
N ASN C 236 -13.76 -9.56 42.56
CA ASN C 236 -14.90 -8.72 42.26
C ASN C 236 -14.63 -7.75 41.11
N ILE C 237 -13.51 -7.90 40.41
CA ILE C 237 -13.08 -6.86 39.49
C ILE C 237 -14.02 -6.76 38.30
N LEU C 238 -14.64 -7.87 37.88
CA LEU C 238 -15.59 -7.79 36.77
C LEU C 238 -16.77 -6.91 37.12
N GLU C 239 -17.28 -7.03 38.34
CA GLU C 239 -18.38 -6.19 38.78
C GLU C 239 -18.01 -4.71 38.72
N LEU C 240 -16.82 -4.37 39.22
CA LEU C 240 -16.38 -2.98 39.22
C LEU C 240 -16.31 -2.43 37.80
N LEU C 241 -15.62 -3.14 36.91
CA LEU C 241 -15.47 -2.68 35.53
C LEU C 241 -16.83 -2.45 34.88
N SER C 242 -17.74 -3.43 35.01
CA SER C 242 -18.98 -3.42 34.24
C SER C 242 -20.08 -2.57 34.86
N THR C 243 -19.84 -1.93 36.01
CA THR C 243 -20.84 -1.05 36.61
C THR C 243 -20.23 0.28 37.02
N LYS C 244 -19.48 0.26 38.12
CA LYS C 244 -18.87 1.47 38.68
C LYS C 244 -18.16 2.28 37.61
N PHE C 245 -17.22 1.65 36.90
CA PHE C 245 -16.34 2.38 36.01
C PHE C 245 -16.96 2.65 34.64
N MET C 246 -18.12 2.09 34.33
CA MET C 246 -18.84 2.44 33.11
C MET C 246 -19.71 3.68 33.27
N THR C 247 -19.91 4.17 34.49
CA THR C 247 -20.74 5.36 34.69
C THR C 247 -19.94 6.64 34.49
N SER C 248 -18.69 6.67 34.95
CA SER C 248 -17.85 7.84 34.80
C SER C 248 -17.33 7.92 33.36
N PRO C 249 -17.55 9.02 32.64
CA PRO C 249 -16.98 9.12 31.29
C PRO C 249 -15.46 9.13 31.28
N ASP C 250 -14.82 9.57 32.37
CA ASP C 250 -13.37 9.56 32.46
C ASP C 250 -12.84 8.13 32.38
N THR C 251 -13.42 7.21 33.14
CA THR C 251 -12.99 5.83 33.18
C THR C 251 -13.67 4.97 32.12
N ARG C 252 -14.67 5.49 31.42
CA ARG C 252 -15.49 4.65 30.55
C ARG C 252 -14.70 4.12 29.37
N ALA C 253 -13.90 4.97 28.73
CA ALA C 253 -13.16 4.54 27.54
C ALA C 253 -12.22 3.39 27.87
N ILE C 254 -11.40 3.55 28.91
CA ILE C 254 -10.43 2.51 29.23
C ILE C 254 -11.12 1.26 29.76
N THR C 255 -12.17 1.43 30.57
CA THR C 255 -12.88 0.27 31.10
C THR C 255 -13.46 -0.58 29.98
N LEU C 256 -14.01 0.06 28.95
CA LEU C 256 -14.57 -0.68 27.83
C LEU C 256 -13.50 -1.47 27.11
N LYS C 257 -12.32 -0.87 26.90
CA LYS C 257 -11.22 -1.60 26.29
C LYS C 257 -10.79 -2.77 27.16
N CYS C 258 -10.80 -2.59 28.49
CA CYS C 258 -10.45 -3.69 29.37
C CYS C 258 -11.45 -4.84 29.23
N LEU C 259 -12.75 -4.53 29.18
CA LEU C 259 -13.75 -5.58 29.05
C LEU C 259 -13.68 -6.26 27.68
N THR C 260 -13.25 -5.53 26.65
CA THR C 260 -13.02 -6.16 25.35
C THR C 260 -11.94 -7.24 25.45
N GLU C 261 -10.83 -6.93 26.13
CA GLU C 261 -9.80 -7.94 26.31
C GLU C 261 -10.28 -9.06 27.21
N VAL C 262 -11.02 -8.74 28.26
CA VAL C 262 -11.60 -9.78 29.12
C VAL C 262 -12.39 -10.78 28.27
N SER C 263 -13.09 -10.27 27.25
CA SER C 263 -13.83 -11.14 26.34
C SER C 263 -12.92 -12.06 25.53
N ASN C 264 -11.59 -11.89 25.61
CA ASN C 264 -10.63 -12.72 24.90
C ASN C 264 -9.79 -13.58 25.83
N LEU C 265 -10.07 -13.58 27.13
CA LEU C 265 -9.26 -14.35 28.06
C LEU C 265 -9.38 -15.85 27.77
N LYS C 266 -8.33 -16.59 28.14
CA LYS C 266 -8.37 -18.04 28.09
C LYS C 266 -9.24 -18.54 29.23
N ILE C 267 -10.36 -19.17 28.89
CA ILE C 267 -11.38 -19.51 29.88
C ILE C 267 -11.81 -20.96 29.71
N PRO C 268 -11.97 -21.73 30.79
CA PRO C 268 -12.54 -23.08 30.65
C PRO C 268 -14.01 -23.01 30.25
N GLN C 269 -14.35 -23.71 29.16
CA GLN C 269 -15.66 -23.60 28.54
C GLN C 269 -16.65 -24.64 29.09
N ASP C 270 -16.40 -25.19 30.27
CA ASP C 270 -17.26 -26.21 30.85
C ASP C 270 -17.78 -25.87 32.24
N ASN C 271 -17.29 -24.82 32.87
CA ASN C 271 -17.75 -24.42 34.19
C ASN C 271 -18.96 -23.50 34.08
N ASP C 272 -20.01 -23.80 34.84
CA ASP C 272 -21.26 -23.06 34.73
C ASP C 272 -21.18 -21.71 35.45
N LEU C 273 -20.47 -21.63 36.57
CA LEU C 273 -20.35 -20.36 37.27
C LEU C 273 -19.62 -19.33 36.42
N ILE C 274 -18.52 -19.74 35.79
CA ILE C 274 -17.79 -18.84 34.90
C ILE C 274 -18.71 -18.34 33.78
N LYS C 275 -19.46 -19.26 33.16
CA LYS C 275 -20.41 -18.87 32.12
C LYS C 275 -21.36 -17.80 32.62
N ARG C 276 -21.87 -17.96 33.85
CA ARG C 276 -22.74 -16.94 34.42
C ARG C 276 -22.00 -15.63 34.65
N GLN C 277 -20.73 -15.71 35.08
CA GLN C 277 -19.95 -14.49 35.27
C GLN C 277 -19.72 -13.77 33.95
N THR C 278 -19.52 -14.53 32.86
CA THR C 278 -19.35 -13.93 31.55
C THR C 278 -20.64 -13.29 31.06
N VAL C 279 -21.78 -13.92 31.34
CA VAL C 279 -23.06 -13.30 31.03
C VAL C 279 -23.24 -12.03 31.85
N LEU C 280 -22.82 -12.05 33.11
CA LEU C 280 -23.19 -10.99 34.04
C LEU C 280 -22.54 -9.67 33.68
N PHE C 281 -21.24 -9.68 33.37
CA PHE C 281 -20.56 -8.42 33.09
C PHE C 281 -21.03 -7.84 31.76
N PHE C 282 -21.46 -8.69 30.83
CA PHE C 282 -22.11 -8.19 29.63
C PHE C 282 -23.46 -7.54 29.98
N GLN C 283 -24.24 -8.20 30.83
CA GLN C 283 -25.52 -7.66 31.26
C GLN C 283 -25.34 -6.29 31.91
N ASN C 284 -24.37 -6.18 32.82
CA ASN C 284 -24.13 -4.90 33.50
C ASN C 284 -23.68 -3.83 32.51
N THR C 285 -22.79 -4.18 31.58
CA THR C 285 -22.25 -3.19 30.65
C THR C 285 -23.35 -2.63 29.76
N LEU C 286 -24.14 -3.51 29.14
CA LEU C 286 -25.26 -3.05 28.32
C LEU C 286 -26.23 -2.22 29.13
N GLN C 287 -26.44 -2.57 30.40
CA GLN C 287 -27.34 -1.80 31.26
C GLN C 287 -26.81 -0.39 31.45
N GLN C 288 -25.52 -0.26 31.78
CA GLN C 288 -24.96 1.07 32.02
C GLN C 288 -24.99 1.91 30.76
N ILE C 289 -24.80 1.28 29.59
CA ILE C 289 -24.86 2.03 28.34
C ILE C 289 -26.26 2.56 28.09
N ALA C 290 -27.28 1.73 28.32
CA ALA C 290 -28.65 2.15 28.07
C ALA C 290 -29.08 3.28 28.99
N THR C 291 -28.60 3.28 30.24
CA THR C 291 -29.06 4.25 31.23
C THR C 291 -28.14 5.48 31.34
N SER C 292 -26.86 5.36 31.01
CA SER C 292 -25.91 6.45 31.20
C SER C 292 -25.42 7.09 29.91
N VAL C 293 -25.56 6.44 28.76
CA VAL C 293 -24.96 6.95 27.53
C VAL C 293 -26.02 7.24 26.48
N MET C 294 -26.70 6.21 25.98
CA MET C 294 -27.82 6.43 25.07
C MET C 294 -28.66 5.16 25.01
N PRO C 295 -29.97 5.29 24.77
CA PRO C 295 -30.81 4.10 24.61
C PRO C 295 -30.57 3.44 23.26
N VAL C 296 -31.05 2.19 23.16
CA VAL C 296 -30.83 1.41 21.94
C VAL C 296 -31.52 2.02 20.73
N THR C 297 -32.48 2.92 20.93
CA THR C 297 -33.14 3.60 19.82
C THR C 297 -32.35 4.79 19.29
N ALA C 298 -31.28 5.20 19.98
CA ALA C 298 -30.59 6.43 19.62
C ALA C 298 -30.03 6.35 18.20
N ASP C 299 -29.96 7.51 17.55
CA ASP C 299 -29.45 7.63 16.19
C ASP C 299 -27.94 7.80 16.27
N LEU C 300 -27.23 6.67 16.27
CA LEU C 300 -25.77 6.70 16.40
C LEU C 300 -25.12 7.27 15.14
N LYS C 301 -25.75 7.08 13.97
CA LYS C 301 -25.26 7.73 12.76
C LYS C 301 -25.13 9.23 12.96
N ALA C 302 -26.19 9.86 13.49
CA ALA C 302 -26.14 11.30 13.72
C ALA C 302 -25.14 11.67 14.80
N THR C 303 -25.08 10.90 15.89
CA THR C 303 -24.12 11.18 16.95
C THR C 303 -22.70 11.14 16.41
N TYR C 304 -22.34 10.05 15.73
CA TYR C 304 -20.99 9.94 15.18
C TYR C 304 -20.66 11.11 14.28
N ALA C 305 -21.64 11.54 13.46
CA ALA C 305 -21.38 12.64 12.53
C ALA C 305 -21.12 13.95 13.27
N ASN C 306 -21.84 14.20 14.37
CA ASN C 306 -21.63 15.41 15.14
C ASN C 306 -20.22 15.48 15.70
N ALA C 307 -19.63 14.34 16.07
CA ALA C 307 -18.24 14.26 16.50
C ALA C 307 -17.96 15.09 17.74
N ASN C 308 -18.92 15.16 18.66
CA ASN C 308 -18.69 15.85 19.93
C ASN C 308 -17.71 15.06 20.79
N GLY C 309 -16.84 15.78 21.47
CA GLY C 309 -15.96 15.17 22.46
C GLY C 309 -15.27 13.93 21.92
N ASN C 310 -15.40 12.82 22.67
CA ASN C 310 -14.84 11.54 22.29
C ASN C 310 -15.91 10.55 21.82
N ASP C 311 -17.04 11.05 21.33
CA ASP C 311 -18.13 10.17 20.93
C ASP C 311 -17.68 9.18 19.86
N GLN C 312 -16.94 9.65 18.86
CA GLN C 312 -16.53 8.75 17.78
C GLN C 312 -15.66 7.61 18.31
N SER C 313 -14.73 7.92 19.21
CA SER C 313 -13.91 6.88 19.81
C SER C 313 -14.76 5.92 20.63
N PHE C 314 -15.71 6.45 21.40
CA PHE C 314 -16.54 5.57 22.23
C PHE C 314 -17.36 4.63 21.37
N LEU C 315 -17.97 5.13 20.29
CA LEU C 315 -18.77 4.29 19.43
C LEU C 315 -17.90 3.24 18.73
N GLN C 316 -16.68 3.61 18.35
CA GLN C 316 -15.74 2.64 17.83
C GLN C 316 -15.44 1.56 18.86
N ASP C 317 -15.15 1.96 20.11
CA ASP C 317 -14.84 0.99 21.14
C ASP C 317 -16.03 0.12 21.48
N LEU C 318 -17.25 0.67 21.41
CA LEU C 318 -18.44 -0.13 21.67
C LEU C 318 -18.62 -1.18 20.60
N ALA C 319 -18.42 -0.82 19.33
CA ALA C 319 -18.49 -1.80 18.25
C ALA C 319 -17.48 -2.92 18.48
N MET C 320 -16.25 -2.57 18.86
CA MET C 320 -15.24 -3.58 19.12
C MET C 320 -15.63 -4.48 20.28
N PHE C 321 -16.20 -3.90 21.34
CA PHE C 321 -16.62 -4.69 22.49
C PHE C 321 -17.76 -5.63 22.12
N LEU C 322 -18.82 -5.10 21.51
CA LEU C 322 -19.98 -5.92 21.18
C LEU C 322 -19.60 -7.04 20.22
N THR C 323 -18.85 -6.73 19.17
CA THR C 323 -18.50 -7.76 18.19
C THR C 323 -17.58 -8.80 18.79
N THR C 324 -16.61 -8.38 19.61
CA THR C 324 -15.68 -9.34 20.22
C THR C 324 -16.41 -10.28 21.15
N TYR C 325 -17.23 -9.74 22.06
CA TYR C 325 -17.94 -10.57 23.01
C TYR C 325 -18.92 -11.49 22.32
N LEU C 326 -19.73 -10.93 21.40
CA LEU C 326 -20.79 -11.72 20.79
C LEU C 326 -20.24 -12.81 19.88
N ALA C 327 -19.14 -12.53 19.19
CA ALA C 327 -18.54 -13.57 18.34
C ALA C 327 -18.11 -14.77 19.15
N ARG C 328 -17.74 -14.57 20.42
CA ARG C 328 -17.27 -15.65 21.27
C ARG C 328 -18.36 -16.26 22.15
N ASN C 329 -19.30 -15.44 22.65
CA ASN C 329 -20.15 -15.86 23.75
C ASN C 329 -21.65 -15.75 23.49
N ARG C 330 -22.09 -15.35 22.29
CA ARG C 330 -23.51 -15.15 22.08
C ARG C 330 -24.32 -16.43 22.32
N ALA C 331 -23.69 -17.61 22.17
CA ALA C 331 -24.41 -18.84 22.46
C ALA C 331 -24.84 -18.91 23.92
N LEU C 332 -24.11 -18.25 24.83
CA LEU C 332 -24.54 -18.19 26.23
C LEU C 332 -25.87 -17.48 26.40
N LEU C 333 -26.25 -16.63 25.44
CA LEU C 333 -27.46 -15.83 25.54
C LEU C 333 -28.62 -16.39 24.72
N GLU C 334 -28.38 -17.45 23.94
CA GLU C 334 -29.35 -17.89 22.94
C GLU C 334 -30.38 -18.89 23.47
N SER C 335 -30.09 -19.60 24.55
CA SER C 335 -30.99 -20.64 25.06
C SER C 335 -31.88 -20.13 26.20
N ASP C 336 -31.28 -19.51 27.22
CA ASP C 336 -32.05 -18.97 28.33
C ASP C 336 -33.00 -17.88 27.83
N GLU C 337 -34.30 -18.08 28.06
CA GLU C 337 -35.28 -17.11 27.58
C GLU C 337 -35.17 -15.77 28.32
N SER C 338 -34.68 -15.78 29.56
CA SER C 338 -34.53 -14.54 30.30
C SER C 338 -33.37 -13.69 29.78
N LEU C 339 -32.50 -14.23 28.94
CA LEU C 339 -31.41 -13.48 28.34
C LEU C 339 -31.72 -13.01 26.93
N ARG C 340 -32.91 -13.31 26.40
CA ARG C 340 -33.21 -13.00 25.01
C ARG C 340 -33.21 -11.50 24.76
N GLU C 341 -33.81 -10.72 25.68
CA GLU C 341 -33.84 -9.27 25.49
C GLU C 341 -32.43 -8.69 25.44
N LEU C 342 -31.54 -9.18 26.31
CA LEU C 342 -30.15 -8.72 26.29
C LEU C 342 -29.48 -9.08 24.96
N LEU C 343 -29.69 -10.30 24.48
CA LEU C 343 -29.10 -10.72 23.22
C LEU C 343 -29.51 -9.79 22.08
N LEU C 344 -30.79 -9.44 22.01
CA LEU C 344 -31.30 -8.66 20.89
C LEU C 344 -31.00 -7.18 21.03
N ASN C 345 -30.99 -6.66 22.27
CA ASN C 345 -30.58 -5.27 22.48
C ASN C 345 -29.14 -5.06 22.04
N ALA C 346 -28.26 -6.00 22.39
CA ALA C 346 -26.86 -5.89 21.97
C ALA C 346 -26.74 -5.87 20.45
N HIS C 347 -27.50 -6.72 19.76
CA HIS C 347 -27.45 -6.72 18.30
C HIS C 347 -28.13 -5.49 17.72
N GLN C 348 -29.17 -4.98 18.38
CA GLN C 348 -29.81 -3.75 17.91
C GLN C 348 -28.84 -2.57 18.00
N TYR C 349 -28.00 -2.53 19.04
CA TYR C 349 -26.93 -1.54 19.08
C TYR C 349 -26.01 -1.69 17.88
N LEU C 350 -25.66 -2.93 17.51
CA LEU C 350 -24.81 -3.15 16.35
C LEU C 350 -25.50 -2.71 15.06
N ILE C 351 -26.81 -2.93 14.97
CA ILE C 351 -27.56 -2.42 13.82
C ILE C 351 -27.39 -0.90 13.73
N GLN C 352 -27.61 -0.20 14.84
CA GLN C 352 -27.49 1.25 14.84
C GLN C 352 -26.06 1.68 14.52
N LEU C 353 -25.07 0.96 15.05
CA LEU C 353 -23.68 1.25 14.73
C LEU C 353 -23.39 1.03 13.25
N SER C 354 -24.09 0.09 12.61
CA SER C 354 -23.83 -0.23 11.21
C SER C 354 -24.33 0.83 10.25
N LYS C 355 -25.13 1.79 10.73
CA LYS C 355 -25.61 2.88 9.90
C LYS C 355 -24.68 4.08 9.90
N ILE C 356 -23.63 4.06 10.73
CA ILE C 356 -22.69 5.17 10.77
C ILE C 356 -21.95 5.26 9.45
N GLU C 357 -21.76 6.48 8.97
CA GLU C 357 -20.96 6.74 7.77
C GLU C 357 -19.49 6.82 8.19
N GLU C 358 -18.83 5.66 8.19
CA GLU C 358 -17.41 5.57 8.50
C GLU C 358 -16.91 4.26 7.93
N ARG C 359 -16.15 4.34 6.84
CA ARG C 359 -15.80 3.15 6.07
C ARG C 359 -15.18 2.07 6.96
N GLU C 360 -14.19 2.43 7.76
CA GLU C 360 -13.44 1.42 8.51
C GLU C 360 -14.27 0.84 9.65
N LEU C 361 -15.13 1.63 10.28
CA LEU C 361 -16.01 1.09 11.31
C LEU C 361 -17.05 0.14 10.70
N PHE C 362 -17.56 0.48 9.52
CA PHE C 362 -18.50 -0.40 8.84
C PHE C 362 -17.88 -1.75 8.57
N LYS C 363 -16.59 -1.78 8.20
CA LYS C 363 -15.92 -3.05 7.94
C LYS C 363 -15.80 -3.88 9.21
N THR C 364 -15.65 -3.23 10.37
CA THR C 364 -15.58 -3.97 11.63
C THR C 364 -16.90 -4.64 11.95
N THR C 365 -18.01 -3.91 11.80
CA THR C 365 -19.32 -4.50 12.06
C THR C 365 -19.68 -5.49 10.96
N LEU C 366 -19.29 -5.22 9.72
CA LEU C 366 -19.58 -6.15 8.64
C LEU C 366 -18.90 -7.50 8.87
N ASP C 367 -17.69 -7.48 9.42
CA ASP C 367 -17.01 -8.73 9.75
C ASP C 367 -17.82 -9.54 10.75
N TYR C 368 -18.41 -8.88 11.75
CA TYR C 368 -19.22 -9.59 12.72
C TYR C 368 -20.47 -10.15 12.07
N TRP C 369 -21.17 -9.32 11.28
CA TRP C 369 -22.39 -9.80 10.63
C TRP C 369 -22.11 -11.07 9.82
N HIS C 370 -20.97 -11.10 9.13
CA HIS C 370 -20.56 -12.32 8.42
C HIS C 370 -20.47 -13.49 9.39
N ASN C 371 -19.82 -13.28 10.53
CA ASN C 371 -19.73 -14.33 11.54
C ASN C 371 -21.12 -14.82 11.95
N LEU C 372 -22.09 -13.92 12.06
CA LEU C 372 -23.41 -14.29 12.53
C LEU C 372 -24.21 -15.02 11.45
N VAL C 373 -24.37 -14.39 10.28
CA VAL C 373 -25.26 -14.97 9.28
C VAL C 373 -24.70 -16.29 8.75
N ALA C 374 -23.38 -16.46 8.77
CA ALA C 374 -22.80 -17.75 8.40
C ALA C 374 -23.18 -18.82 9.41
N ASP C 375 -23.21 -18.47 10.71
CA ASP C 375 -23.60 -19.44 11.73
C ASP C 375 -25.08 -19.78 11.62
N LEU C 376 -25.93 -18.77 11.40
CA LEU C 376 -27.36 -19.03 11.26
C LEU C 376 -27.66 -19.88 10.02
N PHE C 377 -26.76 -19.84 9.04
CA PHE C 377 -26.94 -20.62 7.82
C PHE C 377 -26.67 -22.10 8.03
N TYR C 378 -25.81 -22.44 8.99
CA TYR C 378 -25.43 -23.83 9.25
C TYR C 378 -25.94 -24.37 10.58
N GLU C 379 -26.11 -23.53 11.60
CA GLU C 379 -26.42 -24.02 12.95
C GLU C 379 -27.92 -24.23 13.09
N PRO C 380 -28.39 -25.43 13.45
CA PRO C 380 -29.84 -25.65 13.55
C PRO C 380 -30.50 -24.79 14.62
N LEU C 381 -31.74 -24.40 14.34
CA LEU C 381 -32.66 -23.79 15.29
C LEU C 381 -32.23 -22.40 15.76
N LYS C 382 -31.30 -21.75 15.08
CA LYS C 382 -30.80 -20.46 15.53
C LYS C 382 -31.39 -19.27 14.78
N LYS C 383 -31.72 -19.41 13.49
CA LYS C 383 -32.00 -18.23 12.68
C LYS C 383 -33.29 -17.54 13.09
N HIS C 384 -34.28 -18.29 13.60
CA HIS C 384 -35.54 -17.65 13.98
C HIS C 384 -35.34 -16.63 15.09
N ILE C 385 -34.30 -16.80 15.90
CA ILE C 385 -34.02 -15.86 16.99
C ILE C 385 -33.74 -14.47 16.42
N TYR C 386 -33.02 -14.41 15.30
CA TYR C 386 -32.50 -13.17 14.75
C TYR C 386 -33.28 -12.67 13.56
N GLU C 387 -34.54 -13.09 13.40
CA GLU C 387 -35.30 -12.74 12.20
C GLU C 387 -35.46 -11.24 12.07
N GLU C 388 -35.75 -10.54 13.17
CA GLU C 388 -35.93 -9.10 13.10
C GLU C 388 -34.60 -8.38 12.90
N ILE C 389 -33.54 -8.86 13.54
CA ILE C 389 -32.21 -8.30 13.29
C ILE C 389 -31.83 -8.47 11.82
N CYS C 390 -31.99 -9.70 11.30
CA CYS C 390 -31.60 -9.96 9.92
C CYS C 390 -32.40 -9.10 8.94
N SER C 391 -33.66 -8.82 9.25
CA SER C 391 -34.48 -8.02 8.35
C SER C 391 -33.97 -6.58 8.27
N GLN C 392 -33.56 -6.01 9.41
CA GLN C 392 -32.97 -4.69 9.38
C GLN C 392 -31.61 -4.71 8.67
N LEU C 393 -30.85 -5.78 8.86
CA LEU C 393 -29.52 -5.85 8.27
C LEU C 393 -29.60 -5.87 6.74
N ARG C 394 -30.58 -6.59 6.19
CA ARG C 394 -30.77 -6.60 4.75
C ARG C 394 -30.87 -5.18 4.20
N LEU C 395 -31.57 -4.29 4.92
CA LEU C 395 -31.72 -2.93 4.45
C LEU C 395 -30.43 -2.14 4.61
N VAL C 396 -29.73 -2.33 5.74
CA VAL C 396 -28.47 -1.62 5.95
C VAL C 396 -27.48 -1.93 4.84
N ILE C 397 -27.41 -3.19 4.43
CA ILE C 397 -26.42 -3.59 3.45
C ILE C 397 -26.83 -3.17 2.05
N ILE C 398 -28.10 -3.32 1.71
CA ILE C 398 -28.59 -2.88 0.40
C ILE C 398 -28.34 -1.39 0.22
N GLU C 399 -28.52 -0.61 1.28
CA GLU C 399 -28.42 0.85 1.18
C GLU C 399 -26.99 1.36 1.24
N ASN C 400 -26.04 0.55 1.75
CA ASN C 400 -24.64 0.93 1.81
C ASN C 400 -23.78 0.09 0.88
N MET C 401 -24.38 -0.49 -0.15
CA MET C 401 -23.62 -1.28 -1.12
C MET C 401 -22.67 -0.37 -1.90
N VAL C 402 -21.43 -0.83 -2.08
CA VAL C 402 -20.41 -0.05 -2.75
C VAL C 402 -20.20 -0.59 -4.16
N ARG C 403 -19.48 0.18 -4.97
CA ARG C 403 -19.26 -0.15 -6.37
C ARG C 403 -18.47 -1.44 -6.51
N PRO C 404 -18.97 -2.44 -7.23
CA PRO C 404 -18.13 -3.58 -7.60
C PRO C 404 -17.20 -3.18 -8.74
N GLU C 405 -16.18 -4.01 -8.96
CA GLU C 405 -15.34 -3.82 -10.14
C GLU C 405 -16.14 -3.81 -11.43
N GLU C 406 -17.39 -4.29 -11.38
CA GLU C 406 -18.30 -4.27 -12.52
C GLU C 406 -17.81 -5.19 -13.62
N LYS C 423 -9.67 3.03 -10.29
CA LYS C 423 -9.48 1.73 -9.67
C LYS C 423 -9.23 1.86 -8.17
N GLU C 424 -10.10 1.24 -7.38
CA GLU C 424 -10.05 1.35 -5.92
C GLU C 424 -10.10 -0.06 -5.35
N SER C 425 -8.97 -0.52 -4.80
CA SER C 425 -8.90 -1.87 -4.24
C SER C 425 -9.49 -1.97 -2.83
N ASP C 426 -9.78 -0.84 -2.19
CA ASP C 426 -10.51 -0.86 -0.93
C ASP C 426 -12.02 -0.97 -1.14
N THR C 427 -12.52 -0.57 -2.31
CA THR C 427 -13.93 -0.73 -2.62
C THR C 427 -14.25 -2.13 -3.15
N ILE C 428 -13.28 -2.79 -3.78
CA ILE C 428 -13.53 -4.12 -4.31
C ILE C 428 -13.63 -5.15 -3.19
N GLN C 429 -12.73 -5.05 -2.19
CA GLN C 429 -12.77 -5.98 -1.08
C GLN C 429 -14.07 -5.82 -0.29
N LEU C 430 -14.52 -4.57 -0.11
CA LEU C 430 -15.72 -4.34 0.69
C LEU C 430 -16.95 -4.85 -0.04
N TYR C 431 -17.00 -4.72 -1.37
CA TYR C 431 -18.15 -5.23 -2.10
C TYR C 431 -18.28 -6.74 -1.92
N LYS C 432 -17.17 -7.46 -2.05
CA LYS C 432 -17.21 -8.91 -1.92
C LYS C 432 -17.63 -9.31 -0.51
N SER C 433 -17.20 -8.56 0.49
CA SER C 433 -17.67 -8.79 1.85
C SER C 433 -19.17 -8.55 1.95
N GLU C 434 -19.65 -7.44 1.39
CA GLU C 434 -21.07 -7.14 1.42
C GLU C 434 -21.86 -8.20 0.67
N ARG C 435 -21.37 -8.63 -0.50
CA ARG C 435 -22.05 -9.67 -1.25
C ARG C 435 -22.19 -10.94 -0.43
N GLU C 436 -21.11 -11.35 0.24
CA GLU C 436 -21.14 -12.57 1.05
C GLU C 436 -22.28 -12.52 2.07
N VAL C 437 -22.32 -11.44 2.86
CA VAL C 437 -23.34 -11.34 3.91
C VAL C 437 -24.74 -11.30 3.30
N LEU C 438 -24.90 -10.56 2.20
CA LEU C 438 -26.22 -10.44 1.60
C LEU C 438 -26.67 -11.73 0.94
N VAL C 439 -25.74 -12.53 0.43
CA VAL C 439 -26.07 -13.85 -0.10
C VAL C 439 -26.58 -14.74 1.03
N TYR C 440 -25.87 -14.75 2.16
CA TYR C 440 -26.35 -15.47 3.34
C TYR C 440 -27.73 -14.97 3.75
N LEU C 441 -27.90 -13.65 3.86
CA LEU C 441 -29.18 -13.09 4.29
C LEU C 441 -30.30 -13.45 3.33
N THR C 442 -29.98 -13.62 2.04
CA THR C 442 -31.01 -14.02 1.07
C THR C 442 -31.42 -15.47 1.27
N HIS C 443 -30.45 -16.36 1.45
CA HIS C 443 -30.77 -17.76 1.75
C HIS C 443 -31.64 -17.86 3.01
N LEU C 444 -31.37 -17.01 4.00
CA LEU C 444 -32.09 -17.12 5.27
C LEU C 444 -33.55 -16.69 5.14
N ASN C 445 -33.85 -15.78 4.20
CA ASN C 445 -35.25 -15.41 3.95
C ASN C 445 -35.30 -14.75 2.56
N VAL C 446 -35.49 -15.58 1.54
CA VAL C 446 -35.51 -15.09 0.16
C VAL C 446 -36.68 -14.14 -0.05
N ILE C 447 -37.79 -14.37 0.63
CA ILE C 447 -38.99 -13.56 0.41
C ILE C 447 -38.77 -12.14 0.94
N ASP C 448 -38.20 -12.01 2.14
CA ASP C 448 -37.94 -10.70 2.69
C ASP C 448 -36.98 -9.90 1.82
N THR C 449 -35.92 -10.55 1.33
CA THR C 449 -34.95 -9.84 0.50
C THR C 449 -35.59 -9.36 -0.79
N GLU C 450 -36.35 -10.23 -1.47
CA GLU C 450 -37.01 -9.82 -2.70
C GLU C 450 -37.95 -8.64 -2.44
N GLU C 451 -38.70 -8.68 -1.34
CA GLU C 451 -39.67 -7.63 -1.06
C GLU C 451 -38.97 -6.28 -0.84
N ILE C 452 -37.88 -6.28 -0.06
CA ILE C 452 -37.14 -5.04 0.18
C ILE C 452 -36.66 -4.45 -1.13
N MET C 453 -36.13 -5.29 -2.02
CA MET C 453 -35.54 -4.79 -3.26
C MET C 453 -36.60 -4.24 -4.20
N ILE C 454 -37.72 -4.93 -4.35
CA ILE C 454 -38.80 -4.42 -5.18
C ILE C 454 -39.33 -3.11 -4.62
N SER C 455 -39.60 -3.08 -3.31
CA SER C 455 -40.05 -1.86 -2.66
C SER C 455 -39.07 -0.72 -2.88
N LYS C 456 -37.78 -0.98 -2.63
CA LYS C 456 -36.76 0.04 -2.90
C LYS C 456 -36.81 0.51 -4.35
N LEU C 457 -37.15 -0.39 -5.27
CA LEU C 457 -37.21 -0.02 -6.68
C LEU C 457 -38.44 0.85 -6.97
N ALA C 458 -39.55 0.60 -6.26
CA ALA C 458 -40.72 1.44 -6.44
C ALA C 458 -40.44 2.89 -6.08
N ARG C 459 -39.68 3.12 -5.01
CA ARG C 459 -39.34 4.48 -4.60
C ARG C 459 -38.27 5.10 -5.48
N GLN C 460 -37.66 4.33 -6.39
CA GLN C 460 -36.85 4.94 -7.44
C GLN C 460 -37.72 5.47 -8.56
N ILE C 461 -38.89 4.87 -8.77
CA ILE C 461 -39.77 5.27 -9.85
C ILE C 461 -40.71 6.41 -9.45
N ASP C 462 -41.11 6.49 -8.18
CA ASP C 462 -41.91 7.61 -7.71
C ASP C 462 -41.05 8.80 -7.28
N GLY C 463 -39.75 8.75 -7.53
CA GLY C 463 -38.86 9.87 -7.28
C GLY C 463 -38.59 10.19 -5.84
N SER C 464 -39.24 9.52 -4.88
CA SER C 464 -39.06 9.85 -3.48
C SER C 464 -37.64 9.56 -3.00
N GLU C 465 -36.95 8.61 -3.64
CA GLU C 465 -35.56 8.30 -3.32
C GLU C 465 -34.70 8.24 -4.57
N TRP C 466 -35.14 8.84 -5.67
CA TRP C 466 -34.38 8.80 -6.90
C TRP C 466 -33.10 9.60 -6.79
N SER C 467 -31.99 9.01 -7.20
CA SER C 467 -30.72 9.71 -7.34
C SER C 467 -29.76 8.77 -8.04
N TRP C 468 -28.70 9.35 -8.61
CA TRP C 468 -27.68 8.54 -9.26
C TRP C 468 -27.05 7.55 -8.29
N HIS C 469 -26.77 8.02 -7.07
CA HIS C 469 -26.20 7.14 -6.06
C HIS C 469 -27.18 6.04 -5.65
N ASN C 470 -28.45 6.39 -5.48
CA ASN C 470 -29.42 5.44 -4.95
C ASN C 470 -29.80 4.37 -5.97
N ILE C 471 -29.81 4.72 -7.26
CA ILE C 471 -30.14 3.72 -8.28
C ILE C 471 -28.96 2.80 -8.52
N ASN C 472 -27.74 3.33 -8.47
CA ASN C 472 -26.55 2.50 -8.60
C ASN C 472 -26.45 1.53 -7.42
N THR C 473 -26.61 2.05 -6.20
CA THR C 473 -26.50 1.20 -5.02
C THR C 473 -27.50 0.05 -5.07
N LEU C 474 -28.73 0.33 -5.49
CA LEU C 474 -29.75 -0.71 -5.53
C LEU C 474 -29.46 -1.73 -6.63
N SER C 475 -28.94 -1.27 -7.76
CA SER C 475 -28.64 -2.18 -8.86
C SER C 475 -27.46 -3.09 -8.51
N TRP C 476 -26.46 -2.56 -7.80
CA TRP C 476 -25.37 -3.40 -7.32
C TRP C 476 -25.87 -4.45 -6.35
N ALA C 477 -26.75 -4.06 -5.43
CA ALA C 477 -27.30 -5.02 -4.47
C ALA C 477 -28.08 -6.12 -5.18
N ILE C 478 -28.91 -5.74 -6.16
CA ILE C 478 -29.69 -6.73 -6.90
C ILE C 478 -28.76 -7.69 -7.64
N GLY C 479 -27.69 -7.16 -8.24
CA GLY C 479 -26.77 -8.00 -8.98
C GLY C 479 -25.97 -8.93 -8.10
N SER C 480 -25.78 -8.57 -6.83
CA SER C 480 -24.89 -9.32 -5.96
C SER C 480 -25.48 -10.63 -5.46
N ILE C 481 -26.81 -10.77 -5.43
CA ILE C 481 -27.43 -11.95 -4.85
C ILE C 481 -27.71 -12.99 -5.93
N SER C 482 -27.16 -12.78 -7.12
CA SER C 482 -27.37 -13.72 -8.21
C SER C 482 -26.94 -15.12 -7.79
N GLY C 483 -27.79 -16.11 -8.07
CA GLY C 483 -27.51 -17.48 -7.71
C GLY C 483 -28.06 -17.94 -6.38
N THR C 484 -28.88 -17.12 -5.71
CA THR C 484 -29.47 -17.47 -4.44
C THR C 484 -30.95 -17.82 -4.53
N MET C 485 -31.68 -17.21 -5.47
CA MET C 485 -33.07 -17.53 -5.68
C MET C 485 -33.20 -18.78 -6.54
N SER C 486 -34.39 -19.36 -6.56
CA SER C 486 -34.70 -20.42 -7.50
C SER C 486 -34.80 -19.83 -8.91
N GLU C 487 -34.62 -20.70 -9.90
CA GLU C 487 -34.67 -20.25 -11.29
C GLU C 487 -36.04 -19.66 -11.63
N ASP C 488 -37.11 -20.19 -11.03
CA ASP C 488 -38.44 -19.65 -11.29
C ASP C 488 -38.63 -18.31 -10.60
N THR C 489 -38.23 -18.21 -9.33
CA THR C 489 -38.29 -16.93 -8.64
C THR C 489 -37.35 -15.92 -9.28
N GLU C 490 -36.11 -16.34 -9.56
CA GLU C 490 -35.17 -15.48 -10.26
C GLU C 490 -35.78 -14.93 -11.54
N LYS C 491 -36.42 -15.80 -12.33
CA LYS C 491 -37.03 -15.37 -13.58
C LYS C 491 -38.09 -14.31 -13.34
N ARG C 492 -39.02 -14.57 -12.41
CA ARG C 492 -40.00 -13.55 -12.04
C ARG C 492 -39.31 -12.30 -11.51
N PHE C 493 -38.27 -12.47 -10.71
CA PHE C 493 -37.57 -11.34 -10.11
C PHE C 493 -36.84 -10.53 -11.17
N VAL C 494 -36.02 -11.19 -12.00
CA VAL C 494 -35.28 -10.47 -13.02
C VAL C 494 -36.23 -9.70 -13.92
N VAL C 495 -37.35 -10.32 -14.32
CA VAL C 495 -38.31 -9.67 -15.19
C VAL C 495 -38.80 -8.37 -14.56
N THR C 496 -39.31 -8.45 -13.32
CA THR C 496 -39.81 -7.26 -12.65
C THR C 496 -38.77 -6.15 -12.61
N VAL C 497 -37.53 -6.51 -12.26
CA VAL C 497 -36.47 -5.50 -12.13
C VAL C 497 -36.20 -4.84 -13.47
N ILE C 498 -35.97 -5.65 -14.52
CA ILE C 498 -35.66 -5.10 -15.83
C ILE C 498 -36.84 -4.29 -16.35
N LYS C 499 -38.04 -4.88 -16.28
CA LYS C 499 -39.25 -4.16 -16.69
C LYS C 499 -39.32 -2.80 -15.99
N ASP C 500 -39.12 -2.79 -14.67
CA ASP C 500 -39.20 -1.55 -13.91
C ASP C 500 -38.06 -0.61 -14.26
N LEU C 501 -36.85 -1.15 -14.46
CA LEU C 501 -35.71 -0.31 -14.80
C LEU C 501 -35.87 0.30 -16.19
N LEU C 502 -36.40 -0.46 -17.14
CA LEU C 502 -36.61 0.07 -18.48
C LEU C 502 -37.63 1.19 -18.46
N GLY C 503 -38.72 1.04 -17.71
CA GLY C 503 -39.67 2.12 -17.55
C GLY C 503 -39.06 3.33 -16.87
N LEU C 504 -38.15 3.11 -15.92
CA LEU C 504 -37.45 4.21 -15.28
C LEU C 504 -36.55 4.95 -16.26
N CYS C 505 -36.09 4.27 -17.32
CA CYS C 505 -35.22 4.90 -18.30
C CYS C 505 -36.01 5.87 -19.17
N GLU C 506 -37.17 5.43 -19.69
CA GLU C 506 -38.04 6.34 -20.43
C GLU C 506 -38.47 7.51 -19.55
N GLN C 507 -38.76 7.24 -18.28
CA GLN C 507 -39.25 8.26 -17.37
C GLN C 507 -38.31 9.46 -17.28
N LYS C 508 -37.04 9.31 -17.61
CA LYS C 508 -36.06 10.36 -17.45
C LYS C 508 -35.75 11.03 -18.78
N ARG C 509 -35.14 12.21 -18.69
CA ARG C 509 -34.69 12.97 -19.85
C ARG C 509 -33.22 13.33 -19.67
N GLY C 510 -32.57 13.65 -20.79
CA GLY C 510 -31.16 13.99 -20.76
C GLY C 510 -30.27 12.76 -20.80
N LYS C 511 -29.23 12.81 -21.63
CA LYS C 511 -28.36 11.65 -21.79
C LYS C 511 -27.67 11.26 -20.49
N ASP C 512 -27.48 12.23 -19.57
CA ASP C 512 -26.86 11.91 -18.30
C ASP C 512 -27.72 10.96 -17.48
N ASN C 513 -29.00 11.29 -17.30
CA ASN C 513 -29.91 10.41 -16.57
C ASN C 513 -30.05 9.08 -17.29
N LYS C 514 -30.33 9.11 -18.59
CA LYS C 514 -30.52 7.88 -19.36
C LYS C 514 -29.25 7.04 -19.44
N ALA C 515 -28.08 7.65 -19.21
CA ALA C 515 -26.84 6.88 -19.20
C ALA C 515 -26.69 6.10 -17.90
N VAL C 516 -27.06 6.71 -16.78
CA VAL C 516 -26.96 6.02 -15.49
C VAL C 516 -27.85 4.79 -15.47
N VAL C 517 -29.13 4.97 -15.81
CA VAL C 517 -30.07 3.87 -15.75
C VAL C 517 -29.71 2.80 -16.78
N ALA C 518 -29.23 3.21 -17.96
CA ALA C 518 -28.84 2.25 -18.97
C ALA C 518 -27.72 1.34 -18.46
N SER C 519 -26.72 1.92 -17.82
CA SER C 519 -25.61 1.11 -17.30
C SER C 519 -26.10 0.13 -16.25
N ASP C 520 -26.92 0.60 -15.31
CA ASP C 520 -27.44 -0.28 -14.26
C ASP C 520 -28.19 -1.46 -14.86
N ILE C 521 -29.05 -1.20 -15.86
CA ILE C 521 -29.77 -2.29 -16.51
C ILE C 521 -28.79 -3.32 -17.05
N MET C 522 -27.69 -2.87 -17.67
CA MET C 522 -26.78 -3.81 -18.27
C MET C 522 -25.94 -4.53 -17.23
N TYR C 523 -25.65 -3.87 -16.10
CA TYR C 523 -24.95 -4.56 -15.02
C TYR C 523 -25.79 -5.70 -14.47
N VAL C 524 -27.09 -5.46 -14.28
CA VAL C 524 -27.95 -6.49 -13.70
C VAL C 524 -28.03 -7.70 -14.62
N VAL C 525 -28.30 -7.47 -15.91
CA VAL C 525 -28.40 -8.59 -16.84
C VAL C 525 -27.08 -9.34 -16.91
N GLY C 526 -25.97 -8.62 -16.85
CA GLY C 526 -24.67 -9.26 -16.84
C GLY C 526 -24.40 -10.10 -15.61
N GLN C 527 -25.20 -9.94 -14.57
CA GLN C 527 -25.01 -10.70 -13.34
C GLN C 527 -25.87 -11.96 -13.27
N TYR C 528 -26.88 -12.08 -14.13
CA TYR C 528 -27.81 -13.22 -14.14
C TYR C 528 -27.65 -13.99 -15.45
N PRO C 529 -26.49 -14.62 -15.67
CA PRO C 529 -26.32 -15.40 -16.90
C PRO C 529 -27.23 -16.62 -16.97
N ARG C 530 -27.55 -17.23 -15.83
CA ARG C 530 -28.50 -18.35 -15.85
C ARG C 530 -29.81 -17.95 -16.53
N PHE C 531 -30.25 -16.72 -16.30
CA PHE C 531 -31.46 -16.23 -16.96
C PHE C 531 -31.24 -16.06 -18.46
N LEU C 532 -30.10 -15.47 -18.85
CA LEU C 532 -29.83 -15.24 -20.26
C LEU C 532 -29.69 -16.55 -21.03
N LYS C 533 -29.07 -17.56 -20.41
CA LYS C 533 -28.83 -18.82 -21.11
C LYS C 533 -30.13 -19.55 -21.42
N ALA C 534 -31.16 -19.38 -20.57
CA ALA C 534 -32.42 -20.08 -20.77
C ALA C 534 -33.39 -19.31 -21.65
N HIS C 535 -33.08 -18.07 -22.00
CA HIS C 535 -33.97 -17.22 -22.81
C HIS C 535 -33.15 -16.64 -23.96
N TRP C 536 -32.98 -17.44 -25.02
CA TRP C 536 -32.11 -17.04 -26.12
C TRP C 536 -32.57 -15.71 -26.73
N ASN C 537 -33.83 -15.66 -27.16
CA ASN C 537 -34.32 -14.45 -27.82
C ASN C 537 -34.04 -13.20 -26.98
N PHE C 538 -34.13 -13.34 -25.65
CA PHE C 538 -33.79 -12.23 -24.78
C PHE C 538 -32.29 -11.95 -24.82
N LEU C 539 -31.47 -12.98 -24.62
CA LEU C 539 -30.02 -12.81 -24.69
C LEU C 539 -29.62 -12.16 -26.00
N ARG C 540 -30.18 -12.62 -27.11
CA ARG C 540 -29.86 -12.04 -28.41
C ARG C 540 -30.17 -10.54 -28.42
N THR C 541 -31.40 -10.17 -28.03
CA THR C 541 -31.79 -8.76 -28.05
C THR C 541 -30.88 -7.92 -27.16
N VAL C 542 -30.46 -8.48 -26.02
CA VAL C 542 -29.53 -7.78 -25.13
C VAL C 542 -28.27 -7.40 -25.89
N ILE C 543 -27.64 -8.38 -26.54
CA ILE C 543 -26.39 -8.12 -27.26
C ILE C 543 -26.60 -7.04 -28.31
N LEU C 544 -27.70 -7.11 -29.06
CA LEU C 544 -27.95 -6.12 -30.10
C LEU C 544 -28.00 -4.70 -29.53
N ALA C 545 -28.58 -4.56 -28.34
CA ALA C 545 -28.61 -3.24 -27.69
C ALA C 545 -27.19 -2.76 -27.41
N LEU C 546 -26.35 -3.64 -26.86
CA LEU C 546 -24.95 -3.30 -26.65
C LEU C 546 -24.29 -2.84 -27.93
N PHE C 547 -24.53 -3.56 -29.03
CA PHE C 547 -23.92 -3.18 -30.31
C PHE C 547 -24.33 -1.77 -30.71
N GLU C 548 -25.58 -1.39 -30.45
CA GLU C 548 -26.01 -0.02 -30.73
C GLU C 548 -25.47 0.97 -29.70
N PHE C 549 -25.24 0.53 -28.46
CA PHE C 549 -24.63 1.39 -27.46
C PHE C 549 -23.17 1.68 -27.78
N MET C 550 -22.52 0.84 -28.60
CA MET C 550 -21.15 1.09 -29.00
C MET C 550 -21.03 2.25 -29.99
N HIS C 551 -22.14 2.79 -30.46
CA HIS C 551 -22.14 3.98 -31.30
C HIS C 551 -22.43 5.25 -30.51
N GLU C 552 -22.90 5.13 -29.28
CA GLU C 552 -23.24 6.29 -28.47
C GLU C 552 -21.97 6.92 -27.92
N THR C 553 -21.65 8.13 -28.36
CA THR C 553 -20.43 8.81 -27.98
C THR C 553 -20.46 9.36 -26.56
N HIS C 554 -21.60 9.31 -25.87
CA HIS C 554 -21.67 9.83 -24.52
C HIS C 554 -20.65 9.15 -23.64
N GLU C 555 -20.02 9.93 -22.77
CA GLU C 555 -18.92 9.43 -21.93
C GLU C 555 -19.38 8.26 -21.10
N GLY C 556 -18.69 7.12 -21.24
CA GLY C 556 -18.90 5.95 -20.42
C GLY C 556 -19.76 4.87 -21.06
N VAL C 557 -20.63 5.24 -21.99
CA VAL C 557 -21.53 4.27 -22.60
C VAL C 557 -20.73 3.19 -23.33
N GLN C 558 -19.83 3.60 -24.22
CA GLN C 558 -19.08 2.65 -25.02
C GLN C 558 -18.24 1.72 -24.15
N ASP C 559 -17.54 2.29 -23.16
CA ASP C 559 -16.77 1.45 -22.25
C ASP C 559 -17.67 0.50 -21.49
N MET C 560 -18.89 0.92 -21.15
CA MET C 560 -19.84 0.03 -20.51
C MET C 560 -20.29 -1.07 -21.47
N ALA C 561 -20.75 -0.67 -22.66
CA ALA C 561 -21.23 -1.64 -23.65
C ALA C 561 -20.22 -2.75 -23.89
N CYS C 562 -18.93 -2.41 -23.91
CA CYS C 562 -17.91 -3.40 -24.23
C CYS C 562 -17.62 -4.32 -23.05
N ASP C 563 -17.58 -3.77 -21.83
CA ASP C 563 -17.30 -4.61 -20.67
C ASP C 563 -18.43 -5.60 -20.42
N THR C 564 -19.68 -5.18 -20.64
CA THR C 564 -20.81 -6.08 -20.48
C THR C 564 -20.80 -7.17 -21.55
N PHE C 565 -20.44 -6.82 -22.78
CA PHE C 565 -20.41 -7.81 -23.86
C PHE C 565 -19.47 -8.96 -23.52
N ILE C 566 -18.23 -8.65 -23.16
CA ILE C 566 -17.27 -9.70 -22.86
C ILE C 566 -17.63 -10.41 -21.56
N LYS C 567 -18.24 -9.69 -20.62
CA LYS C 567 -18.68 -10.31 -19.37
C LYS C 567 -19.79 -11.33 -19.63
N ILE C 568 -20.73 -11.00 -20.52
CA ILE C 568 -21.78 -11.95 -20.87
C ILE C 568 -21.20 -13.12 -21.66
N VAL C 569 -20.22 -12.84 -22.53
CA VAL C 569 -19.67 -13.89 -23.38
C VAL C 569 -18.95 -14.94 -22.55
N GLN C 570 -18.15 -14.51 -21.57
CA GLN C 570 -17.41 -15.46 -20.74
C GLN C 570 -18.35 -16.47 -20.09
N LYS C 571 -19.59 -16.08 -19.79
CA LYS C 571 -20.53 -16.94 -19.10
C LYS C 571 -21.46 -17.68 -20.04
N CYS C 572 -21.82 -17.08 -21.18
CA CYS C 572 -22.83 -17.63 -22.08
C CYS C 572 -22.25 -17.99 -23.44
N LYS C 573 -20.94 -18.18 -23.53
CA LYS C 573 -20.28 -18.38 -24.82
C LYS C 573 -20.92 -19.52 -25.62
N TYR C 574 -21.31 -20.61 -24.95
CA TYR C 574 -21.87 -21.76 -25.66
C TYR C 574 -23.07 -21.38 -26.51
N HIS C 575 -23.87 -20.41 -26.05
CA HIS C 575 -25.08 -20.03 -26.76
C HIS C 575 -24.81 -19.11 -27.96
N PHE C 576 -23.56 -18.72 -28.19
CA PHE C 576 -23.18 -17.97 -29.37
C PHE C 576 -22.56 -18.85 -30.45
N VAL C 577 -22.07 -20.03 -30.10
CA VAL C 577 -21.37 -20.90 -31.04
C VAL C 577 -22.28 -21.95 -31.66
N ILE C 578 -23.43 -22.23 -31.05
CA ILE C 578 -24.36 -23.22 -31.57
C ILE C 578 -25.41 -22.53 -32.42
N GLN C 579 -26.11 -23.32 -33.23
CA GLN C 579 -27.24 -22.83 -34.02
C GLN C 579 -28.49 -22.98 -33.16
N GLN C 580 -29.09 -21.84 -32.80
CA GLN C 580 -30.25 -21.84 -31.93
C GLN C 580 -31.52 -22.13 -32.73
N PRO C 581 -32.55 -22.65 -32.07
CA PRO C 581 -33.85 -22.81 -32.75
C PRO C 581 -34.29 -21.49 -33.38
N ARG C 582 -34.90 -21.59 -34.56
CA ARG C 582 -35.36 -20.42 -35.32
C ARG C 582 -34.20 -19.52 -35.74
N GLU C 583 -33.04 -20.12 -36.02
CA GLU C 583 -31.88 -19.38 -36.50
C GLU C 583 -31.20 -20.16 -37.60
N SER C 584 -30.71 -19.44 -38.61
CA SER C 584 -30.05 -20.06 -39.75
C SER C 584 -28.54 -20.20 -39.59
N GLU C 585 -27.95 -19.60 -38.55
CA GLU C 585 -26.51 -19.66 -38.37
C GLU C 585 -26.20 -19.44 -36.89
N PRO C 586 -25.10 -20.01 -36.39
CA PRO C 586 -24.63 -19.60 -35.05
C PRO C 586 -24.43 -18.10 -34.99
N PHE C 587 -24.80 -17.51 -33.85
CA PHE C 587 -24.80 -16.05 -33.74
C PHE C 587 -23.40 -15.46 -33.86
N ILE C 588 -22.36 -16.25 -33.60
CA ILE C 588 -21.00 -15.74 -33.76
C ILE C 588 -20.78 -15.25 -35.19
N GLN C 589 -21.34 -15.97 -36.17
CA GLN C 589 -21.19 -15.56 -37.56
C GLN C 589 -21.84 -14.20 -37.80
N THR C 590 -22.98 -13.95 -37.17
CA THR C 590 -23.65 -12.66 -37.33
C THR C 590 -22.83 -11.54 -36.70
N ILE C 591 -22.17 -11.82 -35.57
CA ILE C 591 -21.31 -10.83 -34.94
C ILE C 591 -20.14 -10.50 -35.85
N ILE C 592 -19.55 -11.51 -36.48
CA ILE C 592 -18.36 -11.30 -37.29
C ILE C 592 -18.70 -10.56 -38.58
N ARG C 593 -19.85 -10.87 -39.18
CA ARG C 593 -20.24 -10.22 -40.43
C ARG C 593 -20.32 -8.71 -40.27
N ASP C 594 -20.94 -8.25 -39.18
CA ASP C 594 -21.16 -6.82 -38.96
C ASP C 594 -20.14 -6.22 -38.00
N ILE C 595 -18.95 -6.79 -37.92
CA ILE C 595 -17.98 -6.33 -36.92
C ILE C 595 -17.45 -4.94 -37.27
N GLN C 596 -17.25 -4.66 -38.55
CA GLN C 596 -16.77 -3.33 -38.95
C GLN C 596 -17.81 -2.27 -38.59
N LYS C 597 -19.08 -2.53 -38.89
CA LYS C 597 -20.13 -1.58 -38.56
C LYS C 597 -20.27 -1.43 -37.05
N THR C 598 -20.27 -2.55 -36.33
CA THR C 598 -20.50 -2.52 -34.88
C THR C 598 -19.44 -1.69 -34.17
N THR C 599 -18.17 -1.87 -34.52
CA THR C 599 -17.07 -1.25 -33.81
C THR C 599 -16.58 0.03 -34.47
N ALA C 600 -17.37 0.61 -35.39
CA ALA C 600 -16.87 1.72 -36.20
C ALA C 600 -16.57 2.95 -35.36
N ASP C 601 -17.31 3.16 -34.27
CA ASP C 601 -17.16 4.35 -33.43
C ASP C 601 -16.37 4.07 -32.16
N LEU C 602 -15.71 2.93 -32.06
CA LEU C 602 -15.00 2.55 -30.86
C LEU C 602 -13.54 2.97 -30.92
N GLN C 603 -12.95 3.16 -29.74
CA GLN C 603 -11.53 3.42 -29.62
C GLN C 603 -10.74 2.11 -29.76
N PRO C 604 -9.45 2.20 -30.07
CA PRO C 604 -8.67 0.95 -30.22
C PRO C 604 -8.75 0.00 -29.04
N GLN C 605 -8.61 0.50 -27.81
CA GLN C 605 -8.73 -0.36 -26.63
C GLN C 605 -10.05 -1.14 -26.66
N GLN C 606 -11.13 -0.48 -27.05
CA GLN C 606 -12.45 -1.10 -27.04
C GLN C 606 -12.62 -2.10 -28.20
N VAL C 607 -12.02 -1.81 -29.36
CA VAL C 607 -12.09 -2.76 -30.47
C VAL C 607 -11.40 -4.06 -30.09
N HIS C 608 -10.30 -3.97 -29.34
CA HIS C 608 -9.54 -5.15 -28.98
C HIS C 608 -10.31 -6.01 -27.97
N THR C 609 -10.96 -5.36 -26.99
CA THR C 609 -11.85 -6.10 -26.09
C THR C 609 -12.91 -6.85 -26.88
N PHE C 610 -13.47 -6.21 -27.92
CA PHE C 610 -14.49 -6.86 -28.74
C PHE C 610 -13.93 -8.10 -29.41
N TYR C 611 -12.80 -7.96 -30.10
CA TYR C 611 -12.17 -9.12 -30.75
C TYR C 611 -11.84 -10.19 -29.72
N LYS C 612 -11.37 -9.79 -28.54
CA LYS C 612 -11.11 -10.77 -27.49
C LYS C 612 -12.38 -11.53 -27.12
N ALA C 613 -13.50 -10.84 -27.01
CA ALA C 613 -14.76 -11.52 -26.70
C ALA C 613 -15.13 -12.52 -27.78
N CYS C 614 -14.83 -12.19 -29.04
CA CYS C 614 -15.12 -13.12 -30.13
C CYS C 614 -14.21 -14.35 -30.06
N GLY C 615 -12.96 -14.16 -29.70
CA GLY C 615 -12.07 -15.30 -29.52
C GLY C 615 -12.54 -16.25 -28.44
N ILE C 616 -13.18 -15.72 -27.39
CA ILE C 616 -13.73 -16.59 -26.35
C ILE C 616 -14.79 -17.51 -26.94
N ILE C 617 -15.70 -16.94 -27.75
CA ILE C 617 -16.75 -17.74 -28.38
C ILE C 617 -16.13 -18.77 -29.32
N ILE C 618 -15.20 -18.33 -30.18
CA ILE C 618 -14.65 -19.21 -31.19
C ILE C 618 -13.96 -20.42 -30.55
N SER C 619 -13.37 -20.24 -29.37
CA SER C 619 -12.70 -21.36 -28.71
C SER C 619 -13.67 -22.41 -28.20
N GLU C 620 -14.98 -22.12 -28.16
CA GLU C 620 -15.97 -23.13 -27.79
C GLU C 620 -16.24 -24.10 -28.93
N GLU C 621 -15.92 -23.74 -30.17
CA GLU C 621 -16.09 -24.63 -31.31
C GLU C 621 -14.94 -25.64 -31.31
N ARG C 622 -15.27 -26.91 -31.07
CA ARG C 622 -14.26 -27.95 -31.00
C ARG C 622 -14.01 -28.65 -32.33
N SER C 623 -14.82 -28.39 -33.35
CA SER C 623 -14.48 -28.80 -34.70
C SER C 623 -13.35 -27.93 -35.21
N VAL C 624 -12.19 -28.55 -35.46
CA VAL C 624 -11.01 -27.78 -35.86
C VAL C 624 -11.28 -26.99 -37.13
N ALA C 625 -11.95 -27.62 -38.11
CA ALA C 625 -12.16 -26.95 -39.39
C ALA C 625 -13.04 -25.72 -39.25
N GLU C 626 -14.13 -25.84 -38.48
CA GLU C 626 -15.02 -24.69 -38.31
C GLU C 626 -14.41 -23.64 -37.40
N ARG C 627 -13.63 -24.05 -36.40
CA ARG C 627 -12.99 -23.09 -35.51
C ARG C 627 -11.98 -22.25 -36.28
N ASN C 628 -11.20 -22.87 -37.17
CA ASN C 628 -10.21 -22.12 -37.93
C ASN C 628 -10.86 -21.20 -38.95
N ARG C 629 -12.01 -21.60 -39.51
CA ARG C 629 -12.73 -20.72 -40.43
C ARG C 629 -13.23 -19.48 -39.70
N LEU C 630 -13.88 -19.67 -38.55
CA LEU C 630 -14.30 -18.54 -37.73
C LEU C 630 -13.12 -17.63 -37.40
N LEU C 631 -11.99 -18.23 -37.02
CA LEU C 631 -10.80 -17.45 -36.73
C LEU C 631 -10.35 -16.62 -37.94
N SER C 632 -10.36 -17.24 -39.13
CA SER C 632 -9.96 -16.51 -40.33
C SER C 632 -10.91 -15.36 -40.63
N ASP C 633 -12.21 -15.59 -40.43
CA ASP C 633 -13.18 -14.52 -40.71
C ASP C 633 -13.07 -13.39 -39.69
N LEU C 634 -12.91 -13.74 -38.41
CA LEU C 634 -12.75 -12.71 -37.39
C LEU C 634 -11.57 -11.81 -37.70
N MET C 635 -10.46 -12.40 -38.14
CA MET C 635 -9.23 -11.65 -38.39
C MET C 635 -9.17 -11.07 -39.80
N GLN C 636 -10.26 -11.12 -40.55
CA GLN C 636 -10.23 -10.68 -41.95
C GLN C 636 -9.76 -9.23 -42.06
N LEU C 637 -10.36 -8.33 -41.27
CA LEU C 637 -10.00 -6.92 -41.35
C LEU C 637 -8.54 -6.68 -40.96
N PRO C 638 -8.08 -7.06 -39.77
CA PRO C 638 -6.67 -6.83 -39.44
C PRO C 638 -5.69 -7.55 -40.36
N ASN C 639 -6.09 -8.69 -40.93
CA ASN C 639 -5.19 -9.41 -41.83
C ASN C 639 -5.06 -8.69 -43.18
N MET C 640 -6.14 -8.08 -43.67
CA MET C 640 -6.05 -7.34 -44.92
C MET C 640 -5.23 -6.07 -44.75
N ALA C 641 -5.46 -5.33 -43.66
CA ALA C 641 -4.61 -4.18 -43.36
C ALA C 641 -3.16 -4.62 -43.19
N TRP C 642 -2.94 -5.74 -42.50
CA TRP C 642 -1.61 -6.29 -42.35
C TRP C 642 -0.97 -6.54 -43.72
N ASP C 643 -1.64 -7.32 -44.57
CA ASP C 643 -1.11 -7.61 -45.90
C ASP C 643 -0.79 -6.33 -46.65
N THR C 644 -1.66 -5.33 -46.56
CA THR C 644 -1.42 -4.07 -47.27
C THR C 644 -0.14 -3.40 -46.78
N ILE C 645 0.09 -3.41 -45.46
CA ILE C 645 1.27 -2.72 -44.92
C ILE C 645 2.53 -3.48 -45.25
N VAL C 646 2.53 -4.80 -45.06
CA VAL C 646 3.73 -5.58 -45.36
C VAL C 646 4.15 -5.39 -46.80
N GLU C 647 3.19 -5.15 -47.71
CA GLU C 647 3.53 -4.90 -49.10
C GLU C 647 4.22 -3.55 -49.26
N GLN C 648 3.61 -2.49 -48.72
CA GLN C 648 4.14 -1.14 -48.90
C GLN C 648 5.19 -0.76 -47.87
N SER C 649 5.17 -1.38 -46.69
CA SER C 649 6.17 -1.08 -45.68
C SER C 649 7.56 -1.50 -46.12
N THR C 650 7.66 -2.67 -46.76
CA THR C 650 8.93 -3.10 -47.32
C THR C 650 9.30 -2.29 -48.56
N ALA C 651 8.31 -1.86 -49.33
CA ALA C 651 8.58 -1.08 -50.53
C ALA C 651 9.35 0.19 -50.19
N ASN C 652 8.85 0.98 -49.24
CA ASN C 652 9.49 2.21 -48.80
C ASN C 652 9.60 2.19 -47.29
N PRO C 653 10.71 1.65 -46.75
CA PRO C 653 10.85 1.55 -45.29
C PRO C 653 10.68 2.88 -44.55
N THR C 654 10.75 4.01 -45.24
CA THR C 654 10.54 5.30 -44.56
C THR C 654 9.10 5.47 -44.11
N LEU C 655 8.16 4.67 -44.64
CA LEU C 655 6.77 4.79 -44.21
C LEU C 655 6.61 4.58 -42.72
N LEU C 656 7.42 3.69 -42.13
CA LEU C 656 7.35 3.45 -40.70
C LEU C 656 7.72 4.67 -39.88
N LEU C 657 8.21 5.75 -40.51
CA LEU C 657 8.34 7.02 -39.82
C LEU C 657 7.04 7.80 -39.84
N ASP C 658 6.11 7.44 -40.72
CA ASP C 658 4.76 8.02 -40.70
C ASP C 658 4.04 7.52 -39.45
N SER C 659 3.74 8.44 -38.53
CA SER C 659 3.10 8.06 -37.28
C SER C 659 1.78 7.33 -37.52
N GLU C 660 1.10 7.62 -38.63
CA GLU C 660 -0.16 6.94 -38.90
C GLU C 660 0.05 5.47 -39.20
N THR C 661 1.06 5.15 -40.00
CA THR C 661 1.35 3.74 -40.30
C THR C 661 1.81 3.00 -39.04
N VAL C 662 2.64 3.65 -38.22
CA VAL C 662 3.11 3.03 -36.98
C VAL C 662 1.92 2.68 -36.09
N LYS C 663 0.99 3.62 -35.91
CA LYS C 663 -0.15 3.36 -35.05
C LYS C 663 -1.04 2.26 -35.63
N ILE C 664 -1.25 2.26 -36.95
CA ILE C 664 -2.02 1.21 -37.58
C ILE C 664 -1.39 -0.14 -37.30
N ILE C 665 -0.08 -0.25 -37.49
CA ILE C 665 0.62 -1.52 -37.26
C ILE C 665 0.44 -1.97 -35.82
N ALA C 666 0.70 -1.07 -34.88
CA ALA C 666 0.60 -1.43 -33.47
C ALA C 666 -0.80 -1.94 -33.13
N ASN C 667 -1.83 -1.34 -33.72
CA ASN C 667 -3.20 -1.75 -33.41
C ASN C 667 -3.53 -3.10 -34.04
N ILE C 668 -2.95 -3.41 -35.20
CA ILE C 668 -3.14 -4.74 -35.78
C ILE C 668 -2.53 -5.80 -34.87
N ILE C 669 -1.32 -5.56 -34.37
N ILE C 669 -1.32 -5.57 -34.39
CA ILE C 669 -0.67 -6.53 -33.50
CA ILE C 669 -0.67 -6.53 -33.50
C ILE C 669 -1.42 -6.67 -32.19
C ILE C 669 -1.46 -6.67 -32.21
N LYS C 670 -1.90 -5.55 -31.63
CA LYS C 670 -2.67 -5.61 -30.40
C LYS C 670 -3.96 -6.39 -30.58
N THR C 671 -4.54 -6.37 -31.78
CA THR C 671 -5.71 -7.17 -32.05
C THR C 671 -5.36 -8.66 -32.03
N ASN C 672 -4.21 -9.03 -32.58
CA ASN C 672 -3.77 -10.42 -32.51
C ASN C 672 -3.48 -10.84 -31.07
N VAL C 673 -2.91 -9.94 -30.27
CA VAL C 673 -2.68 -10.24 -28.87
C VAL C 673 -4.00 -10.49 -28.16
N ALA C 674 -4.99 -9.64 -28.42
CA ALA C 674 -6.29 -9.78 -27.76
C ALA C 674 -6.92 -11.14 -28.09
N VAL C 675 -6.98 -11.48 -29.37
CA VAL C 675 -7.57 -12.76 -29.76
C VAL C 675 -6.73 -13.92 -29.23
N CYS C 676 -5.40 -13.79 -29.30
CA CYS C 676 -4.54 -14.86 -28.79
C CYS C 676 -4.72 -15.04 -27.28
N THR C 677 -5.07 -13.97 -26.57
CA THR C 677 -5.29 -14.10 -25.13
C THR C 677 -6.50 -15.00 -24.85
N SER C 678 -7.54 -14.90 -25.67
CA SER C 678 -8.74 -15.70 -25.47
C SER C 678 -8.56 -17.14 -25.95
N MET C 679 -7.83 -17.33 -27.05
CA MET C 679 -7.81 -18.61 -27.73
C MET C 679 -6.60 -19.48 -27.38
N GLY C 680 -5.50 -18.88 -26.95
CA GLY C 680 -4.32 -19.65 -26.61
C GLY C 680 -3.87 -20.60 -27.71
N ALA C 681 -3.84 -21.90 -27.39
CA ALA C 681 -3.34 -22.89 -28.34
C ALA C 681 -4.08 -22.86 -29.67
N ASP C 682 -5.37 -22.49 -29.64
CA ASP C 682 -6.15 -22.45 -30.88
C ASP C 682 -5.75 -21.31 -31.79
N PHE C 683 -4.96 -20.36 -31.32
CA PHE C 683 -4.56 -19.21 -32.14
C PHE C 683 -3.47 -19.55 -33.14
N TYR C 684 -2.84 -20.72 -33.03
CA TYR C 684 -1.70 -21.06 -33.87
C TYR C 684 -1.93 -20.82 -35.35
N PRO C 685 -3.06 -21.20 -35.95
CA PRO C 685 -3.24 -20.94 -37.39
C PRO C 685 -3.07 -19.47 -37.74
N GLN C 686 -3.67 -18.56 -36.97
CA GLN C 686 -3.54 -17.14 -37.25
C GLN C 686 -2.11 -16.67 -37.06
N LEU C 687 -1.42 -17.19 -36.03
CA LEU C 687 -0.04 -16.79 -35.80
C LEU C 687 0.83 -17.15 -36.99
N GLY C 688 0.64 -18.34 -37.56
CA GLY C 688 1.41 -18.75 -38.72
C GLY C 688 1.15 -17.90 -39.94
N HIS C 689 -0.02 -17.25 -40.02
CA HIS C 689 -0.32 -16.39 -41.15
C HIS C 689 0.58 -15.15 -41.17
N ILE C 690 0.95 -14.64 -40.00
CA ILE C 690 1.69 -13.39 -39.90
C ILE C 690 3.11 -13.58 -39.40
N TYR C 691 3.49 -14.77 -38.94
CA TYR C 691 4.68 -14.92 -38.12
C TYR C 691 5.94 -14.45 -38.85
N TYR C 692 6.22 -15.04 -40.02
CA TYR C 692 7.49 -14.76 -40.67
C TYR C 692 7.59 -13.30 -41.09
N ASN C 693 6.51 -12.72 -41.61
CA ASN C 693 6.54 -11.31 -41.96
C ASN C 693 6.55 -10.42 -40.72
N MET C 694 6.00 -10.90 -39.60
CA MET C 694 6.05 -10.14 -38.37
C MET C 694 7.48 -10.00 -37.87
N LEU C 695 8.27 -11.07 -37.94
CA LEU C 695 9.66 -10.99 -37.51
C LEU C 695 10.50 -10.14 -38.44
N GLN C 696 10.20 -10.15 -39.74
CA GLN C 696 10.84 -9.23 -40.66
C GLN C 696 10.52 -7.78 -40.29
N LEU C 697 9.28 -7.51 -39.92
CA LEU C 697 8.90 -6.18 -39.44
C LEU C 697 9.66 -5.85 -38.17
N TYR C 698 9.81 -6.82 -37.26
CA TYR C 698 10.58 -6.59 -36.05
C TYR C 698 12.00 -6.14 -36.39
N ARG C 699 12.61 -6.73 -37.41
CA ARG C 699 13.96 -6.36 -37.81
C ARG C 699 13.99 -4.97 -38.43
N ALA C 700 13.05 -4.68 -39.33
CA ALA C 700 13.03 -3.37 -39.98
C ALA C 700 12.82 -2.26 -38.96
N VAL C 701 11.83 -2.44 -38.07
CA VAL C 701 11.60 -1.47 -37.00
C VAL C 701 12.88 -1.28 -36.17
N SER C 702 13.58 -2.38 -35.88
CA SER C 702 14.80 -2.29 -35.09
C SER C 702 15.83 -1.40 -35.77
N SER C 703 16.03 -1.58 -37.08
CA SER C 703 17.00 -0.78 -37.81
C SER C 703 16.69 0.70 -37.70
N MET C 704 15.41 1.06 -37.73
CA MET C 704 15.03 2.48 -37.71
C MET C 704 15.31 3.09 -36.35
N ILE C 705 14.90 2.42 -35.28
CA ILE C 705 15.25 2.87 -33.93
C ILE C 705 16.75 3.10 -33.84
N SER C 706 17.54 2.13 -34.30
CA SER C 706 18.99 2.28 -34.26
C SER C 706 19.45 3.45 -35.13
N ALA C 707 18.87 3.58 -36.34
CA ALA C 707 19.25 4.68 -37.21
C ALA C 707 18.81 6.02 -36.66
N GLN C 708 17.71 6.05 -35.90
CA GLN C 708 17.25 7.30 -35.31
C GLN C 708 18.13 7.73 -34.16
N VAL C 709 18.56 6.78 -33.32
CA VAL C 709 19.45 7.11 -32.20
C VAL C 709 20.82 7.54 -32.72
N ALA C 710 21.27 6.93 -33.82
CA ALA C 710 22.56 7.33 -34.39
C ALA C 710 22.50 8.77 -34.90
N ALA C 711 21.37 9.18 -35.47
CA ALA C 711 21.24 10.49 -36.09
C ALA C 711 20.80 11.58 -35.13
N GLU C 712 20.14 11.23 -34.02
CA GLU C 712 19.64 12.23 -33.08
C GLU C 712 20.22 12.10 -31.68
N GLY C 713 20.87 10.99 -31.34
CA GLY C 713 21.35 10.77 -30.00
C GLY C 713 20.34 10.00 -29.15
N LEU C 714 20.72 9.78 -27.89
CA LEU C 714 19.87 8.99 -27.01
C LEU C 714 18.51 9.62 -26.80
N ILE C 715 18.41 10.95 -26.92
CA ILE C 715 17.13 11.62 -26.71
C ILE C 715 16.07 11.10 -27.69
N ALA C 716 16.50 10.49 -28.80
CA ALA C 716 15.55 9.93 -29.76
C ALA C 716 14.60 8.93 -29.12
N THR C 717 15.07 8.20 -28.10
CA THR C 717 14.22 7.20 -27.45
C THR C 717 13.00 7.82 -26.77
N LYS C 718 13.07 9.10 -26.42
CA LYS C 718 11.94 9.80 -25.81
C LYS C 718 10.96 10.34 -26.85
N THR C 719 11.33 10.37 -28.13
CA THR C 719 10.49 10.99 -29.13
C THR C 719 9.26 10.12 -29.43
N PRO C 720 8.16 10.72 -29.85
CA PRO C 720 6.97 9.92 -30.18
C PRO C 720 7.21 8.94 -31.32
N LYS C 721 8.03 9.31 -32.31
CA LYS C 721 8.32 8.40 -33.41
C LYS C 721 8.95 7.11 -32.92
N VAL C 722 10.02 7.22 -32.12
CA VAL C 722 10.73 6.04 -31.66
C VAL C 722 9.88 5.28 -30.64
N ARG C 723 9.18 5.98 -29.76
CA ARG C 723 8.30 5.29 -28.81
C ARG C 723 7.23 4.49 -29.54
N GLY C 724 6.78 4.97 -30.70
CA GLY C 724 5.82 4.21 -31.49
C GLY C 724 6.44 3.01 -32.16
N LEU C 725 7.69 3.15 -32.61
CA LEU C 725 8.39 2.02 -33.21
C LEU C 725 8.68 0.95 -32.17
N ARG C 726 9.06 1.34 -30.96
CA ARG C 726 9.31 0.37 -29.90
C ARG C 726 8.03 -0.32 -29.45
N THR C 727 6.90 0.38 -29.53
CA THR C 727 5.62 -0.26 -29.22
C THR C 727 5.39 -1.46 -30.13
N ILE C 728 5.66 -1.30 -31.43
CA ILE C 728 5.55 -2.43 -32.36
C ILE C 728 6.36 -3.62 -31.85
N LYS C 729 7.64 -3.39 -31.56
CA LYS C 729 8.50 -4.47 -31.09
C LYS C 729 7.94 -5.09 -29.80
N LYS C 730 7.42 -4.27 -28.89
CA LYS C 730 6.95 -4.78 -27.62
C LYS C 730 5.68 -5.62 -27.79
N GLU C 731 4.77 -5.19 -28.66
CA GLU C 731 3.55 -5.96 -28.90
C GLU C 731 3.84 -7.25 -29.64
N ILE C 732 4.82 -7.25 -30.54
CA ILE C 732 5.23 -8.47 -31.22
C ILE C 732 5.76 -9.48 -30.20
N LEU C 733 6.60 -9.02 -29.28
CA LEU C 733 7.12 -9.91 -28.24
C LEU C 733 6.00 -10.38 -27.32
N LYS C 734 5.04 -9.50 -27.00
CA LYS C 734 3.93 -9.90 -26.15
C LYS C 734 3.05 -10.93 -26.83
N LEU C 735 2.88 -10.82 -28.14
CA LEU C 735 2.08 -11.80 -28.88
C LEU C 735 2.75 -13.16 -28.85
N VAL C 736 4.06 -13.21 -29.16
CA VAL C 736 4.79 -14.48 -29.13
C VAL C 736 4.80 -15.04 -27.72
N GLU C 737 5.06 -14.19 -26.73
CA GLU C 737 5.03 -14.63 -25.35
C GLU C 737 3.66 -15.20 -24.98
N THR C 738 2.59 -14.52 -25.41
CA THR C 738 1.25 -14.97 -25.06
C THR C 738 0.96 -16.34 -25.66
N TYR C 739 1.33 -16.57 -26.91
CA TYR C 739 1.04 -17.87 -27.52
C TYR C 739 1.85 -18.98 -26.88
N ILE C 740 3.17 -18.79 -26.78
CA ILE C 740 4.04 -19.87 -26.32
C ILE C 740 3.66 -20.29 -24.91
N SER C 741 3.28 -19.34 -24.05
CA SER C 741 2.91 -19.67 -22.69
C SER C 741 1.64 -20.51 -22.60
N LYS C 742 0.86 -20.59 -23.69
CA LYS C 742 -0.37 -21.36 -23.71
C LYS C 742 -0.33 -22.51 -24.72
N ALA C 743 0.74 -22.65 -25.49
CA ALA C 743 0.79 -23.65 -26.54
C ALA C 743 0.67 -25.05 -25.95
N ARG C 744 -0.03 -25.92 -26.68
CA ARG C 744 -0.09 -27.34 -26.33
C ARG C 744 0.77 -28.20 -27.25
N ASN C 745 1.16 -27.69 -28.41
CA ASN C 745 2.00 -28.40 -29.36
C ASN C 745 3.40 -27.78 -29.29
N LEU C 746 4.24 -28.36 -28.45
CA LEU C 746 5.57 -27.79 -28.21
C LEU C 746 6.58 -28.20 -29.28
N ASP C 747 6.32 -29.27 -30.03
CA ASP C 747 7.17 -29.59 -31.17
C ASP C 747 7.17 -28.46 -32.18
N ASP C 748 5.98 -27.93 -32.49
CA ASP C 748 5.89 -26.82 -33.44
C ASP C 748 6.54 -25.56 -32.87
N VAL C 749 6.37 -25.32 -31.57
CA VAL C 749 7.03 -24.18 -30.93
C VAL C 749 8.53 -24.23 -31.19
N VAL C 750 9.14 -25.38 -30.91
CA VAL C 750 10.58 -25.50 -31.04
C VAL C 750 10.99 -25.49 -32.52
N LYS C 751 10.32 -26.29 -33.34
CA LYS C 751 10.78 -26.54 -34.69
C LYS C 751 10.38 -25.44 -35.68
N VAL C 752 9.43 -24.58 -35.31
CA VAL C 752 8.93 -23.54 -36.19
C VAL C 752 9.20 -22.14 -35.63
N LEU C 753 8.91 -21.94 -34.34
CA LEU C 753 8.86 -20.60 -33.77
C LEU C 753 10.20 -20.14 -33.21
N VAL C 754 10.87 -20.98 -32.42
CA VAL C 754 11.98 -20.51 -31.59
C VAL C 754 13.12 -20.00 -32.47
N GLU C 755 13.50 -20.77 -33.48
CA GLU C 755 14.70 -20.41 -34.26
C GLU C 755 14.56 -19.06 -34.94
N PRO C 756 13.49 -18.77 -35.69
CA PRO C 756 13.35 -17.40 -36.23
C PRO C 756 13.26 -16.34 -35.15
N LEU C 757 12.63 -16.66 -34.01
CA LEU C 757 12.49 -15.68 -32.94
C LEU C 757 13.85 -15.27 -32.40
N LEU C 758 14.68 -16.24 -32.03
CA LEU C 758 15.98 -15.91 -31.44
C LEU C 758 16.86 -15.15 -32.42
N ASN C 759 16.83 -15.54 -33.70
CA ASN C 759 17.61 -14.82 -34.70
C ASN C 759 17.15 -13.38 -34.83
N ALA C 760 15.88 -13.10 -34.54
CA ALA C 760 15.32 -11.77 -34.74
C ALA C 760 15.56 -10.84 -33.56
N VAL C 761 15.69 -11.36 -32.33
CA VAL C 761 15.67 -10.53 -31.15
C VAL C 761 17.00 -10.50 -30.41
N LEU C 762 17.77 -11.58 -30.42
CA LEU C 762 18.92 -11.68 -29.52
C LEU C 762 20.04 -10.74 -29.96
N GLU C 763 20.51 -10.87 -31.20
CA GLU C 763 21.58 -10.01 -31.68
C GLU C 763 21.17 -8.55 -31.63
N ASP C 764 19.91 -8.25 -31.95
CA ASP C 764 19.43 -6.87 -31.89
C ASP C 764 19.52 -6.32 -30.47
N TYR C 765 19.16 -7.14 -29.48
CA TYR C 765 19.27 -6.71 -28.08
C TYR C 765 20.73 -6.50 -27.69
N MET C 766 21.60 -7.44 -28.08
CA MET C 766 22.99 -7.38 -27.65
C MET C 766 23.72 -6.17 -28.23
N ASN C 767 23.43 -5.81 -29.47
CA ASN C 767 24.22 -4.82 -30.20
C ASN C 767 23.59 -3.44 -30.18
N ASN C 768 22.50 -3.24 -29.45
CA ASN C 768 21.97 -1.91 -29.20
C ASN C 768 22.62 -1.29 -27.97
N VAL C 769 22.63 0.03 -27.92
CA VAL C 769 23.14 0.73 -26.75
C VAL C 769 22.20 0.45 -25.59
N PRO C 770 22.66 0.55 -24.34
CA PRO C 770 21.78 0.21 -23.20
C PRO C 770 20.40 0.85 -23.24
N ASP C 771 20.30 2.12 -23.63
CA ASP C 771 19.03 2.83 -23.56
C ASP C 771 18.05 2.43 -24.66
N ALA C 772 18.47 1.60 -25.62
CA ALA C 772 17.59 1.13 -26.69
C ALA C 772 17.20 -0.33 -26.53
N ARG C 773 17.70 -1.03 -25.52
CA ARG C 773 17.36 -2.42 -25.30
C ARG C 773 16.00 -2.53 -24.62
N ASP C 774 15.14 -3.40 -25.15
CA ASP C 774 13.82 -3.62 -24.60
C ASP C 774 13.88 -4.72 -23.54
N ALA C 775 13.48 -4.37 -22.31
CA ALA C 775 13.41 -5.37 -21.26
C ALA C 775 12.40 -6.47 -21.60
N GLU C 776 11.47 -6.20 -22.51
CA GLU C 776 10.48 -7.21 -22.91
C GLU C 776 11.16 -8.40 -23.58
N VAL C 777 12.31 -8.18 -24.23
CA VAL C 777 13.06 -9.32 -24.77
C VAL C 777 13.36 -10.33 -23.68
N LEU C 778 13.86 -9.84 -22.53
CA LEU C 778 14.16 -10.74 -21.42
C LEU C 778 12.91 -11.48 -20.97
N ASN C 779 11.80 -10.75 -20.80
CA ASN C 779 10.56 -11.38 -20.39
C ASN C 779 10.12 -12.44 -21.39
N CYS C 780 10.22 -12.13 -22.69
CA CYS C 780 9.84 -13.12 -23.70
C CYS C 780 10.71 -14.36 -23.59
N MET C 781 12.03 -14.17 -23.47
CA MET C 781 12.92 -15.32 -23.33
C MET C 781 12.61 -16.14 -22.09
N THR C 782 12.18 -15.49 -21.01
CA THR C 782 11.82 -16.23 -19.80
C THR C 782 10.72 -17.24 -20.10
N THR C 783 9.70 -16.83 -20.87
CA THR C 783 8.62 -17.74 -21.22
C THR C 783 9.11 -18.86 -22.14
N VAL C 784 9.94 -18.52 -23.13
CA VAL C 784 10.49 -19.54 -24.01
C VAL C 784 11.20 -20.61 -23.19
N VAL C 785 12.08 -20.19 -22.28
CA VAL C 785 12.81 -21.15 -21.45
C VAL C 785 11.83 -21.93 -20.57
N GLU C 786 10.84 -21.24 -20.00
CA GLU C 786 9.90 -21.90 -19.10
C GLU C 786 9.22 -23.08 -19.79
N LYS C 787 8.75 -22.88 -21.02
CA LYS C 787 7.87 -23.85 -21.66
C LYS C 787 8.64 -24.91 -22.45
N VAL C 788 9.71 -24.53 -23.14
CA VAL C 788 10.44 -25.46 -23.99
C VAL C 788 11.93 -25.44 -23.66
N GLY C 789 12.28 -24.93 -22.48
CA GLY C 789 13.69 -24.84 -22.12
C GLY C 789 14.39 -26.18 -22.18
N HIS C 790 13.72 -27.23 -21.73
CA HIS C 790 14.31 -28.57 -21.73
C HIS C 790 14.58 -29.10 -23.14
N MET C 791 14.04 -28.48 -24.18
CA MET C 791 14.14 -28.99 -25.53
C MET C 791 15.10 -28.19 -26.41
N ILE C 792 15.68 -27.10 -25.92
CA ILE C 792 16.57 -26.27 -26.74
C ILE C 792 17.82 -25.91 -25.94
N PRO C 793 18.62 -26.88 -25.50
CA PRO C 793 19.82 -26.53 -24.73
C PRO C 793 20.76 -25.58 -25.48
N GLN C 794 20.89 -25.73 -26.79
CA GLN C 794 21.71 -24.80 -27.56
C GLN C 794 21.07 -23.42 -27.60
N GLY C 795 19.74 -23.37 -27.72
CA GLY C 795 19.05 -22.10 -27.71
C GLY C 795 19.24 -21.34 -26.41
N VAL C 796 19.16 -22.05 -25.28
CA VAL C 796 19.37 -21.41 -23.98
C VAL C 796 20.77 -20.82 -23.90
N ILE C 797 21.77 -21.62 -24.28
CA ILE C 797 23.14 -21.12 -24.32
C ILE C 797 23.20 -19.83 -25.14
N LEU C 798 22.52 -19.82 -26.29
CA LEU C 798 22.52 -18.64 -27.13
C LEU C 798 21.88 -17.44 -26.44
N ILE C 799 20.84 -17.69 -25.63
CA ILE C 799 20.21 -16.61 -24.88
C ILE C 799 21.19 -16.01 -23.89
N LEU C 800 21.85 -16.85 -23.09
CA LEU C 800 22.81 -16.34 -22.13
C LEU C 800 23.90 -15.51 -22.80
N GLN C 801 24.47 -16.04 -23.89
CA GLN C 801 25.55 -15.33 -24.56
C GLN C 801 25.12 -13.94 -25.02
N SER C 802 23.84 -13.77 -25.39
CA SER C 802 23.39 -12.53 -25.99
C SER C 802 22.90 -11.50 -24.98
N VAL C 803 22.42 -11.93 -23.81
CA VAL C 803 21.82 -11.00 -22.84
C VAL C 803 22.56 -10.96 -21.51
N PHE C 804 23.31 -12.00 -21.13
CA PHE C 804 23.78 -12.09 -19.75
C PHE C 804 24.73 -10.95 -19.41
N GLU C 805 25.89 -10.89 -20.08
CA GLU C 805 26.91 -9.94 -19.67
C GLU C 805 26.50 -8.49 -19.94
N CYS C 806 25.85 -8.24 -21.08
CA CYS C 806 25.50 -6.87 -21.41
C CYS C 806 24.37 -6.34 -20.54
N THR C 807 23.50 -7.22 -20.04
CA THR C 807 22.48 -6.78 -19.10
C THR C 807 23.05 -6.58 -17.70
N LEU C 808 23.92 -7.49 -17.26
CA LEU C 808 24.55 -7.34 -15.95
C LEU C 808 25.28 -6.02 -15.84
N ASP C 809 26.04 -5.64 -16.88
CA ASP C 809 26.78 -4.39 -16.84
C ASP C 809 25.85 -3.17 -16.81
N MET C 810 24.58 -3.34 -17.23
CA MET C 810 23.63 -2.24 -17.11
C MET C 810 23.20 -2.02 -15.67
N ILE C 811 23.18 -3.07 -14.86
CA ILE C 811 22.50 -3.03 -13.57
C ILE C 811 23.44 -3.23 -12.38
N ASN C 812 24.75 -3.36 -12.60
CA ASN C 812 25.66 -3.63 -11.51
C ASN C 812 26.46 -2.39 -11.08
N LYS C 813 25.97 -1.20 -11.42
CA LYS C 813 26.60 0.05 -10.97
C LYS C 813 25.79 0.76 -9.90
N ASP C 814 24.51 0.43 -9.76
CA ASP C 814 23.66 0.96 -8.70
C ASP C 814 22.43 0.06 -8.61
N PHE C 815 21.49 0.43 -7.75
CA PHE C 815 20.27 -0.33 -7.56
C PHE C 815 19.04 0.31 -8.20
N THR C 816 19.21 1.43 -8.92
CA THR C 816 18.08 2.21 -9.43
C THR C 816 17.94 2.16 -10.94
N GLU C 817 19.04 2.20 -11.68
CA GLU C 817 18.97 2.32 -13.14
C GLU C 817 18.38 1.06 -13.76
N TYR C 818 17.62 1.27 -14.84
CA TYR C 818 17.04 0.18 -15.62
C TYR C 818 16.28 -0.79 -14.71
N PRO C 819 15.27 -0.30 -13.97
CA PRO C 819 14.55 -1.19 -13.04
C PRO C 819 13.87 -2.37 -13.71
N GLU C 820 13.31 -2.16 -14.90
CA GLU C 820 12.62 -3.26 -15.58
C GLU C 820 13.60 -4.34 -16.02
N HIS C 821 14.71 -3.93 -16.64
CA HIS C 821 15.75 -4.90 -17.00
C HIS C 821 16.24 -5.66 -15.77
N ARG C 822 16.37 -4.96 -14.65
CA ARG C 822 16.80 -5.60 -13.41
C ARG C 822 15.88 -6.75 -13.04
N VAL C 823 14.57 -6.51 -12.99
CA VAL C 823 13.62 -7.53 -12.57
C VAL C 823 13.61 -8.69 -13.55
N GLU C 824 13.42 -8.42 -14.84
CA GLU C 824 13.34 -9.49 -15.83
C GLU C 824 14.63 -10.28 -15.92
N PHE C 825 15.76 -9.61 -15.66
CA PHE C 825 17.06 -10.28 -15.72
C PHE C 825 17.11 -11.46 -14.76
N TYR C 826 16.71 -11.25 -13.51
CA TYR C 826 16.79 -12.31 -12.51
C TYR C 826 15.65 -13.32 -12.64
N LYS C 827 14.53 -12.94 -13.23
CA LYS C 827 13.52 -13.93 -13.58
C LYS C 827 14.04 -14.89 -14.65
N LEU C 828 14.86 -14.37 -15.57
CA LEU C 828 15.40 -15.21 -16.63
C LEU C 828 16.48 -16.16 -16.09
N LEU C 829 17.45 -15.63 -15.34
CA LEU C 829 18.44 -16.49 -14.72
C LEU C 829 17.78 -17.54 -13.84
N LYS C 830 16.69 -17.18 -13.16
CA LYS C 830 16.00 -18.12 -12.28
C LYS C 830 15.44 -19.30 -13.06
N VAL C 831 14.76 -19.02 -14.18
CA VAL C 831 14.16 -20.11 -14.94
C VAL C 831 15.23 -20.90 -15.68
N ILE C 832 16.30 -20.25 -16.12
CA ILE C 832 17.41 -20.98 -16.72
C ILE C 832 18.04 -21.91 -15.70
N ASN C 833 18.21 -21.43 -14.46
CA ASN C 833 18.80 -22.26 -13.41
C ASN C 833 17.89 -23.43 -13.06
N GLU C 834 16.58 -23.28 -13.24
CA GLU C 834 15.65 -24.38 -12.97
C GLU C 834 15.63 -25.39 -14.09
N LYS C 835 15.43 -24.92 -15.33
CA LYS C 835 15.06 -25.79 -16.44
C LYS C 835 16.24 -26.21 -17.31
N SER C 836 17.34 -25.48 -17.28
N SER C 836 17.33 -25.45 -17.32
CA SER C 836 18.46 -25.73 -18.18
CA SER C 836 18.47 -25.77 -18.18
C SER C 836 19.77 -25.36 -17.48
C SER C 836 19.76 -25.35 -17.48
N PHE C 837 20.01 -25.95 -16.31
CA PHE C 837 21.24 -25.65 -15.57
C PHE C 837 22.49 -25.96 -16.36
N ALA C 838 22.40 -26.87 -17.34
CA ALA C 838 23.57 -27.20 -18.15
C ALA C 838 24.16 -25.95 -18.80
N ALA C 839 23.31 -24.96 -19.12
CA ALA C 839 23.80 -23.76 -19.79
C ALA C 839 24.86 -23.05 -18.96
N PHE C 840 24.73 -23.07 -17.63
CA PHE C 840 25.74 -22.45 -16.78
C PHE C 840 27.01 -23.30 -16.72
N LEU C 841 26.88 -24.62 -16.83
CA LEU C 841 28.06 -25.48 -16.86
C LEU C 841 28.92 -25.22 -18.09
N GLU C 842 28.33 -24.69 -19.17
CA GLU C 842 29.09 -24.36 -20.36
C GLU C 842 29.78 -23.00 -20.28
N LEU C 843 29.35 -22.15 -19.35
CA LEU C 843 29.94 -20.83 -19.25
C LEU C 843 31.44 -20.95 -18.97
N PRO C 844 32.28 -20.13 -19.59
CA PRO C 844 33.68 -20.09 -19.20
C PRO C 844 33.82 -19.72 -17.75
N PRO C 845 34.87 -20.18 -17.07
CA PRO C 845 35.02 -19.87 -15.64
C PRO C 845 34.81 -18.40 -15.30
N ALA C 846 35.26 -17.49 -16.16
CA ALA C 846 35.09 -16.06 -15.88
C ALA C 846 33.62 -15.67 -15.93
N ALA C 847 32.84 -16.29 -16.83
CA ALA C 847 31.43 -15.97 -16.93
C ALA C 847 30.64 -16.59 -15.78
N PHE C 848 31.01 -17.81 -15.36
CA PHE C 848 30.36 -18.40 -14.20
C PHE C 848 30.66 -17.60 -12.93
N LYS C 849 31.81 -16.94 -12.89
CA LYS C 849 32.14 -16.08 -11.76
C LYS C 849 31.26 -14.85 -11.73
N LEU C 850 30.95 -14.30 -12.91
CA LEU C 850 29.98 -13.20 -12.99
C LEU C 850 28.59 -13.68 -12.58
N PHE C 851 28.23 -14.92 -12.95
CA PHE C 851 26.95 -15.46 -12.55
C PHE C 851 26.82 -15.49 -11.03
N VAL C 852 27.88 -15.94 -10.34
CA VAL C 852 27.87 -15.92 -8.88
C VAL C 852 27.81 -14.49 -8.35
N ASP C 853 28.63 -13.60 -8.94
CA ASP C 853 28.60 -12.20 -8.53
C ASP C 853 27.21 -11.61 -8.68
N ALA C 854 26.51 -11.97 -9.76
CA ALA C 854 25.18 -11.41 -10.01
C ALA C 854 24.17 -11.89 -8.98
N ILE C 855 24.30 -13.13 -8.52
CA ILE C 855 23.38 -13.65 -7.50
C ILE C 855 23.54 -12.87 -6.20
N CYS C 856 24.78 -12.74 -5.72
CA CYS C 856 25.02 -11.98 -4.50
C CYS C 856 24.61 -10.53 -4.66
N TRP C 857 24.82 -9.96 -5.85
CA TRP C 857 24.33 -8.61 -6.12
C TRP C 857 22.84 -8.51 -5.88
N ALA C 858 22.08 -9.55 -6.26
CA ALA C 858 20.65 -9.57 -6.01
C ALA C 858 20.34 -9.61 -4.51
N PHE C 859 21.14 -10.34 -3.73
CA PHE C 859 20.96 -10.35 -2.28
C PHE C 859 20.85 -8.93 -1.73
N LYS C 860 21.71 -8.03 -2.21
CA LYS C 860 21.87 -6.71 -1.61
C LYS C 860 20.82 -5.71 -2.06
N HIS C 861 19.85 -6.11 -2.88
CA HIS C 861 18.79 -5.20 -3.27
C HIS C 861 17.75 -5.10 -2.17
N ASN C 862 17.27 -3.87 -1.92
CA ASN C 862 16.07 -3.69 -1.13
C ASN C 862 14.83 -4.02 -1.94
N ASN C 863 14.90 -3.80 -3.25
CA ASN C 863 13.85 -4.20 -4.17
C ASN C 863 13.46 -5.66 -3.92
N ARG C 864 12.19 -5.88 -3.60
CA ARG C 864 11.72 -7.22 -3.25
C ARG C 864 11.67 -8.12 -4.49
N ASP C 865 11.31 -7.56 -5.64
CA ASP C 865 11.26 -8.36 -6.87
C ASP C 865 12.62 -8.99 -7.16
N VAL C 866 13.70 -8.24 -6.94
CA VAL C 866 15.03 -8.74 -7.24
C VAL C 866 15.55 -9.62 -6.10
N GLU C 867 15.37 -9.15 -4.86
CA GLU C 867 15.99 -9.83 -3.71
C GLU C 867 15.49 -11.26 -3.58
N VAL C 868 14.18 -11.47 -3.69
CA VAL C 868 13.61 -12.80 -3.50
C VAL C 868 14.16 -13.76 -4.54
N ASN C 869 14.19 -13.33 -5.80
CA ASN C 869 14.72 -14.20 -6.86
C ASN C 869 16.20 -14.50 -6.64
N GLY C 870 16.97 -13.48 -6.25
CA GLY C 870 18.38 -13.72 -5.96
C GLY C 870 18.59 -14.79 -4.91
N LEU C 871 17.76 -14.79 -3.86
CA LEU C 871 17.90 -15.80 -2.82
C LEU C 871 17.44 -17.16 -3.31
N GLN C 872 16.42 -17.20 -4.16
CA GLN C 872 15.97 -18.48 -4.71
C GLN C 872 16.99 -19.05 -5.68
N ILE C 873 17.58 -18.22 -6.53
CA ILE C 873 18.60 -18.69 -7.45
C ILE C 873 19.76 -19.30 -6.68
N ALA C 874 20.20 -18.63 -5.61
CA ALA C 874 21.28 -19.16 -4.78
C ALA C 874 20.90 -20.52 -4.22
N LEU C 875 19.70 -20.64 -3.66
CA LEU C 875 19.25 -21.90 -3.09
C LEU C 875 19.17 -22.99 -4.16
N ASP C 876 18.59 -22.65 -5.32
CA ASP C 876 18.47 -23.62 -6.40
C ASP C 876 19.82 -24.01 -6.97
N LEU C 877 20.76 -23.06 -7.02
CA LEU C 877 22.09 -23.36 -7.52
C LEU C 877 22.81 -24.36 -6.63
N VAL C 878 22.73 -24.16 -5.31
CA VAL C 878 23.33 -25.10 -4.37
C VAL C 878 22.77 -26.49 -4.57
N LYS C 879 21.46 -26.60 -4.81
CA LYS C 879 20.86 -27.91 -5.01
C LYS C 879 21.29 -28.52 -6.34
N ASN C 880 21.38 -27.70 -7.40
CA ASN C 880 21.88 -28.19 -8.67
C ASN C 880 23.29 -28.75 -8.53
N ILE C 881 24.18 -27.96 -7.91
CA ILE C 881 25.55 -28.42 -7.65
C ILE C 881 25.52 -29.73 -6.86
N GLU C 882 24.72 -29.77 -5.79
CA GLU C 882 24.67 -30.96 -4.95
C GLU C 882 24.24 -32.19 -5.75
N ARG C 883 23.25 -32.04 -6.62
CA ARG C 883 22.78 -33.17 -7.41
C ARG C 883 23.87 -33.74 -8.32
N MET C 884 24.91 -32.96 -8.62
CA MET C 884 25.98 -33.44 -9.48
C MET C 884 26.84 -34.50 -8.79
N GLY C 885 26.74 -34.63 -7.47
CA GLY C 885 27.53 -35.62 -6.76
C GLY C 885 28.98 -35.18 -6.61
N ASN C 886 29.86 -36.17 -6.48
CA ASN C 886 31.29 -35.93 -6.26
C ASN C 886 31.98 -35.92 -7.62
N VAL C 887 31.88 -34.78 -8.30
CA VAL C 887 32.53 -34.59 -9.60
C VAL C 887 33.36 -33.31 -9.54
N PRO C 888 34.29 -33.14 -10.48
CA PRO C 888 35.19 -31.98 -10.42
C PRO C 888 34.48 -30.63 -10.39
N PHE C 889 33.41 -30.46 -11.18
CA PHE C 889 32.76 -29.15 -11.22
C PHE C 889 32.14 -28.80 -9.88
N ALA C 890 31.52 -29.77 -9.21
CA ALA C 890 30.94 -29.52 -7.90
C ALA C 890 32.04 -29.29 -6.86
N ASN C 891 33.11 -30.07 -6.92
CA ASN C 891 34.23 -29.87 -6.00
C ASN C 891 34.83 -28.48 -6.17
N GLU C 892 34.99 -28.03 -7.42
CA GLU C 892 35.57 -26.71 -7.66
C GLU C 892 34.61 -25.60 -7.23
N PHE C 893 33.31 -25.80 -7.43
CA PHE C 893 32.33 -24.80 -7.01
C PHE C 893 32.46 -24.53 -5.52
N HIS C 894 32.48 -25.58 -4.71
CA HIS C 894 32.58 -25.40 -3.26
C HIS C 894 33.89 -24.72 -2.88
N LYS C 895 35.01 -25.17 -3.47
CA LYS C 895 36.30 -24.54 -3.18
C LYS C 895 36.27 -23.06 -3.51
N ASN C 896 35.57 -22.68 -4.58
CA ASN C 896 35.61 -21.31 -5.08
C ASN C 896 34.53 -20.41 -4.46
N TYR C 897 33.35 -20.94 -4.17
CA TYR C 897 32.19 -20.10 -3.90
C TYR C 897 31.39 -20.46 -2.65
N PHE C 898 31.77 -21.50 -1.91
CA PHE C 898 31.00 -21.86 -0.72
C PHE C 898 31.02 -20.72 0.30
N PHE C 899 32.22 -20.30 0.72
CA PHE C 899 32.32 -19.26 1.73
C PHE C 899 31.89 -17.89 1.22
N ILE C 900 31.92 -17.68 -0.09
CA ILE C 900 31.38 -16.44 -0.64
C ILE C 900 29.89 -16.35 -0.40
N PHE C 901 29.17 -17.48 -0.59
CA PHE C 901 27.74 -17.48 -0.33
C PHE C 901 27.44 -17.43 1.16
N VAL C 902 28.25 -18.11 1.97
CA VAL C 902 28.05 -18.08 3.41
C VAL C 902 28.23 -16.68 3.95
N SER C 903 29.32 -16.01 3.55
CA SER C 903 29.63 -14.70 4.10
C SER C 903 28.69 -13.63 3.54
N GLU C 904 28.37 -13.71 2.24
CA GLU C 904 27.44 -12.75 1.67
C GLU C 904 26.05 -12.91 2.28
N THR C 905 25.62 -14.15 2.51
CA THR C 905 24.33 -14.38 3.16
C THR C 905 24.34 -13.83 4.58
N PHE C 906 25.41 -14.09 5.34
CA PHE C 906 25.50 -13.56 6.69
C PHE C 906 25.46 -12.04 6.69
N PHE C 907 26.07 -11.41 5.68
CA PHE C 907 26.16 -9.96 5.65
C PHE C 907 24.78 -9.32 5.57
N VAL C 908 23.91 -9.82 4.69
CA VAL C 908 22.58 -9.23 4.57
C VAL C 908 21.70 -9.63 5.75
N LEU C 909 21.98 -10.79 6.37
CA LEU C 909 21.24 -11.18 7.55
C LEU C 909 21.44 -10.20 8.71
N THR C 910 22.62 -9.59 8.79
CA THR C 910 23.02 -8.83 9.97
C THR C 910 23.20 -7.34 9.72
N ASP C 911 23.06 -6.87 8.48
CA ASP C 911 23.33 -5.45 8.21
C ASP C 911 22.13 -4.56 8.48
N SER C 912 20.97 -5.12 8.83
CA SER C 912 19.77 -4.41 9.23
C SER C 912 19.08 -3.68 8.08
N ASP C 913 19.55 -3.81 6.84
CA ASP C 913 18.94 -3.17 5.69
C ASP C 913 18.22 -4.16 4.78
N HIS C 914 18.12 -5.43 5.17
CA HIS C 914 17.48 -6.45 4.34
C HIS C 914 16.61 -7.35 5.20
N LYS C 915 15.85 -6.75 6.11
CA LYS C 915 15.04 -7.54 7.03
C LYS C 915 13.85 -8.21 6.34
N SER C 916 13.45 -7.72 5.16
CA SER C 916 12.34 -8.34 4.45
C SER C 916 12.69 -9.73 3.91
N GLY C 917 13.97 -10.07 3.85
CA GLY C 917 14.39 -11.35 3.31
C GLY C 917 14.93 -12.31 4.35
N PHE C 918 14.66 -12.03 5.63
CA PHE C 918 15.22 -12.85 6.70
C PHE C 918 14.92 -14.33 6.51
N SER C 919 13.66 -14.67 6.21
CA SER C 919 13.26 -16.07 6.12
C SER C 919 14.08 -16.81 5.06
N LYS C 920 14.20 -16.23 3.87
CA LYS C 920 14.91 -16.92 2.80
C LYS C 920 16.41 -16.89 2.99
N GLN C 921 16.95 -15.83 3.60
CA GLN C 921 18.36 -15.84 3.99
C GLN C 921 18.63 -16.95 5.00
N ALA C 922 17.75 -17.11 5.99
CA ALA C 922 17.91 -18.16 6.98
C ALA C 922 17.89 -19.53 6.32
N LEU C 923 16.97 -19.74 5.38
CA LEU C 923 16.89 -21.03 4.69
C LEU C 923 18.16 -21.30 3.90
N LEU C 924 18.64 -20.30 3.16
CA LEU C 924 19.87 -20.47 2.40
C LEU C 924 21.04 -20.77 3.33
N LEU C 925 21.12 -20.06 4.46
CA LEU C 925 22.23 -20.29 5.38
C LEU C 925 22.14 -21.69 6.00
N MET C 926 20.93 -22.14 6.34
CA MET C 926 20.78 -23.46 6.93
C MET C 926 21.16 -24.55 5.93
N LYS C 927 20.83 -24.36 4.66
CA LYS C 927 21.21 -25.32 3.63
C LYS C 927 22.73 -25.36 3.48
N LEU C 928 23.38 -24.20 3.49
CA LEU C 928 24.84 -24.15 3.36
C LEU C 928 25.53 -24.82 4.55
N ILE C 929 25.07 -24.52 5.77
CA ILE C 929 25.69 -25.11 6.95
C ILE C 929 25.44 -26.60 7.00
N SER C 930 24.29 -27.07 6.52
CA SER C 930 23.98 -28.49 6.64
C SER C 930 24.78 -29.34 5.65
N LEU C 931 25.21 -28.75 4.52
CA LEU C 931 26.07 -29.48 3.60
C LEU C 931 27.33 -29.97 4.29
N VAL C 932 27.95 -29.11 5.10
CA VAL C 932 29.21 -29.47 5.76
C VAL C 932 28.97 -30.46 6.89
N TYR C 933 27.85 -30.34 7.60
CA TYR C 933 27.57 -31.21 8.74
C TYR C 933 26.87 -32.50 8.34
N ASP C 934 26.51 -32.66 7.07
CA ASP C 934 26.12 -33.96 6.54
C ASP C 934 27.21 -34.56 5.65
N ASN C 935 28.38 -33.93 5.61
CA ASN C 935 29.51 -34.40 4.80
C ASN C 935 29.08 -34.59 3.34
N LYS C 936 28.37 -33.60 2.81
CA LYS C 936 27.98 -33.60 1.40
C LYS C 936 28.98 -32.84 0.53
N ILE C 937 30.07 -32.33 1.11
CA ILE C 937 31.16 -31.71 0.37
C ILE C 937 32.37 -32.62 0.49
N SER C 938 32.84 -33.13 -0.66
CA SER C 938 33.80 -34.23 -0.65
C SER C 938 35.23 -33.76 -0.48
N VAL C 939 35.54 -32.53 -0.87
CA VAL C 939 36.91 -32.02 -0.81
C VAL C 939 37.04 -31.07 0.36
N PRO C 940 38.25 -30.86 0.89
CA PRO C 940 38.43 -29.86 1.95
C PRO C 940 38.17 -28.45 1.44
N LEU C 941 37.49 -27.66 2.26
CA LEU C 941 37.20 -26.27 1.92
C LEU C 941 38.34 -25.33 2.24
N TYR C 942 39.40 -25.82 2.87
CA TYR C 942 40.57 -25.03 3.20
C TYR C 942 41.71 -25.36 2.24
N GLN C 943 42.73 -24.51 2.25
CA GLN C 943 43.92 -24.74 1.44
C GLN C 943 44.90 -25.62 2.21
N GLU C 944 45.64 -26.44 1.46
CA GLU C 944 46.63 -27.35 2.01
C GLU C 944 47.43 -26.72 3.14
N ALA C 945 47.72 -25.43 3.02
CA ALA C 945 48.64 -24.77 3.95
C ALA C 945 47.98 -24.47 5.29
N GLU C 946 46.81 -23.84 5.27
CA GLU C 946 46.30 -23.13 6.45
C GLU C 946 45.75 -24.05 7.53
N VAL C 947 45.70 -25.36 7.33
CA VAL C 947 45.10 -26.26 8.32
C VAL C 947 45.81 -27.62 8.30
N PRO C 948 45.96 -28.29 9.44
CA PRO C 948 46.59 -29.61 9.44
C PRO C 948 45.86 -30.59 8.54
N GLN C 949 46.62 -31.60 8.08
CA GLN C 949 46.06 -32.65 7.25
C GLN C 949 44.99 -33.42 8.00
N GLY C 950 43.82 -33.59 7.38
CA GLY C 950 42.76 -34.40 7.94
C GLY C 950 41.70 -33.66 8.72
N THR C 951 41.82 -32.33 8.85
CA THR C 951 40.81 -31.56 9.58
C THR C 951 39.46 -31.67 8.89
N SER C 952 38.42 -31.93 9.66
CA SER C 952 37.07 -31.99 9.11
C SER C 952 36.63 -30.61 8.65
N ASN C 953 35.81 -30.59 7.58
CA ASN C 953 35.26 -29.33 7.12
C ASN C 953 34.39 -28.68 8.19
N GLN C 954 33.83 -29.48 9.10
CA GLN C 954 33.06 -28.91 10.21
C GLN C 954 33.94 -28.03 11.08
N VAL C 955 35.09 -28.54 11.51
CA VAL C 955 36.01 -27.76 12.33
C VAL C 955 36.42 -26.49 11.61
N TYR C 956 36.73 -26.60 10.33
CA TYR C 956 37.19 -25.41 9.59
C TYR C 956 36.05 -24.41 9.39
N LEU C 957 34.83 -24.90 9.15
CA LEU C 957 33.69 -24.00 9.00
C LEU C 957 33.49 -23.17 10.27
N SER C 958 33.45 -23.83 11.44
CA SER C 958 33.31 -23.10 12.68
C SER C 958 34.49 -22.17 12.92
N GLN C 959 35.66 -22.53 12.41
CA GLN C 959 36.83 -21.67 12.55
C GLN C 959 36.72 -20.44 11.66
N TYR C 960 36.36 -20.65 10.39
CA TYR C 960 36.14 -19.55 9.46
C TYR C 960 35.09 -18.59 10.01
N LEU C 961 33.94 -19.12 10.42
CA LEU C 961 32.85 -18.26 10.88
C LEU C 961 33.23 -17.53 12.17
N ALA C 962 33.95 -18.21 13.07
CA ALA C 962 34.37 -17.56 14.30
C ALA C 962 35.26 -16.36 14.00
N ASN C 963 36.18 -16.50 13.05
CA ASN C 963 37.04 -15.38 12.68
C ASN C 963 36.25 -14.32 11.92
N MET C 964 35.33 -14.74 11.04
CA MET C 964 34.54 -13.78 10.28
C MET C 964 33.72 -12.89 11.20
N LEU C 965 33.02 -13.48 12.16
CA LEU C 965 32.16 -12.70 13.05
C LEU C 965 32.98 -11.88 14.03
N SER C 966 34.17 -12.37 14.41
CA SER C 966 35.02 -11.60 15.32
C SER C 966 35.46 -10.28 14.69
N ASN C 967 35.80 -10.29 13.41
CA ASN C 967 36.24 -9.07 12.74
C ASN C 967 35.07 -8.20 12.32
N ALA C 968 33.92 -8.81 12.02
CA ALA C 968 32.75 -8.03 11.62
C ALA C 968 32.04 -7.42 12.81
N PHE C 969 32.09 -8.08 13.97
CA PHE C 969 31.44 -7.61 15.19
C PHE C 969 32.45 -7.71 16.32
N PRO C 970 33.45 -6.82 16.32
CA PRO C 970 34.56 -6.96 17.29
C PRO C 970 34.16 -6.71 18.73
N HIS C 971 32.97 -6.18 18.98
CA HIS C 971 32.51 -5.95 20.35
C HIS C 971 31.91 -7.18 21.00
N LEU C 972 31.80 -8.29 20.27
CA LEU C 972 31.35 -9.55 20.84
C LEU C 972 32.51 -10.27 21.50
N THR C 973 32.21 -11.00 22.57
CA THR C 973 33.21 -11.85 23.20
C THR C 973 33.39 -13.13 22.40
N SER C 974 34.59 -13.71 22.47
CA SER C 974 34.83 -14.98 21.83
C SER C 974 33.82 -16.03 22.29
N GLU C 975 33.40 -15.94 23.55
CA GLU C 975 32.45 -16.91 24.10
C GLU C 975 31.09 -16.78 23.42
N GLN C 976 30.62 -15.54 23.20
CA GLN C 976 29.37 -15.33 22.50
C GLN C 976 29.40 -15.98 21.12
N ILE C 977 30.39 -15.59 20.30
CA ILE C 977 30.52 -16.15 18.96
C ILE C 977 30.53 -17.67 19.01
N ALA C 978 31.32 -18.24 19.92
CA ALA C 978 31.44 -19.70 19.99
C ALA C 978 30.11 -20.35 20.34
N SER C 979 29.39 -19.77 21.30
CA SER C 979 28.10 -20.35 21.70
C SER C 979 27.06 -20.18 20.61
N PHE C 980 27.06 -19.03 19.94
CA PHE C 980 26.13 -18.80 18.84
C PHE C 980 26.33 -19.83 17.72
N LEU C 981 27.58 -20.01 17.30
CA LEU C 981 27.85 -20.96 16.21
C LEU C 981 27.56 -22.39 16.64
N SER C 982 27.88 -22.74 17.89
CA SER C 982 27.59 -24.10 18.37
C SER C 982 26.09 -24.39 18.29
N ALA C 983 25.26 -23.44 18.73
CA ALA C 983 23.82 -23.63 18.63
C ALA C 983 23.36 -23.61 17.19
N LEU C 984 23.93 -22.73 16.37
CA LEU C 984 23.47 -22.58 14.99
C LEU C 984 23.72 -23.85 14.19
N THR C 985 24.91 -24.42 14.31
CA THR C 985 25.23 -25.63 13.54
C THR C 985 24.48 -26.84 14.08
N LYS C 986 24.27 -26.90 15.40
CA LYS C 986 23.52 -28.00 15.98
C LYS C 986 22.07 -28.00 15.53
N GLN C 987 21.53 -26.83 15.18
CA GLN C 987 20.11 -26.68 14.85
C GLN C 987 19.86 -26.55 13.36
N CYS C 988 20.82 -26.95 12.52
CA CYS C 988 20.71 -26.74 11.08
C CYS C 988 19.76 -27.73 10.40
N LYS C 989 19.01 -28.52 11.16
CA LYS C 989 17.94 -29.35 10.62
C LYS C 989 16.57 -28.89 11.11
N ASP C 990 16.50 -27.75 11.77
CA ASP C 990 15.26 -27.28 12.41
C ASP C 990 15.14 -25.78 12.11
N LEU C 991 14.38 -25.45 11.07
CA LEU C 991 14.38 -24.09 10.55
C LEU C 991 13.83 -23.07 11.55
N VAL C 992 12.78 -23.45 12.29
CA VAL C 992 12.18 -22.52 13.24
C VAL C 992 13.16 -22.21 14.36
N VAL C 993 13.85 -23.23 14.88
CA VAL C 993 14.82 -23.01 15.95
C VAL C 993 16.04 -22.28 15.41
N PHE C 994 16.53 -22.72 14.25
CA PHE C 994 17.58 -22.00 13.54
C PHE C 994 17.27 -20.50 13.46
N LYS C 995 16.08 -20.16 12.99
CA LYS C 995 15.70 -18.76 12.84
C LYS C 995 15.68 -18.05 14.19
N GLY C 996 15.20 -18.72 15.23
CA GLY C 996 15.18 -18.10 16.55
C GLY C 996 16.57 -17.79 17.05
N THR C 997 17.54 -18.65 16.73
CA THR C 997 18.92 -18.41 17.14
C THR C 997 19.52 -17.25 16.36
N LEU C 998 19.19 -17.13 15.07
CA LEU C 998 19.65 -15.98 14.29
C LEU C 998 19.08 -14.69 14.85
N ARG C 999 17.79 -14.68 15.18
N ARG C 999 17.79 -14.68 15.22
CA ARG C 999 17.17 -13.50 15.80
CA ARG C 999 17.21 -13.46 15.78
C ARG C 999 17.88 -13.15 17.10
C ARG C 999 17.77 -13.13 17.16
N ASP C 1000 18.16 -14.16 17.93
CA ASP C 1000 18.87 -13.90 19.18
C ASP C 1000 20.21 -13.25 18.91
N PHE C 1001 20.91 -13.69 17.86
CA PHE C 1001 22.17 -13.09 17.49
C PHE C 1001 21.98 -11.64 17.03
N LEU C 1002 20.89 -11.37 16.30
CA LEU C 1002 20.64 -10.01 15.84
C LEU C 1002 20.37 -9.06 17.00
N VAL C 1003 19.80 -9.56 18.10
CA VAL C 1003 19.64 -8.73 19.29
C VAL C 1003 20.98 -8.48 19.95
N GLN C 1004 21.80 -9.53 20.09
CA GLN C 1004 23.04 -9.40 20.86
C GLN C 1004 24.03 -8.47 20.19
N ILE C 1005 24.05 -8.41 18.85
CA ILE C 1005 25.00 -7.53 18.17
C ILE C 1005 24.62 -6.06 18.29
N LYS C 1006 23.43 -5.75 18.78
CA LYS C 1006 23.03 -4.36 18.99
C LYS C 1006 23.50 -3.81 20.34
N GLU C 1007 24.01 -4.65 21.23
CA GLU C 1007 24.43 -4.22 22.56
C GLU C 1007 25.79 -4.82 22.88
N VAL C 1008 26.28 -4.48 24.07
CA VAL C 1008 27.53 -5.04 24.60
C VAL C 1008 27.19 -5.93 25.78
N GLY C 1009 27.88 -7.06 25.88
CA GLY C 1009 27.76 -7.92 27.03
C GLY C 1009 26.67 -8.97 26.97
N GLY C 1010 26.20 -9.32 25.77
CA GLY C 1010 25.18 -10.34 25.63
C GLY C 1010 25.56 -11.64 26.33
N ASP C 1011 24.58 -12.28 26.95
CA ASP C 1011 24.83 -13.51 27.70
C ASP C 1011 25.00 -14.68 26.73
N PRO C 1012 26.16 -15.34 26.69
CA PRO C 1012 26.33 -16.45 25.74
C PRO C 1012 25.44 -17.65 26.01
N THR C 1013 24.95 -17.82 27.23
CA THR C 1013 24.05 -18.94 27.52
C THR C 1013 22.68 -18.76 26.89
N ASP C 1014 22.36 -17.56 26.39
CA ASP C 1014 21.07 -17.36 25.71
C ASP C 1014 20.92 -18.30 24.53
N TYR C 1015 22.02 -18.73 23.93
CA TYR C 1015 21.97 -19.60 22.76
C TYR C 1015 21.69 -21.06 23.12
N LEU C 1016 21.49 -21.36 24.41
CA LEU C 1016 21.05 -22.68 24.85
C LEU C 1016 19.55 -22.73 25.09
N PHE C 1017 18.80 -21.72 24.63
CA PHE C 1017 17.38 -21.65 24.93
C PHE C 1017 16.63 -22.87 24.40
N ALA C 1018 16.91 -23.26 23.16
CA ALA C 1018 16.22 -24.41 22.58
C ALA C 1018 16.43 -25.65 23.42
N GLU C 1019 17.67 -25.90 23.85
CA GLU C 1019 17.98 -27.04 24.71
C GLU C 1019 17.09 -27.08 25.94
N VAL D 6 -40.61 -16.74 -22.13
CA VAL D 6 -40.31 -15.47 -21.47
C VAL D 6 -41.54 -14.55 -21.59
N PRO D 7 -41.81 -13.75 -20.56
CA PRO D 7 -42.88 -12.77 -20.66
C PRO D 7 -42.75 -11.92 -21.91
N LYS D 8 -43.84 -11.83 -22.67
CA LYS D 8 -43.80 -11.22 -24.00
C LYS D 8 -43.81 -9.69 -23.96
N GLU D 9 -44.17 -9.08 -22.83
CA GLU D 9 -44.14 -7.62 -22.76
C GLU D 9 -42.72 -7.10 -22.57
N LEU D 10 -41.84 -7.88 -21.96
CA LEU D 10 -40.45 -7.46 -21.82
C LEU D 10 -39.83 -7.17 -23.18
N MET D 11 -39.97 -8.10 -24.12
CA MET D 11 -39.47 -7.93 -25.48
C MET D 11 -39.81 -6.56 -26.03
N GLN D 12 -41.10 -6.21 -26.02
CA GLN D 12 -41.54 -4.92 -26.54
C GLN D 12 -40.75 -3.78 -25.93
N GLN D 13 -40.47 -3.84 -24.63
CA GLN D 13 -39.76 -2.76 -23.97
C GLN D 13 -38.26 -2.82 -24.20
N ILE D 14 -37.68 -4.03 -24.32
CA ILE D 14 -36.24 -4.13 -24.49
C ILE D 14 -35.85 -3.93 -25.95
N GLU D 15 -36.71 -4.28 -26.89
CA GLU D 15 -36.40 -4.04 -28.30
C GLU D 15 -36.31 -2.55 -28.60
N ASN D 16 -37.04 -1.73 -27.85
CA ASN D 16 -36.90 -0.29 -27.91
C ASN D 16 -35.68 0.22 -27.16
N PHE D 17 -34.96 -0.68 -26.46
CA PHE D 17 -33.82 -0.26 -25.66
C PHE D 17 -32.70 0.28 -26.54
N GLU D 18 -32.45 -0.36 -27.69
CA GLU D 18 -31.39 0.08 -28.58
C GLU D 18 -31.62 1.52 -29.04
N LYS D 19 -32.88 1.88 -29.32
CA LYS D 19 -33.23 3.21 -29.79
C LYS D 19 -33.36 4.23 -28.65
N ILE D 20 -32.76 3.95 -27.49
CA ILE D 20 -32.84 4.90 -26.38
C ILE D 20 -32.03 6.15 -26.69
N PHE D 21 -30.96 6.02 -27.47
CA PHE D 21 -30.10 7.14 -27.80
C PHE D 21 -30.35 7.70 -29.20
N THR D 22 -30.99 6.93 -30.07
CA THR D 22 -31.28 7.34 -31.45
C THR D 22 -31.42 8.85 -31.63
#